data_4YTN
#
_entry.id   4YTN
#
_cell.length_a   123.614
_cell.length_b   125.483
_cell.length_c   219.670
_cell.angle_alpha   90.00
_cell.angle_beta   90.00
_cell.angle_gamma   90.00
#
_symmetry.space_group_name_H-M   'P 21 21 21'
#
loop_
_entity.id
_entity.type
_entity.pdbx_description
1 polymer 'Succinate dehydrogenase flavoprotein'
2 polymer 'Succinate dehydrogenase [ubiquinone] iron-sulfur subunit, mitochondrial'
3 polymer 'Cytochrome b-large subunit'
4 polymer 'Succinate dehydrogenase [ubiquinone] cytochrome b small subunit, mitochondrial'
5 non-polymer 'MALONATE ION'
6 non-polymer 'FLAVIN-ADENINE DINUCLEOTIDE'
7 non-polymer 'FE2/S2 (INORGANIC) CLUSTER'
8 non-polymer 'IRON/SULFUR CLUSTER'
9 non-polymer 'FE3-S4 CLUSTER'
10 non-polymer 'PROTOPORPHYRIN IX CONTAINING FE'
11 non-polymer N-[3-(pentafluorophenoxy)phenyl]-2-(trifluoromethyl)benzamide
12 water water
#
loop_
_entity_poly.entity_id
_entity_poly.type
_entity_poly.pdbx_seq_one_letter_code
_entity_poly.pdbx_strand_id
1 'polypeptide(L)'
;MLRAVRALICRIGARRTLSVSSSRLDVSTSNIAQYKVIDHAYDVVIIGAGGAGLRAAMGLGEAGFKTAVVTKMFPTRSHT
TAAQGGINAALGSMNPDDWKWHFYDTVKGSDWLGDQNAMHYLTRNAVEAVTELENFGMPFSRTPEGKIYQRSFGGQSNNY
GKGGVAKRTCCVADRTGHSMLHTLYGNSLRCHCTFFIEYFALDLLMDKGRCVGVIALCLEDGTIHRFRSKRTIVATGGYG
RAYFSCTTAHMNTGDGTALATRAGIALEDLEFIQFHPTGIYGVGCLITEGSRGEGGFLVNSEGERFMERYAPKAKDLASR
DVVSRAETIEIMEGRGVGPEKDHIYLQLHHLPAEQLHQRLPGISETAKIFAGVDVTKEPIPVIPTVHYNMGGIPTNYKAQ
VIKYTKEGGDKIVPGLYACGECACHSVHGANRLGANSLLDAVVFGRACSINIKEELKPDEKIPELPEGAGEESIANLDAV
RYANGDVPTAELRLTMQKTMQKHAGVFRRGDILAEGVKKMMDLFKELKRLKTTDRSLIWNSDLTESLELQNLMLNATQTI
VAAENRKESRGAHARDDFPKREDEYDYSKPIEGQTKRPFEKHWRKHTLTKQDPRTGHITLDYRPVIDKTLDPAEVDWIPP
IIRSY
;
A,E
2 'polypeptide(L)'
;MLRGSTSVCRSLELVTQAARYASAATAAAPTGKRIKTFEIYRFNPEEPGAKPKLQKFDVDLDKCGTMVLDALIKIKNEVD
PTLTFRRSCREGICGSCAMNIAGENTLACICNIDQNTSKTTKIYPLPHMFVIKDLVPDMNLFYAQYASIQPWLQKKTKIN
LGEKQQYQSIKEQEKLDGLYECILCACCSASCPSYWWNADKYLGPAVLMQAYRWIIDSRDDSAAERLARMQDGFSAFKCH
TIMNCTKTCPKHLNPARAIGEIKMLLTKMKTKPAPLPTPANF
;
B,F
3 'polypeptide(L)'
;MSLLPYNATLCRVLRHNVKFIRSVQTSAARVSAEKTPIQVWGWDYLMRQRALKRPIAPHLTIYKPQMTWMVSGLHRVTGC
AMAGTLLIGGVGFSVLPLDFTTFVEFIRGLGIPWVILDTFKFIIAFPIAFHTLNGIRFIGFDMAKGTDIPSIYRGAYLVL
GLAALISLAVVVYPRWERHKKATLPTNH
;
C,G
4 'polypeptide(L)'
;MLSAVRRAIPLSARILRTSLIQRCAGATSAAVTGAAPPQFDPIAAEKGFKPLHSHGTLFKIERYFAAAMVPLIPAAYFIH
GREMDLCLALALTLHVHWGVWGVVNDYGRPFVLGDTLAAAVRVGAYIFTACLLAGLLYFNEHDVGLTRAFEMVWEL
;
D,H
#
# COMPACT_ATOMS: atom_id res chain seq x y z
N SER A 30 16.85 24.43 -31.58
CA SER A 30 15.53 24.84 -31.03
C SER A 30 15.09 26.23 -31.54
N ASN A 31 15.65 26.67 -32.67
CA ASN A 31 15.60 28.08 -33.09
C ASN A 31 14.43 28.46 -34.02
N ILE A 32 14.32 27.76 -35.15
CA ILE A 32 13.40 28.17 -36.24
C ILE A 32 11.90 28.17 -35.85
N ALA A 33 11.58 27.74 -34.62
CA ALA A 33 10.20 27.87 -34.12
C ALA A 33 10.14 27.86 -32.58
N GLN A 34 8.93 28.10 -32.05
CA GLN A 34 8.70 28.20 -30.61
C GLN A 34 7.85 27.02 -30.11
N TYR A 35 8.09 26.60 -28.85
CA TYR A 35 7.46 25.40 -28.28
C TYR A 35 6.96 25.64 -26.87
N LYS A 36 5.72 25.22 -26.60
CA LYS A 36 5.15 25.33 -25.26
C LYS A 36 5.67 24.16 -24.45
N VAL A 37 6.11 24.40 -23.21
CA VAL A 37 6.70 23.35 -22.39
C VAL A 37 5.96 23.23 -21.07
N ILE A 38 5.66 22.00 -20.69
CA ILE A 38 4.83 21.75 -19.53
C ILE A 38 5.53 20.79 -18.58
N ASP A 39 5.59 21.15 -17.31
CA ASP A 39 6.31 20.37 -16.33
C ASP A 39 5.34 19.62 -15.46
N HIS A 40 5.72 18.40 -15.13
CA HIS A 40 4.95 17.50 -14.31
C HIS A 40 5.87 16.91 -13.28
N ALA A 41 5.33 16.56 -12.12
CA ALA A 41 6.11 15.93 -11.06
C ALA A 41 5.46 14.61 -10.67
N TYR A 42 6.10 13.50 -11.02
CA TYR A 42 5.57 12.17 -10.68
C TYR A 42 6.56 11.32 -9.88
N ASP A 43 6.01 10.36 -9.12
CA ASP A 43 6.85 9.40 -8.40
C ASP A 43 7.60 8.52 -9.37
N VAL A 44 6.88 8.08 -10.40
CA VAL A 44 7.47 7.19 -11.40
C VAL A 44 6.74 7.34 -12.73
N VAL A 45 7.50 7.58 -13.80
CA VAL A 45 6.96 7.64 -15.15
C VAL A 45 7.22 6.34 -15.89
N ILE A 46 6.17 5.74 -16.45
CA ILE A 46 6.31 4.52 -17.22
C ILE A 46 6.19 4.86 -18.68
N ILE A 47 7.19 4.48 -19.48
CA ILE A 47 7.10 4.69 -20.92
C ILE A 47 6.64 3.41 -21.63
N GLY A 48 5.33 3.30 -21.81
CA GLY A 48 4.72 2.19 -22.50
C GLY A 48 3.53 1.64 -21.77
N ALA A 49 2.53 1.19 -22.51
CA ALA A 49 1.33 0.56 -21.95
C ALA A 49 0.98 -0.71 -22.70
N GLY A 50 2.01 -1.53 -22.98
CA GLY A 50 1.79 -2.90 -23.40
C GLY A 50 1.55 -3.77 -22.17
N GLY A 51 1.57 -5.07 -22.34
CA GLY A 51 1.43 -5.98 -21.21
C GLY A 51 2.30 -5.55 -20.03
N ALA A 52 3.54 -5.19 -20.32
CA ALA A 52 4.50 -4.88 -19.27
C ALA A 52 4.19 -3.56 -18.57
N GLY A 53 4.12 -2.48 -19.34
CA GLY A 53 3.90 -1.16 -18.79
C GLY A 53 2.67 -1.07 -17.91
N LEU A 54 1.59 -1.72 -18.32
CA LEU A 54 0.36 -1.68 -17.54
C LEU A 54 0.52 -2.52 -16.28
N ARG A 55 1.24 -3.62 -16.37
CA ARG A 55 1.45 -4.43 -15.18
C ARG A 55 2.22 -3.66 -14.13
N ALA A 56 3.25 -2.96 -14.56
CA ALA A 56 4.04 -2.11 -13.66
C ALA A 56 3.14 -1.04 -13.06
N ALA A 57 2.27 -0.49 -13.91
CA ALA A 57 1.40 0.61 -13.51
C ALA A 57 0.45 0.16 -12.42
N MET A 58 -0.13 -1.02 -12.59
CA MET A 58 -1.02 -1.61 -11.60
C MET A 58 -0.29 -1.77 -10.27
N GLY A 59 0.92 -2.31 -10.31
CA GLY A 59 1.71 -2.51 -9.10
C GLY A 59 2.00 -1.22 -8.36
N LEU A 60 2.36 -0.19 -9.10
CA LEU A 60 2.73 1.08 -8.51
C LEU A 60 1.53 1.81 -7.89
N GLY A 61 0.45 1.92 -8.66
CA GLY A 61 -0.77 2.57 -8.20
C GLY A 61 -1.39 1.87 -7.02
N GLU A 62 -1.36 0.53 -7.04
CA GLU A 62 -1.77 -0.27 -5.88
C GLU A 62 -0.97 0.15 -4.66
N ALA A 63 0.35 0.23 -4.82
CA ALA A 63 1.26 0.52 -3.71
C ALA A 63 1.34 2.00 -3.35
N GLY A 64 0.41 2.81 -3.86
CA GLY A 64 0.26 4.20 -3.44
C GLY A 64 0.90 5.31 -4.27
N PHE A 65 1.71 4.95 -5.27
CA PHE A 65 2.54 5.94 -6.00
C PHE A 65 1.77 6.82 -6.98
N LYS A 66 2.25 8.05 -7.12
CA LYS A 66 1.73 8.96 -8.14
C LYS A 66 2.40 8.57 -9.46
N THR A 67 1.78 7.63 -10.18
CA THR A 67 2.35 7.03 -11.39
C THR A 67 1.77 7.65 -12.64
N ALA A 68 2.63 8.07 -13.56
CA ALA A 68 2.18 8.53 -14.88
C ALA A 68 2.48 7.44 -15.91
N VAL A 69 1.62 7.30 -16.91
CA VAL A 69 1.90 6.38 -18.00
C VAL A 69 1.95 7.10 -19.34
N VAL A 70 3.15 7.25 -19.87
CA VAL A 70 3.32 7.90 -21.17
C VAL A 70 3.36 6.86 -22.29
N THR A 71 2.58 7.11 -23.34
CA THR A 71 2.42 6.15 -24.42
C THR A 71 2.03 6.84 -25.74
N LYS A 72 2.70 6.46 -26.83
CA LYS A 72 2.45 7.11 -28.13
C LYS A 72 1.14 6.67 -28.77
N MET A 73 0.50 5.64 -28.23
CA MET A 73 -0.84 5.20 -28.70
C MET A 73 -1.74 4.73 -27.54
N PHE A 74 -3.05 4.69 -27.77
CA PHE A 74 -3.98 4.21 -26.74
C PHE A 74 -3.56 2.80 -26.31
N PRO A 75 -3.48 2.52 -24.99
CA PRO A 75 -2.83 1.31 -24.50
C PRO A 75 -3.28 0.01 -25.15
N THR A 76 -4.56 -0.08 -25.46
CA THR A 76 -5.13 -1.24 -26.12
C THR A 76 -4.52 -1.52 -27.52
N ARG A 77 -4.09 -0.47 -28.21
CA ARG A 77 -3.52 -0.62 -29.55
C ARG A 77 -2.14 -1.28 -29.53
N SER A 78 -1.48 -1.23 -28.36
CA SER A 78 -0.15 -1.80 -28.22
C SER A 78 -0.06 -3.21 -28.77
N HIS A 79 1.17 -3.63 -29.06
CA HIS A 79 1.39 -4.85 -29.80
C HIS A 79 1.03 -6.14 -29.02
N THR A 80 1.11 -6.07 -27.69
CA THR A 80 0.63 -7.14 -26.81
C THR A 80 -0.73 -7.62 -27.25
N THR A 81 -1.60 -6.69 -27.64
CA THR A 81 -2.94 -7.01 -28.10
C THR A 81 -2.96 -7.93 -29.33
N ALA A 82 -1.86 -7.93 -30.09
CA ALA A 82 -1.76 -8.71 -31.32
C ALA A 82 -1.23 -10.12 -31.08
N ALA A 83 -0.77 -10.38 -29.85
CA ALA A 83 -0.31 -11.72 -29.45
C ALA A 83 -1.43 -12.74 -29.46
N GLN A 84 -1.06 -13.99 -29.76
CA GLN A 84 -2.03 -15.04 -30.11
C GLN A 84 -1.95 -16.32 -29.27
N GLY A 85 -0.78 -16.96 -29.32
CA GLY A 85 -0.64 -18.34 -28.89
C GLY A 85 -0.93 -18.66 -27.44
N GLY A 86 -0.30 -17.94 -26.52
CA GLY A 86 -0.53 -18.15 -25.11
C GLY A 86 0.54 -17.55 -24.22
N ILE A 87 0.44 -17.88 -22.94
CA ILE A 87 1.38 -17.44 -21.92
C ILE A 87 1.69 -18.67 -21.06
N ASN A 88 2.98 -18.90 -20.79
CA ASN A 88 3.41 -20.18 -20.21
C ASN A 88 3.35 -20.18 -18.70
N ALA A 89 2.70 -21.19 -18.14
CA ALA A 89 2.84 -21.45 -16.71
C ALA A 89 2.53 -22.91 -16.42
N ALA A 90 3.30 -23.49 -15.50
CA ALA A 90 3.08 -24.86 -15.08
C ALA A 90 1.93 -24.90 -14.05
N LEU A 91 0.70 -24.80 -14.56
CA LEU A 91 -0.50 -24.92 -13.75
C LEU A 91 -0.90 -26.39 -13.62
N GLY A 92 -0.38 -27.21 -14.53
CA GLY A 92 -0.74 -28.62 -14.59
C GLY A 92 -2.23 -28.86 -14.71
N SER A 93 -2.92 -28.05 -15.50
CA SER A 93 -4.34 -28.24 -15.74
C SER A 93 -4.63 -29.41 -16.69
N MET A 94 -3.68 -29.72 -17.57
CA MET A 94 -3.85 -30.78 -18.57
C MET A 94 -3.16 -32.08 -18.19
N ASN A 95 -2.06 -31.95 -17.44
CA ASN A 95 -1.26 -33.08 -16.93
C ASN A 95 -0.27 -32.52 -15.92
N PRO A 96 0.26 -33.35 -15.00
CA PRO A 96 1.10 -32.76 -13.94
C PRO A 96 2.39 -32.14 -14.46
N ASP A 97 2.84 -31.07 -13.79
CA ASP A 97 3.98 -30.29 -14.29
C ASP A 97 4.77 -29.72 -13.12
N ASP A 98 5.97 -29.24 -13.43
CA ASP A 98 6.84 -28.58 -12.47
C ASP A 98 7.36 -27.29 -13.11
N TRP A 99 7.43 -26.20 -12.35
CA TRP A 99 8.01 -24.97 -12.87
C TRP A 99 9.51 -25.14 -13.20
N LYS A 100 10.17 -26.07 -12.51
CA LYS A 100 11.59 -26.37 -12.79
C LYS A 100 11.77 -27.00 -14.16
N TRP A 101 10.73 -27.62 -14.70
CA TRP A 101 10.78 -28.16 -16.06
C TRP A 101 10.73 -26.99 -17.03
N HIS A 102 9.96 -25.97 -16.67
CA HIS A 102 9.82 -24.75 -17.46
C HIS A 102 11.12 -23.95 -17.38
N PHE A 103 11.71 -23.90 -16.19
CA PHE A 103 13.02 -23.29 -16.04
C PHE A 103 14.01 -23.94 -17.03
N TYR A 104 14.07 -25.27 -17.05
CA TYR A 104 14.98 -25.99 -17.96
C TYR A 104 14.79 -25.54 -19.42
N ASP A 105 13.57 -25.73 -19.92
CA ASP A 105 13.23 -25.44 -21.31
C ASP A 105 13.53 -23.99 -21.69
N THR A 106 13.29 -23.08 -20.75
CA THR A 106 13.64 -21.68 -20.93
C THR A 106 15.15 -21.56 -21.15
N VAL A 107 15.94 -22.21 -20.31
CA VAL A 107 17.39 -22.05 -20.37
C VAL A 107 17.94 -22.72 -21.61
N LYS A 108 17.55 -23.97 -21.85
CA LYS A 108 18.00 -24.66 -23.07
C LYS A 108 17.69 -23.83 -24.31
N GLY A 109 16.46 -23.34 -24.39
CA GLY A 109 16.02 -22.52 -25.51
C GLY A 109 16.90 -21.30 -25.70
N SER A 110 17.43 -20.76 -24.60
CA SER A 110 18.30 -19.59 -24.68
C SER A 110 19.66 -19.89 -25.30
N ASP A 111 19.93 -21.18 -25.54
CA ASP A 111 21.22 -21.65 -26.02
C ASP A 111 22.37 -21.21 -25.10
N TRP A 112 22.06 -21.19 -23.80
CA TRP A 112 22.98 -20.78 -22.73
C TRP A 112 23.64 -19.41 -22.83
N LEU A 113 23.05 -18.51 -23.61
CA LEU A 113 23.38 -17.08 -23.56
C LEU A 113 22.53 -16.41 -22.48
N GLY A 114 21.45 -17.06 -22.07
CA GLY A 114 20.52 -16.47 -21.09
C GLY A 114 21.08 -16.41 -19.69
N ASP A 115 20.55 -15.50 -18.88
CA ASP A 115 20.99 -15.31 -17.51
C ASP A 115 20.09 -16.11 -16.59
N GLN A 116 20.65 -17.16 -16.00
CA GLN A 116 19.85 -18.16 -15.32
C GLN A 116 19.17 -17.61 -14.07
N ASN A 117 19.75 -16.60 -13.44
CA ASN A 117 19.07 -15.91 -12.34
C ASN A 117 17.78 -15.19 -12.79
N ALA A 118 17.78 -14.62 -13.99
CA ALA A 118 16.59 -13.98 -14.54
C ALA A 118 15.59 -15.03 -15.03
N MET A 119 16.07 -16.10 -15.64
CA MET A 119 15.18 -17.20 -16.05
C MET A 119 14.55 -17.91 -14.85
N HIS A 120 15.30 -17.95 -13.74
CA HIS A 120 14.81 -18.51 -12.48
C HIS A 120 13.64 -17.64 -12.03
N TYR A 121 13.91 -16.36 -11.79
CA TYR A 121 12.86 -15.44 -11.33
C TYR A 121 11.60 -15.57 -12.16
N LEU A 122 11.75 -15.60 -13.48
CA LEU A 122 10.63 -15.69 -14.41
C LEU A 122 9.76 -16.91 -14.14
N THR A 123 10.35 -18.10 -14.21
CA THR A 123 9.60 -19.36 -14.22
C THR A 123 9.03 -19.72 -12.84
N ARG A 124 9.77 -19.41 -11.78
CA ARG A 124 9.26 -19.53 -10.41
C ARG A 124 7.96 -18.73 -10.25
N ASN A 125 7.97 -17.50 -10.76
CA ASN A 125 6.83 -16.60 -10.63
C ASN A 125 5.76 -16.75 -11.73
N ALA A 126 5.92 -17.70 -12.64
CA ALA A 126 4.98 -17.85 -13.77
C ALA A 126 3.56 -18.30 -13.38
N VAL A 127 3.47 -19.25 -12.47
CA VAL A 127 2.17 -19.76 -12.01
C VAL A 127 1.40 -18.66 -11.27
N GLU A 128 2.07 -17.92 -10.42
CA GLU A 128 1.41 -16.85 -9.69
C GLU A 128 0.95 -15.78 -10.67
N ALA A 129 1.86 -15.35 -11.54
CA ALA A 129 1.59 -14.24 -12.45
C ALA A 129 0.38 -14.55 -13.33
N VAL A 130 0.36 -15.73 -13.92
CA VAL A 130 -0.73 -16.13 -14.82
C VAL A 130 -2.05 -16.28 -14.07
N THR A 131 -1.98 -16.78 -12.83
CA THR A 131 -3.15 -16.89 -11.98
C THR A 131 -3.67 -15.50 -11.63
N GLU A 132 -2.77 -14.59 -11.28
CA GLU A 132 -3.13 -13.19 -11.07
C GLU A 132 -3.95 -12.67 -12.28
N LEU A 133 -3.49 -12.97 -13.50
CA LEU A 133 -4.19 -12.54 -14.72
C LEU A 133 -5.62 -13.05 -14.75
N GLU A 134 -5.80 -14.35 -14.56
CA GLU A 134 -7.14 -14.94 -14.44
C GLU A 134 -7.91 -14.23 -13.33
N ASN A 135 -7.26 -13.97 -12.20
CA ASN A 135 -7.92 -13.30 -11.09
C ASN A 135 -8.34 -11.86 -11.42
N PHE A 136 -7.63 -11.20 -12.33
CA PHE A 136 -8.02 -9.87 -12.84
C PHE A 136 -9.23 -9.92 -13.79
N GLY A 137 -9.69 -11.12 -14.13
CA GLY A 137 -10.85 -11.28 -14.99
C GLY A 137 -10.54 -11.87 -16.35
N MET A 138 -9.27 -12.21 -16.60
CA MET A 138 -8.88 -12.68 -17.93
C MET A 138 -9.62 -13.97 -18.31
N PRO A 139 -10.46 -13.91 -19.36
CA PRO A 139 -11.37 -14.98 -19.75
C PRO A 139 -10.73 -16.18 -20.44
N PHE A 140 -9.77 -16.83 -19.77
CA PHE A 140 -9.10 -17.99 -20.33
C PHE A 140 -10.06 -19.09 -20.81
N SER A 141 -9.67 -19.76 -21.90
CA SER A 141 -10.31 -21.00 -22.29
C SER A 141 -10.23 -21.95 -21.10
N ARG A 142 -11.27 -22.76 -20.92
CA ARG A 142 -11.35 -23.67 -19.77
C ARG A 142 -11.37 -25.14 -20.19
N THR A 143 -10.94 -26.00 -19.25
CA THR A 143 -11.05 -27.44 -19.38
C THR A 143 -12.34 -27.90 -18.70
N PRO A 144 -12.77 -29.16 -18.96
CA PRO A 144 -13.98 -29.69 -18.31
C PRO A 144 -13.95 -29.75 -16.77
N GLU A 145 -12.78 -29.66 -16.16
CA GLU A 145 -12.68 -29.51 -14.70
C GLU A 145 -12.80 -28.05 -14.25
N GLY A 146 -12.89 -27.14 -15.21
CA GLY A 146 -13.04 -25.70 -14.96
C GLY A 146 -11.74 -24.94 -14.70
N LYS A 147 -10.61 -25.58 -14.97
CA LYS A 147 -9.29 -24.98 -14.79
C LYS A 147 -8.82 -24.36 -16.11
N ILE A 148 -7.64 -23.74 -16.10
CA ILE A 148 -7.14 -23.02 -17.28
C ILE A 148 -6.64 -23.99 -18.33
N TYR A 149 -7.19 -23.89 -19.53
CA TYR A 149 -6.80 -24.76 -20.63
C TYR A 149 -5.38 -24.42 -21.03
N GLN A 150 -4.65 -25.43 -21.47
CA GLN A 150 -3.28 -25.27 -21.91
C GLN A 150 -3.02 -26.07 -23.19
N ARG A 151 -2.23 -25.49 -24.09
CA ARG A 151 -1.86 -26.14 -25.33
C ARG A 151 -0.36 -26.37 -25.35
N SER A 152 0.05 -27.26 -26.24
CA SER A 152 1.46 -27.49 -26.51
C SER A 152 1.99 -26.41 -27.45
N PHE A 153 3.30 -26.21 -27.40
CA PHE A 153 3.97 -25.09 -28.05
C PHE A 153 5.40 -25.51 -28.34
N GLY A 154 6.13 -24.67 -29.07
CA GLY A 154 7.43 -25.06 -29.59
C GLY A 154 8.59 -24.93 -28.62
N GLY A 155 9.29 -26.05 -28.44
CA GLY A 155 10.51 -26.10 -27.62
C GLY A 155 10.30 -26.22 -26.12
N GLN A 156 9.29 -26.96 -25.71
CA GLN A 156 9.07 -27.23 -24.28
C GLN A 156 8.84 -28.72 -24.05
N SER A 157 9.12 -29.16 -22.83
CA SER A 157 9.11 -30.60 -22.51
C SER A 157 8.97 -30.85 -21.02
N ASN A 158 8.32 -31.96 -20.68
CA ASN A 158 8.25 -32.44 -19.31
C ASN A 158 9.52 -33.19 -18.90
N ASN A 159 9.94 -33.00 -17.65
CA ASN A 159 11.10 -33.68 -17.08
C ASN A 159 12.41 -33.44 -17.83
N TYR A 160 12.81 -32.18 -17.90
CA TYR A 160 14.14 -31.80 -18.35
C TYR A 160 14.55 -32.42 -19.70
N GLY A 161 13.68 -32.32 -20.69
CA GLY A 161 13.98 -32.84 -22.01
C GLY A 161 13.89 -34.36 -22.11
N LYS A 162 13.61 -35.03 -21.00
CA LYS A 162 13.45 -36.49 -20.99
C LYS A 162 12.02 -36.86 -21.41
N GLY A 163 11.05 -36.29 -20.69
CA GLY A 163 9.64 -36.61 -20.92
C GLY A 163 9.07 -36.11 -22.24
N GLY A 164 7.74 -36.14 -22.35
CA GLY A 164 7.07 -35.84 -23.61
C GLY A 164 6.92 -34.35 -23.88
N VAL A 165 6.04 -34.03 -24.83
CA VAL A 165 5.79 -32.66 -25.25
C VAL A 165 4.88 -31.99 -24.21
N ALA A 166 5.36 -30.88 -23.64
CA ALA A 166 4.69 -30.23 -22.51
C ALA A 166 3.43 -29.52 -22.93
N LYS A 167 2.53 -29.31 -21.96
CA LYS A 167 1.33 -28.49 -22.12
C LYS A 167 1.29 -27.43 -21.02
N ARG A 168 2.03 -26.34 -21.23
CA ARG A 168 2.11 -25.24 -20.27
C ARG A 168 1.53 -23.94 -20.81
N THR A 169 1.14 -23.92 -22.08
CA THR A 169 0.85 -22.67 -22.78
C THR A 169 -0.62 -22.30 -22.57
N CYS A 170 -0.84 -21.49 -21.52
CA CYS A 170 -2.18 -21.02 -21.15
C CYS A 170 -2.67 -20.02 -22.17
N CYS A 171 -3.91 -20.18 -22.63
CA CYS A 171 -4.47 -19.30 -23.65
C CYS A 171 -5.96 -18.93 -23.51
N VAL A 172 -6.32 -17.82 -24.15
CA VAL A 172 -7.70 -17.44 -24.45
C VAL A 172 -7.83 -17.69 -25.94
N ALA A 173 -7.95 -18.96 -26.29
CA ALA A 173 -7.98 -19.39 -27.69
C ALA A 173 -6.77 -18.93 -28.50
N ASP A 174 -7.06 -18.07 -29.47
CA ASP A 174 -6.13 -17.62 -30.48
C ASP A 174 -5.73 -16.15 -30.23
N ARG A 175 -6.25 -15.58 -29.14
CA ARG A 175 -6.21 -14.14 -28.88
C ARG A 175 -5.78 -13.89 -27.44
N THR A 176 -4.74 -14.60 -27.00
CA THR A 176 -4.33 -14.55 -25.60
C THR A 176 -3.80 -13.21 -25.16
N GLY A 177 -3.07 -12.56 -26.08
CA GLY A 177 -2.55 -11.22 -25.84
C GLY A 177 -3.63 -10.16 -25.82
N HIS A 178 -4.53 -10.23 -26.79
CA HIS A 178 -5.62 -9.27 -26.89
C HIS A 178 -6.39 -9.20 -25.59
N SER A 179 -6.72 -10.37 -25.07
CA SER A 179 -7.46 -10.47 -23.82
C SER A 179 -6.60 -9.98 -22.67
N MET A 180 -5.39 -10.51 -22.55
CA MET A 180 -4.51 -10.08 -21.47
C MET A 180 -4.39 -8.55 -21.39
N LEU A 181 -4.19 -7.90 -22.54
CA LEU A 181 -3.94 -6.47 -22.54
C LEU A 181 -5.18 -5.73 -22.10
N HIS A 182 -6.32 -6.10 -22.66
CA HIS A 182 -7.61 -5.50 -22.27
C HIS A 182 -7.97 -5.77 -20.81
N THR A 183 -7.62 -6.95 -20.30
CA THR A 183 -7.79 -7.26 -18.89
C THR A 183 -6.96 -6.28 -18.06
N LEU A 184 -5.68 -6.16 -18.43
CA LEU A 184 -4.75 -5.32 -17.71
C LEU A 184 -5.13 -3.85 -17.83
N TYR A 185 -5.45 -3.41 -19.03
CA TYR A 185 -5.80 -2.01 -19.21
C TYR A 185 -6.98 -1.65 -18.30
N GLY A 186 -8.01 -2.50 -18.34
CA GLY A 186 -9.19 -2.31 -17.51
C GLY A 186 -8.79 -2.18 -16.06
N ASN A 187 -8.08 -3.18 -15.55
CA ASN A 187 -7.68 -3.20 -14.16
C ASN A 187 -6.76 -2.05 -13.75
N SER A 188 -6.18 -1.39 -14.73
CA SER A 188 -5.33 -0.23 -14.45
C SER A 188 -6.18 1.02 -14.22
N LEU A 189 -7.47 0.96 -14.56
CA LEU A 189 -8.37 2.11 -14.37
C LEU A 189 -8.88 2.19 -12.94
N ARG A 190 -8.34 1.35 -12.07
CA ARG A 190 -8.68 1.27 -10.67
C ARG A 190 -7.51 1.80 -9.82
N CYS A 191 -6.28 1.54 -10.25
CA CYS A 191 -5.06 2.04 -9.58
C CYS A 191 -4.86 3.56 -9.64
N HIS A 192 -5.87 4.30 -10.11
CA HIS A 192 -5.77 5.77 -10.22
C HIS A 192 -4.43 6.19 -10.81
N CYS A 193 -4.01 5.48 -11.85
CA CYS A 193 -2.77 5.76 -12.54
C CYS A 193 -3.13 6.76 -13.63
N THR A 194 -2.34 7.82 -13.78
CA THR A 194 -2.71 8.92 -14.70
C THR A 194 -2.06 8.74 -16.10
N PHE A 195 -2.91 8.69 -17.13
CA PHE A 195 -2.52 8.37 -18.51
C PHE A 195 -2.30 9.57 -19.42
N PHE A 196 -1.10 9.70 -19.97
CA PHE A 196 -0.82 10.65 -21.06
C PHE A 196 -0.75 9.92 -22.40
N ILE A 197 -1.86 9.91 -23.12
CA ILE A 197 -2.05 9.02 -24.27
C ILE A 197 -1.81 9.78 -25.56
N GLU A 198 -1.09 9.11 -26.48
CA GLU A 198 -0.58 9.74 -27.70
C GLU A 198 0.34 10.89 -27.32
N TYR A 199 1.36 10.52 -26.53
CA TYR A 199 2.48 11.36 -26.18
C TYR A 199 3.68 10.55 -26.65
N PHE A 200 4.44 11.12 -27.60
CA PHE A 200 5.61 10.45 -28.16
C PHE A 200 6.82 10.81 -27.31
N ALA A 201 7.50 9.80 -26.78
CA ALA A 201 8.66 10.02 -25.91
C ALA A 201 9.87 10.37 -26.75
N LEU A 202 10.59 11.42 -26.35
CA LEU A 202 11.72 11.91 -27.11
C LEU A 202 13.05 11.49 -26.52
N ASP A 203 13.14 11.49 -25.19
CA ASP A 203 14.40 11.21 -24.51
C ASP A 203 14.21 11.04 -23.02
N LEU A 204 15.10 10.28 -22.40
CA LEU A 204 15.19 10.25 -20.94
C LEU A 204 15.91 11.52 -20.49
N LEU A 205 15.41 12.14 -19.43
CA LEU A 205 16.08 13.30 -18.81
C LEU A 205 17.14 12.85 -17.80
N MET A 206 18.41 12.93 -18.19
CA MET A 206 19.52 12.47 -17.33
C MET A 206 20.17 13.64 -16.57
N ASP A 207 20.59 13.38 -15.34
CA ASP A 207 21.32 14.35 -14.50
C ASP A 207 22.51 13.67 -13.83
N LYS A 208 23.66 13.69 -14.51
CA LYS A 208 24.89 13.08 -14.03
C LYS A 208 24.71 11.58 -13.80
N GLY A 209 24.39 10.87 -14.88
CA GLY A 209 24.25 9.41 -14.86
C GLY A 209 23.03 8.86 -14.15
N ARG A 210 22.07 9.74 -13.86
CA ARG A 210 20.88 9.39 -13.09
C ARG A 210 19.64 9.89 -13.82
N CYS A 211 18.69 9.00 -14.10
CA CYS A 211 17.46 9.37 -14.81
C CYS A 211 16.44 9.98 -13.85
N VAL A 212 16.04 11.22 -14.16
CA VAL A 212 15.09 11.96 -13.34
C VAL A 212 13.80 12.21 -14.11
N GLY A 213 13.62 11.51 -15.22
CA GLY A 213 12.37 11.57 -15.95
C GLY A 213 12.49 11.55 -17.46
N VAL A 214 11.39 11.95 -18.11
CA VAL A 214 11.19 11.78 -19.55
C VAL A 214 10.63 13.05 -20.14
N ILE A 215 11.03 13.36 -21.39
CA ILE A 215 10.47 14.48 -22.13
C ILE A 215 9.74 13.92 -23.34
N ALA A 216 8.64 14.55 -23.69
CA ALA A 216 7.70 13.99 -24.67
C ALA A 216 6.90 15.03 -25.44
N LEU A 217 6.43 14.63 -26.63
CA LEU A 217 5.60 15.46 -27.49
C LEU A 217 4.14 15.00 -27.46
N CYS A 218 3.26 15.88 -26.97
CA CYS A 218 1.83 15.63 -27.01
C CYS A 218 1.27 15.87 -28.42
N LEU A 219 0.82 14.80 -29.08
CA LEU A 219 0.34 14.86 -30.46
C LEU A 219 -0.90 15.70 -30.63
N GLU A 220 -1.74 15.71 -29.61
CA GLU A 220 -3.01 16.44 -29.70
C GLU A 220 -2.77 17.93 -29.95
N ASP A 221 -1.88 18.52 -29.16
CA ASP A 221 -1.76 19.96 -29.09
C ASP A 221 -0.33 20.50 -29.25
N GLY A 222 0.59 19.71 -29.76
CA GLY A 222 1.96 20.17 -30.03
C GLY A 222 2.87 20.45 -28.83
N THR A 223 2.30 20.49 -27.62
CA THR A 223 3.07 20.84 -26.43
C THR A 223 4.13 19.79 -26.13
N ILE A 224 5.27 20.24 -25.61
CA ILE A 224 6.37 19.39 -25.20
C ILE A 224 6.30 19.25 -23.68
N HIS A 225 6.41 18.04 -23.17
CA HIS A 225 6.19 17.79 -21.75
C HIS A 225 7.39 17.16 -21.07
N ARG A 226 7.83 17.76 -19.97
CA ARG A 226 8.90 17.19 -19.16
C ARG A 226 8.27 16.58 -17.92
N PHE A 227 8.58 15.32 -17.67
CA PHE A 227 8.04 14.63 -16.50
C PHE A 227 9.19 14.40 -15.54
N ARG A 228 9.09 15.00 -14.35
CA ARG A 228 10.08 14.81 -13.30
C ARG A 228 9.64 13.59 -12.54
N SER A 229 10.52 12.60 -12.47
CA SER A 229 10.20 11.38 -11.73
C SER A 229 11.40 10.86 -10.96
N LYS A 230 11.12 10.13 -9.89
CA LYS A 230 12.16 9.50 -9.11
C LYS A 230 12.60 8.27 -9.86
N ARG A 231 11.62 7.56 -10.43
CA ARG A 231 11.90 6.40 -11.26
C ARG A 231 11.29 6.57 -12.65
N THR A 232 11.97 5.99 -13.63
CA THR A 232 11.43 5.86 -14.96
C THR A 232 11.55 4.39 -15.37
N ILE A 233 10.46 3.84 -15.89
CA ILE A 233 10.44 2.47 -16.42
C ILE A 233 10.35 2.53 -17.93
N VAL A 234 11.29 1.93 -18.62
CA VAL A 234 11.20 1.83 -20.06
C VAL A 234 10.52 0.51 -20.44
N ALA A 235 9.34 0.62 -21.03
CA ALA A 235 8.58 -0.54 -21.47
C ALA A 235 7.98 -0.30 -22.85
N THR A 236 8.85 -0.20 -23.86
CA THR A 236 8.46 0.33 -25.19
C THR A 236 8.33 -0.72 -26.29
N GLY A 237 8.62 -1.98 -26.00
CA GLY A 237 8.43 -3.02 -26.97
C GLY A 237 9.62 -3.11 -27.90
N GLY A 238 9.42 -3.75 -29.04
CA GLY A 238 10.52 -4.11 -29.94
C GLY A 238 10.85 -3.12 -31.04
N TYR A 239 11.74 -3.55 -31.92
CA TYR A 239 12.15 -2.81 -33.12
C TYR A 239 12.05 -3.65 -34.39
N GLY A 240 10.94 -4.36 -34.55
CA GLY A 240 10.73 -5.22 -35.72
C GLY A 240 10.53 -4.51 -37.05
N ARG A 241 10.20 -3.22 -37.04
CA ARG A 241 10.07 -2.46 -38.30
C ARG A 241 11.43 -2.09 -38.91
N ALA A 242 12.52 -2.36 -38.20
CA ALA A 242 13.86 -2.30 -38.82
C ALA A 242 13.99 -3.19 -40.08
N TYR A 243 13.15 -4.22 -40.19
CA TYR A 243 13.15 -5.14 -41.33
C TYR A 243 12.06 -4.84 -42.36
N PHE A 244 12.26 -5.32 -43.58
CA PHE A 244 11.30 -5.10 -44.67
C PHE A 244 10.00 -5.84 -44.43
N SER A 245 10.09 -7.09 -43.97
CA SER A 245 8.92 -7.89 -43.61
C SER A 245 9.00 -8.31 -42.13
N CYS A 246 7.90 -8.14 -41.40
CA CYS A 246 7.80 -8.55 -40.00
C CYS A 246 6.34 -8.77 -39.59
N THR A 247 6.14 -9.27 -38.36
CA THR A 247 4.80 -9.51 -37.80
C THR A 247 4.40 -8.36 -36.87
N THR A 248 5.42 -7.60 -36.47
CA THR A 248 5.29 -6.49 -35.52
C THR A 248 4.39 -5.38 -36.04
N ALA A 249 3.98 -4.51 -35.13
CA ALA A 249 3.20 -3.32 -35.47
C ALA A 249 4.06 -2.27 -36.12
N HIS A 250 3.42 -1.35 -36.84
CA HIS A 250 4.09 -0.15 -37.33
C HIS A 250 4.78 0.65 -36.24
N MET A 251 4.30 0.51 -35.01
CA MET A 251 4.80 1.29 -33.87
C MET A 251 6.02 0.64 -33.21
N ASN A 252 6.51 -0.46 -33.77
CA ASN A 252 7.62 -1.21 -33.20
C ASN A 252 8.93 -0.66 -33.75
N THR A 253 9.25 0.57 -33.38
CA THR A 253 10.36 1.31 -33.96
C THR A 253 11.53 1.52 -32.98
N GLY A 254 11.71 0.60 -32.04
CA GLY A 254 12.87 0.64 -31.14
C GLY A 254 13.13 1.94 -30.41
N ASP A 255 12.06 2.71 -30.16
CA ASP A 255 12.17 4.01 -29.54
C ASP A 255 12.84 3.95 -28.17
N GLY A 256 12.51 2.93 -27.38
CA GLY A 256 13.01 2.86 -26.01
C GLY A 256 14.50 2.59 -25.94
N THR A 257 15.00 1.86 -26.92
CA THR A 257 16.41 1.55 -26.96
C THR A 257 17.15 2.73 -27.58
N ALA A 258 16.49 3.45 -28.48
CA ALA A 258 17.04 4.74 -28.95
C ALA A 258 17.13 5.70 -27.76
N LEU A 259 16.13 5.65 -26.89
CA LEU A 259 16.14 6.48 -25.68
C LEU A 259 17.38 6.18 -24.85
N ALA A 260 17.61 4.90 -24.61
CA ALA A 260 18.72 4.44 -23.77
C ALA A 260 20.06 4.72 -24.43
N THR A 261 20.13 4.56 -25.75
CA THR A 261 21.34 4.90 -26.50
C THR A 261 21.67 6.36 -26.28
N ARG A 262 20.74 7.25 -26.63
CA ARG A 262 20.93 8.69 -26.46
C ARG A 262 21.22 9.12 -25.02
N ALA A 263 20.92 8.25 -24.05
CA ALA A 263 21.27 8.52 -22.65
C ALA A 263 22.65 7.99 -22.28
N GLY A 264 23.39 7.46 -23.26
CA GLY A 264 24.69 6.88 -23.00
C GLY A 264 24.63 5.52 -22.33
N ILE A 265 23.61 4.73 -22.66
CA ILE A 265 23.53 3.35 -22.20
C ILE A 265 23.77 2.40 -23.38
N ALA A 266 24.75 1.51 -23.25
CA ALA A 266 24.97 0.45 -24.24
C ALA A 266 23.85 -0.61 -24.20
N LEU A 267 23.46 -1.07 -25.39
CA LEU A 267 22.42 -2.10 -25.56
C LEU A 267 23.02 -3.50 -25.66
N GLU A 268 22.19 -4.52 -25.41
CA GLU A 268 22.65 -5.90 -25.28
C GLU A 268 22.00 -6.87 -26.28
N ASP A 269 22.81 -7.73 -26.90
CA ASP A 269 22.32 -8.86 -27.74
C ASP A 269 21.38 -8.50 -28.90
N LEU A 270 21.58 -7.34 -29.52
CA LEU A 270 20.68 -6.90 -30.60
C LEU A 270 20.78 -7.74 -31.86
N GLU A 271 21.88 -8.47 -32.03
CA GLU A 271 22.00 -9.36 -33.20
C GLU A 271 21.04 -10.55 -33.12
N PHE A 272 20.49 -10.79 -31.92
CA PHE A 272 19.52 -11.87 -31.73
C PHE A 272 18.09 -11.42 -32.07
N ILE A 273 17.76 -11.60 -33.35
CA ILE A 273 16.46 -11.29 -33.92
C ILE A 273 15.73 -12.63 -34.12
N GLN A 274 14.52 -12.76 -33.56
CA GLN A 274 13.76 -13.99 -33.66
C GLN A 274 12.99 -13.95 -34.94
N PHE A 275 13.24 -14.92 -35.80
CA PHE A 275 12.42 -15.15 -36.96
C PHE A 275 11.37 -16.16 -36.56
N HIS A 276 10.11 -15.73 -36.50
CA HIS A 276 9.02 -16.65 -36.25
C HIS A 276 8.78 -17.43 -37.54
N PRO A 277 8.67 -18.78 -37.45
CA PRO A 277 8.51 -19.68 -38.61
C PRO A 277 7.36 -19.36 -39.56
N THR A 278 6.17 -19.16 -39.01
CA THR A 278 4.95 -19.07 -39.81
C THR A 278 4.31 -17.69 -39.76
N GLY A 279 4.87 -16.77 -40.54
CA GLY A 279 4.19 -15.52 -40.90
C GLY A 279 3.63 -15.71 -42.30
N ILE A 280 2.49 -15.12 -42.60
CA ILE A 280 1.87 -15.28 -43.93
C ILE A 280 2.78 -14.74 -45.04
N TYR A 281 2.89 -15.51 -46.14
CA TYR A 281 3.89 -15.26 -47.19
C TYR A 281 3.84 -13.87 -47.79
N GLY A 282 2.67 -13.48 -48.27
CA GLY A 282 2.53 -12.18 -48.93
C GLY A 282 2.69 -10.97 -48.03
N VAL A 283 2.22 -11.06 -46.79
CA VAL A 283 1.91 -9.86 -45.99
C VAL A 283 2.71 -9.71 -44.69
N GLY A 284 2.90 -10.81 -43.95
CA GLY A 284 3.65 -10.78 -42.71
C GLY A 284 2.82 -11.23 -41.52
N CYS A 285 1.50 -11.10 -41.61
CA CYS A 285 0.57 -11.51 -40.55
C CYS A 285 0.92 -12.86 -39.93
N LEU A 286 1.10 -12.86 -38.60
CA LEU A 286 1.49 -14.04 -37.87
C LEU A 286 0.42 -15.11 -37.90
N ILE A 287 0.88 -16.35 -38.00
CA ILE A 287 0.07 -17.53 -37.69
C ILE A 287 0.69 -18.19 -36.46
N THR A 288 -0.12 -18.42 -35.43
CA THR A 288 0.39 -18.82 -34.12
C THR A 288 1.06 -20.21 -34.09
N GLU A 289 2.12 -20.31 -33.29
CA GLU A 289 2.78 -21.59 -33.00
C GLU A 289 1.79 -22.57 -32.40
N GLY A 290 0.76 -22.02 -31.75
CA GLY A 290 -0.34 -22.83 -31.26
C GLY A 290 -1.03 -23.65 -32.34
N SER A 291 -0.97 -23.20 -33.59
CA SER A 291 -1.61 -23.94 -34.68
C SER A 291 -0.83 -25.24 -34.94
N ARG A 292 0.48 -25.20 -34.73
CA ARG A 292 1.29 -26.42 -34.72
C ARG A 292 1.09 -27.20 -33.42
N GLY A 293 0.92 -26.47 -32.33
CA GLY A 293 0.68 -27.06 -31.01
C GLY A 293 -0.65 -27.79 -30.83
N GLU A 294 -1.58 -27.60 -31.77
CA GLU A 294 -2.82 -28.36 -31.79
C GLU A 294 -2.77 -29.46 -32.86
N GLY A 295 -1.58 -29.73 -33.41
CA GLY A 295 -1.41 -30.79 -34.39
C GLY A 295 -1.18 -30.37 -35.84
N GLY A 296 -1.03 -29.07 -36.09
CA GLY A 296 -0.67 -28.60 -37.42
C GLY A 296 0.77 -28.95 -37.71
N PHE A 297 1.12 -29.00 -39.00
CA PHE A 297 2.53 -29.19 -39.38
C PHE A 297 2.92 -28.51 -40.69
N LEU A 298 4.23 -28.37 -40.88
CA LEU A 298 4.78 -27.71 -42.06
C LEU A 298 4.93 -28.75 -43.15
N VAL A 299 4.83 -28.31 -44.41
CA VAL A 299 4.87 -29.22 -45.58
C VAL A 299 5.54 -28.55 -46.79
N ASN A 300 6.53 -29.23 -47.36
CA ASN A 300 7.24 -28.73 -48.54
C ASN A 300 6.53 -29.13 -49.83
N SER A 301 7.20 -28.97 -50.98
CA SER A 301 6.64 -29.32 -52.30
C SER A 301 6.58 -30.84 -52.57
N GLU A 302 7.54 -31.60 -52.05
CA GLU A 302 7.51 -33.06 -52.20
C GLU A 302 6.41 -33.67 -51.35
N GLY A 303 5.66 -32.84 -50.62
CA GLY A 303 4.58 -33.31 -49.77
C GLY A 303 5.09 -33.98 -48.51
N GLU A 304 6.25 -33.53 -48.04
CA GLU A 304 6.87 -34.10 -46.85
C GLU A 304 6.62 -33.23 -45.63
N ARG A 305 6.28 -33.87 -44.52
CA ARG A 305 6.32 -33.23 -43.21
C ARG A 305 7.78 -33.20 -42.81
N PHE A 306 8.50 -32.24 -43.40
CA PHE A 306 9.97 -32.24 -43.36
C PHE A 306 10.58 -32.06 -41.98
N MET A 307 9.82 -31.52 -41.02
CA MET A 307 10.36 -31.30 -39.68
C MET A 307 10.74 -32.59 -38.92
N GLU A 308 10.24 -33.74 -39.38
CA GLU A 308 10.64 -35.04 -38.81
C GLU A 308 12.11 -35.37 -39.10
N ARG A 309 12.67 -34.80 -40.17
CA ARG A 309 14.11 -34.93 -40.50
C ARG A 309 14.97 -33.97 -39.68
N TYR A 310 14.63 -32.68 -39.72
CA TYR A 310 15.42 -31.67 -39.02
C TYR A 310 15.29 -31.78 -37.51
N ALA A 311 14.23 -32.43 -37.04
CA ALA A 311 13.97 -32.57 -35.61
C ALA A 311 13.11 -33.80 -35.33
N PRO A 312 13.75 -34.99 -35.19
CA PRO A 312 12.99 -36.22 -35.03
C PRO A 312 12.15 -36.31 -33.74
N LYS A 313 12.65 -35.79 -32.64
CA LYS A 313 11.92 -35.84 -31.35
C LYS A 313 10.76 -34.83 -31.28
N ALA A 314 11.05 -33.54 -31.50
CA ALA A 314 10.05 -32.48 -31.32
C ALA A 314 9.30 -32.13 -32.61
N LYS A 315 9.91 -32.43 -33.76
CA LYS A 315 9.28 -32.23 -35.07
C LYS A 315 8.91 -30.76 -35.30
N ASP A 316 7.63 -30.49 -35.58
CA ASP A 316 7.17 -29.14 -35.90
C ASP A 316 7.03 -28.27 -34.64
N LEU A 317 7.23 -28.85 -33.46
CA LEU A 317 7.33 -28.09 -32.21
C LEU A 317 8.78 -27.94 -31.71
N ALA A 318 9.72 -27.85 -32.63
CA ALA A 318 11.09 -27.53 -32.24
C ALA A 318 11.15 -26.03 -31.88
N SER A 319 12.30 -25.59 -31.38
CA SER A 319 12.51 -24.18 -31.08
C SER A 319 12.37 -23.34 -32.34
N ARG A 320 11.96 -22.09 -32.18
CA ARG A 320 11.69 -21.19 -33.31
C ARG A 320 12.88 -21.01 -34.27
N ASP A 321 14.08 -20.88 -33.72
CA ASP A 321 15.28 -20.67 -34.52
C ASP A 321 15.64 -21.89 -35.36
N VAL A 322 15.31 -23.08 -34.87
CA VAL A 322 15.53 -24.32 -35.61
C VAL A 322 14.52 -24.49 -36.75
N VAL A 323 13.25 -24.28 -36.45
CA VAL A 323 12.20 -24.53 -37.42
C VAL A 323 12.28 -23.52 -38.56
N SER A 324 12.51 -22.26 -38.22
CA SER A 324 12.68 -21.22 -39.23
C SER A 324 13.86 -21.48 -40.18
N ARG A 325 14.89 -22.19 -39.69
CA ARG A 325 16.04 -22.55 -40.54
C ARG A 325 15.68 -23.70 -41.47
N ALA A 326 15.19 -24.79 -40.87
CA ALA A 326 14.69 -25.93 -41.61
C ALA A 326 13.86 -25.45 -42.81
N GLU A 327 12.91 -24.55 -42.56
CA GLU A 327 12.12 -23.92 -43.61
C GLU A 327 13.00 -23.23 -44.61
N THR A 328 13.94 -22.41 -44.13
CA THR A 328 14.78 -21.60 -45.01
C THR A 328 15.65 -22.45 -45.94
N ILE A 329 16.13 -23.58 -45.43
CA ILE A 329 16.88 -24.52 -46.27
C ILE A 329 15.98 -25.10 -47.34
N GLU A 330 14.90 -25.75 -46.93
CA GLU A 330 13.92 -26.30 -47.86
C GLU A 330 13.59 -25.38 -49.04
N ILE A 331 13.55 -24.07 -48.79
CA ILE A 331 13.41 -23.09 -49.88
C ILE A 331 14.67 -23.16 -50.75
N MET A 332 15.82 -22.80 -50.14
CA MET A 332 17.14 -22.83 -50.80
C MET A 332 17.38 -24.05 -51.68
N GLU A 333 17.00 -25.22 -51.18
CA GLU A 333 17.22 -26.50 -51.88
C GLU A 333 16.08 -26.89 -52.83
N GLY A 334 15.37 -25.91 -53.37
CA GLY A 334 14.36 -26.16 -54.39
C GLY A 334 13.12 -26.94 -53.97
N ARG A 335 12.81 -26.92 -52.68
CA ARG A 335 11.60 -27.57 -52.16
C ARG A 335 10.58 -26.56 -51.62
N GLY A 336 10.75 -25.30 -52.01
CA GLY A 336 9.79 -24.25 -51.70
C GLY A 336 8.50 -24.41 -52.49
N VAL A 337 7.46 -23.72 -52.06
CA VAL A 337 6.12 -23.93 -52.59
C VAL A 337 5.57 -22.62 -53.17
N GLY A 338 4.49 -22.74 -53.94
CA GLY A 338 3.92 -21.60 -54.68
C GLY A 338 4.58 -21.35 -56.03
N PRO A 339 4.02 -20.43 -56.84
CA PRO A 339 4.56 -20.08 -58.17
C PRO A 339 6.07 -19.90 -58.20
N GLU A 340 6.58 -19.00 -57.35
CA GLU A 340 8.01 -18.74 -57.26
C GLU A 340 8.78 -19.82 -56.47
N LYS A 341 8.06 -20.79 -55.90
CA LYS A 341 8.65 -21.84 -55.05
C LYS A 341 9.49 -21.26 -53.92
N ASP A 342 8.98 -20.23 -53.25
CA ASP A 342 9.79 -19.45 -52.28
C ASP A 342 9.16 -19.32 -50.88
N HIS A 343 8.29 -20.24 -50.52
CA HIS A 343 7.77 -20.31 -49.16
C HIS A 343 7.27 -21.74 -48.88
N ILE A 344 6.59 -21.96 -47.77
CA ILE A 344 6.06 -23.31 -47.46
C ILE A 344 4.64 -23.26 -46.89
N TYR A 345 4.07 -24.44 -46.66
CA TYR A 345 2.68 -24.57 -46.22
C TYR A 345 2.59 -25.00 -44.76
N LEU A 346 1.84 -24.25 -43.97
CA LEU A 346 1.41 -24.73 -42.66
C LEU A 346 0.11 -25.43 -42.94
N GLN A 347 0.02 -26.71 -42.60
CA GLN A 347 -1.17 -27.50 -42.94
C GLN A 347 -2.03 -27.85 -41.72
N LEU A 348 -3.20 -27.22 -41.62
CA LEU A 348 -4.14 -27.45 -40.51
C LEU A 348 -5.38 -28.25 -40.90
N HIS A 349 -5.68 -28.34 -42.20
CA HIS A 349 -6.95 -28.92 -42.68
C HIS A 349 -7.29 -30.35 -42.20
N HIS A 350 -6.28 -31.12 -41.83
CA HIS A 350 -6.50 -32.46 -41.29
C HIS A 350 -7.17 -32.45 -39.89
N LEU A 351 -7.00 -31.37 -39.13
CA LEU A 351 -7.68 -31.24 -37.84
C LEU A 351 -9.17 -30.98 -38.02
N PRO A 352 -10.00 -31.47 -37.06
CA PRO A 352 -11.43 -31.25 -37.13
C PRO A 352 -11.83 -29.76 -36.98
N ALA A 353 -12.88 -29.37 -37.70
CA ALA A 353 -13.42 -28.02 -37.63
C ALA A 353 -13.72 -27.61 -36.19
N GLU A 354 -14.33 -28.49 -35.40
CA GLU A 354 -14.63 -28.17 -34.01
C GLU A 354 -13.39 -27.59 -33.31
N GLN A 355 -12.25 -28.27 -33.43
CA GLN A 355 -11.00 -27.82 -32.78
C GLN A 355 -10.48 -26.54 -33.45
N LEU A 356 -10.40 -26.58 -34.78
CA LEU A 356 -9.97 -25.42 -35.58
C LEU A 356 -10.73 -24.14 -35.23
N HIS A 357 -12.03 -24.26 -35.02
CA HIS A 357 -12.86 -23.12 -34.64
C HIS A 357 -12.70 -22.75 -33.17
N GLN A 358 -12.58 -23.75 -32.30
CA GLN A 358 -12.54 -23.49 -30.85
C GLN A 358 -11.16 -23.02 -30.37
N ARG A 359 -10.11 -23.50 -31.04
CA ARG A 359 -8.76 -23.20 -30.63
C ARG A 359 -8.07 -22.17 -31.53
N LEU A 360 -8.53 -22.04 -32.78
CA LEU A 360 -7.86 -21.18 -33.73
C LEU A 360 -8.81 -20.33 -34.57
N PRO A 361 -9.78 -19.67 -33.92
CA PRO A 361 -10.70 -18.83 -34.71
C PRO A 361 -10.05 -17.54 -35.26
N GLY A 362 -9.02 -17.04 -34.59
CA GLY A 362 -8.36 -15.81 -35.02
C GLY A 362 -7.60 -15.94 -36.32
N ILE A 363 -6.74 -16.95 -36.39
CA ILE A 363 -5.97 -17.24 -37.60
C ILE A 363 -6.81 -17.84 -38.73
N SER A 364 -7.91 -18.49 -38.38
CA SER A 364 -8.84 -18.97 -39.39
C SER A 364 -9.25 -17.77 -40.22
N GLU A 365 -9.72 -16.72 -39.53
CA GLU A 365 -10.21 -15.53 -40.20
C GLU A 365 -9.08 -14.75 -40.86
N THR A 366 -7.92 -14.68 -40.23
CA THR A 366 -6.78 -13.97 -40.81
C THR A 366 -6.28 -14.63 -42.10
N ALA A 367 -6.28 -15.97 -42.12
CA ALA A 367 -5.92 -16.75 -43.30
C ALA A 367 -6.88 -16.47 -44.44
N LYS A 368 -8.15 -16.42 -44.09
CA LYS A 368 -9.24 -16.09 -44.99
C LYS A 368 -9.06 -14.69 -45.60
N ILE A 369 -8.87 -13.68 -44.75
CA ILE A 369 -8.78 -12.29 -45.19
C ILE A 369 -7.55 -11.97 -46.06
N PHE A 370 -6.41 -12.62 -45.78
CA PHE A 370 -5.12 -12.21 -46.36
C PHE A 370 -4.50 -13.16 -47.38
N ALA A 371 -4.83 -14.44 -47.30
CA ALA A 371 -4.33 -15.45 -48.22
C ALA A 371 -5.45 -16.21 -48.95
N GLY A 372 -6.71 -15.82 -48.74
CA GLY A 372 -7.84 -16.47 -49.39
C GLY A 372 -7.91 -17.94 -49.07
N VAL A 373 -7.75 -18.30 -47.80
CA VAL A 373 -7.65 -19.70 -47.39
C VAL A 373 -8.71 -20.09 -46.36
N ASP A 374 -9.51 -21.09 -46.72
CA ASP A 374 -10.30 -21.83 -45.76
C ASP A 374 -9.32 -22.83 -45.13
N VAL A 375 -9.05 -22.69 -43.84
CA VAL A 375 -8.07 -23.56 -43.17
C VAL A 375 -8.58 -25.00 -42.96
N THR A 376 -9.89 -25.21 -43.08
CA THR A 376 -10.46 -26.55 -42.95
C THR A 376 -10.27 -27.36 -44.24
N LYS A 377 -9.94 -26.67 -45.33
CA LYS A 377 -9.86 -27.30 -46.65
C LYS A 377 -8.51 -27.14 -47.36
N GLU A 378 -7.68 -26.20 -46.90
CA GLU A 378 -6.48 -25.80 -47.63
C GLU A 378 -5.34 -25.47 -46.65
N PRO A 379 -4.11 -25.32 -47.17
CA PRO A 379 -3.01 -24.92 -46.33
C PRO A 379 -2.69 -23.42 -46.47
N ILE A 380 -2.00 -22.89 -45.46
CA ILE A 380 -1.64 -21.48 -45.38
C ILE A 380 -0.21 -21.32 -45.84
N PRO A 381 0.05 -20.41 -46.80
CA PRO A 381 1.42 -20.15 -47.21
C PRO A 381 2.15 -19.35 -46.15
N VAL A 382 3.26 -19.87 -45.67
CA VAL A 382 3.97 -19.28 -44.53
C VAL A 382 5.46 -19.18 -44.83
N ILE A 383 6.15 -18.31 -44.09
CA ILE A 383 7.60 -18.10 -44.28
C ILE A 383 8.21 -17.39 -43.07
N PRO A 384 9.40 -17.81 -42.62
CA PRO A 384 10.07 -17.17 -41.52
C PRO A 384 10.05 -15.63 -41.58
N THR A 385 9.57 -15.02 -40.50
CA THR A 385 9.33 -13.60 -40.48
C THR A 385 9.85 -12.99 -39.17
N VAL A 386 10.52 -11.85 -39.27
CA VAL A 386 11.02 -11.16 -38.08
C VAL A 386 9.85 -10.94 -37.13
N HIS A 387 10.04 -11.25 -35.84
CA HIS A 387 8.91 -11.35 -34.91
C HIS A 387 9.14 -10.79 -33.52
N TYR A 388 10.24 -11.21 -32.86
CA TYR A 388 10.55 -10.80 -31.47
C TYR A 388 12.01 -10.36 -31.29
N ASN A 389 12.28 -9.48 -30.32
CA ASN A 389 13.64 -8.98 -30.07
C ASN A 389 14.23 -9.34 -28.71
N MET A 390 15.13 -10.34 -28.66
CA MET A 390 15.70 -10.76 -27.37
C MET A 390 16.56 -9.65 -26.82
N GLY A 391 17.30 -9.00 -27.71
CA GLY A 391 18.13 -7.88 -27.31
C GLY A 391 17.34 -6.68 -26.82
N GLY A 392 18.06 -5.76 -26.20
CA GLY A 392 17.51 -4.50 -25.71
C GLY A 392 18.38 -3.82 -24.67
N ILE A 393 17.77 -2.96 -23.89
CA ILE A 393 18.44 -2.32 -22.75
C ILE A 393 18.77 -3.41 -21.73
N PRO A 394 20.05 -3.50 -21.31
CA PRO A 394 20.41 -4.54 -20.34
C PRO A 394 19.95 -4.17 -18.94
N THR A 395 19.57 -5.17 -18.15
CA THR A 395 19.21 -4.96 -16.73
C THR A 395 19.70 -6.13 -15.88
N ASN A 396 19.77 -5.93 -14.56
CA ASN A 396 19.93 -7.05 -13.63
C ASN A 396 18.60 -7.78 -13.44
N TYR A 397 18.57 -8.82 -12.61
CA TYR A 397 17.33 -9.59 -12.39
C TYR A 397 16.20 -8.81 -11.71
N LYS A 398 16.52 -7.64 -11.15
CA LYS A 398 15.52 -6.73 -10.57
C LYS A 398 15.02 -5.70 -11.59
N ALA A 399 15.36 -5.91 -12.86
CA ALA A 399 14.92 -5.05 -13.97
C ALA A 399 15.49 -3.63 -13.89
N GLN A 400 16.66 -3.50 -13.27
CA GLN A 400 17.34 -2.20 -13.17
C GLN A 400 18.38 -2.04 -14.28
N VAL A 401 18.23 -1.01 -15.11
CA VAL A 401 19.17 -0.80 -16.21
C VAL A 401 20.61 -0.67 -15.70
N ILE A 402 21.56 -1.25 -16.44
CA ILE A 402 22.96 -1.34 -16.02
C ILE A 402 23.94 -0.87 -17.09
N LYS A 403 25.05 -0.30 -16.65
CA LYS A 403 26.22 -0.10 -17.50
C LYS A 403 27.26 -1.13 -17.09
N TYR A 404 28.18 -1.44 -18.00
CA TYR A 404 29.18 -2.49 -17.76
C TYR A 404 30.57 -2.07 -18.19
N THR A 405 31.55 -2.30 -17.32
CA THR A 405 32.97 -2.31 -17.68
C THR A 405 33.57 -3.62 -17.21
N LYS A 406 34.81 -3.90 -17.64
CA LYS A 406 35.56 -5.05 -17.13
C LYS A 406 35.98 -4.81 -15.67
N GLU A 407 36.40 -3.59 -15.35
CA GLU A 407 36.91 -3.24 -14.01
C GLU A 407 35.80 -3.15 -12.96
N GLY A 408 34.76 -2.38 -13.29
CA GLY A 408 33.63 -2.16 -12.39
C GLY A 408 32.60 -3.28 -12.36
N GLY A 409 32.42 -3.94 -13.50
CA GLY A 409 31.36 -4.93 -13.67
C GLY A 409 30.03 -4.23 -13.91
N ASP A 410 28.94 -4.92 -13.55
CA ASP A 410 27.60 -4.34 -13.58
C ASP A 410 27.52 -3.12 -12.67
N LYS A 411 26.92 -2.05 -13.18
CA LYS A 411 26.72 -0.81 -12.44
C LYS A 411 25.34 -0.23 -12.76
N ILE A 412 24.43 -0.24 -11.79
CA ILE A 412 23.06 0.24 -12.06
C ILE A 412 23.09 1.71 -12.50
N VAL A 413 22.12 2.06 -13.34
CA VAL A 413 21.86 3.45 -13.69
C VAL A 413 20.79 3.92 -12.71
N PRO A 414 21.17 4.80 -11.77
CA PRO A 414 20.19 5.23 -10.77
C PRO A 414 18.89 5.72 -11.40
N GLY A 415 17.77 5.15 -10.96
CA GLY A 415 16.45 5.63 -11.33
C GLY A 415 15.79 4.95 -12.52
N LEU A 416 16.59 4.31 -13.38
CA LEU A 416 16.05 3.70 -14.60
C LEU A 416 15.78 2.19 -14.45
N TYR A 417 14.52 1.83 -14.68
CA TYR A 417 14.10 0.43 -14.81
C TYR A 417 13.69 0.18 -16.25
N ALA A 418 13.68 -1.08 -16.67
CA ALA A 418 13.21 -1.44 -18.01
C ALA A 418 12.68 -2.85 -18.01
N CYS A 419 11.59 -3.08 -18.72
CA CYS A 419 10.98 -4.41 -18.83
C CYS A 419 10.22 -4.60 -20.16
N GLY A 420 9.74 -5.82 -20.39
CA GLY A 420 9.15 -6.17 -21.68
C GLY A 420 10.21 -6.37 -22.76
N GLU A 421 9.76 -6.30 -24.01
CA GLU A 421 10.56 -6.69 -25.18
C GLU A 421 11.71 -5.71 -25.35
N CYS A 422 11.51 -4.47 -24.90
CA CYS A 422 12.52 -3.46 -25.05
C CYS A 422 13.73 -3.79 -24.22
N ALA A 423 13.54 -4.62 -23.20
CA ALA A 423 14.62 -4.98 -22.28
C ALA A 423 15.40 -6.24 -22.70
N CYS A 424 16.46 -6.51 -21.93
CA CYS A 424 17.30 -7.70 -22.03
C CYS A 424 17.78 -8.03 -20.62
N HIS A 425 17.10 -8.97 -19.96
CA HIS A 425 17.35 -9.25 -18.53
C HIS A 425 18.55 -10.14 -18.14
N SER A 426 18.95 -11.13 -18.93
CA SER A 426 18.33 -11.53 -20.20
C SER A 426 17.67 -12.90 -20.03
N VAL A 427 16.36 -12.98 -20.23
CA VAL A 427 15.62 -14.23 -19.98
C VAL A 427 15.51 -15.14 -21.21
N HIS A 428 15.76 -14.59 -22.39
CA HIS A 428 15.66 -15.37 -23.62
C HIS A 428 17.01 -15.62 -24.27
N GLY A 429 18.04 -14.91 -23.85
CA GLY A 429 19.37 -15.04 -24.45
C GLY A 429 19.37 -15.03 -25.98
N ALA A 430 19.74 -16.16 -26.57
CA ALA A 430 19.94 -16.28 -28.02
C ALA A 430 18.67 -16.70 -28.76
N ASN A 431 17.64 -17.08 -28.02
CA ASN A 431 16.39 -17.53 -28.62
C ASN A 431 15.24 -17.58 -27.62
N ARG A 432 14.19 -16.81 -27.91
CA ARG A 432 12.99 -16.79 -27.10
C ARG A 432 12.13 -18.03 -27.32
N LEU A 433 11.51 -18.48 -26.23
CA LEU A 433 10.61 -19.60 -26.22
C LEU A 433 9.20 -19.05 -26.39
N GLY A 434 8.44 -19.61 -27.32
CA GLY A 434 7.04 -19.22 -27.48
C GLY A 434 6.32 -19.18 -26.13
N ALA A 435 5.46 -18.17 -25.98
CA ALA A 435 4.69 -17.92 -24.76
C ALA A 435 5.52 -17.55 -23.52
N ASN A 436 6.77 -17.15 -23.72
CA ASN A 436 7.56 -16.60 -22.60
C ASN A 436 7.58 -15.09 -22.55
N SER A 437 7.16 -14.43 -23.63
CA SER A 437 7.27 -12.98 -23.73
C SER A 437 6.15 -12.26 -23.00
N LEU A 438 4.90 -12.69 -23.23
CA LEU A 438 3.76 -12.18 -22.47
C LEU A 438 4.01 -12.40 -20.98
N LEU A 439 4.67 -13.51 -20.67
CA LEU A 439 5.00 -13.90 -19.30
C LEU A 439 6.07 -12.98 -18.79
N ASP A 440 7.14 -12.87 -19.57
CA ASP A 440 8.26 -11.96 -19.28
C ASP A 440 7.77 -10.54 -18.95
N ALA A 441 6.81 -10.08 -19.76
CA ALA A 441 6.21 -8.76 -19.64
C ALA A 441 5.47 -8.53 -18.34
N VAL A 442 4.79 -9.55 -17.84
CA VAL A 442 3.98 -9.44 -16.63
C VAL A 442 4.84 -9.65 -15.40
N VAL A 443 5.65 -10.70 -15.42
CA VAL A 443 6.46 -11.03 -14.27
C VAL A 443 7.39 -9.88 -13.93
N PHE A 444 8.13 -9.41 -14.92
CA PHE A 444 9.12 -8.36 -14.69
C PHE A 444 8.47 -7.01 -14.66
N GLY A 445 7.34 -6.88 -15.35
CA GLY A 445 6.50 -5.68 -15.21
C GLY A 445 6.07 -5.50 -13.76
N ARG A 446 5.64 -6.59 -13.14
CA ARG A 446 5.28 -6.58 -11.74
C ARG A 446 6.55 -6.41 -10.93
N ALA A 447 7.55 -7.21 -11.24
CA ALA A 447 8.83 -7.15 -10.52
C ALA A 447 9.34 -5.72 -10.40
N CYS A 448 9.08 -4.89 -11.41
CA CYS A 448 9.47 -3.48 -11.35
C CYS A 448 8.79 -2.81 -10.16
N SER A 449 7.49 -3.09 -9.99
CA SER A 449 6.69 -2.46 -8.95
C SER A 449 7.06 -2.96 -7.55
N ILE A 450 7.40 -4.24 -7.46
CA ILE A 450 7.89 -4.80 -6.21
C ILE A 450 9.22 -4.17 -5.86
N ASN A 451 10.15 -4.14 -6.81
CA ASN A 451 11.50 -3.65 -6.51
C ASN A 451 11.53 -2.16 -6.20
N ILE A 452 10.60 -1.39 -6.75
CA ILE A 452 10.51 0.04 -6.45
C ILE A 452 9.85 0.30 -5.10
N LYS A 453 8.74 -0.37 -4.83
CA LYS A 453 8.10 -0.33 -3.50
C LYS A 453 9.17 -0.47 -2.40
N GLU A 454 10.11 -1.39 -2.61
CA GLU A 454 11.10 -1.75 -1.59
C GLU A 454 12.36 -0.88 -1.56
N GLU A 455 12.70 -0.21 -2.66
CA GLU A 455 13.91 0.65 -2.70
C GLU A 455 13.57 2.14 -2.55
N LEU A 456 12.35 2.52 -2.91
CA LEU A 456 11.94 3.92 -2.86
C LEU A 456 11.22 4.18 -1.53
N LYS A 457 11.67 5.20 -0.81
CA LYS A 457 11.04 5.61 0.44
C LYS A 457 10.57 7.06 0.37
N PRO A 458 9.51 7.42 1.13
CA PRO A 458 8.93 8.77 1.06
C PRO A 458 9.87 9.88 1.56
N ASP A 459 11.04 9.50 2.07
CA ASP A 459 12.10 10.44 2.44
C ASP A 459 12.65 11.13 1.20
N GLU A 460 13.09 10.32 0.23
CA GLU A 460 13.57 10.82 -1.06
C GLU A 460 12.45 11.56 -1.79
N LYS A 461 12.67 12.85 -2.07
CA LYS A 461 11.70 13.66 -2.80
C LYS A 461 11.99 13.64 -4.30
N ILE A 462 11.08 14.21 -5.10
CA ILE A 462 11.17 14.19 -6.56
C ILE A 462 12.34 15.04 -7.03
N PRO A 463 13.16 14.51 -7.97
CA PRO A 463 14.27 15.27 -8.54
C PRO A 463 13.85 16.56 -9.24
N GLU A 464 14.36 17.69 -8.73
CA GLU A 464 14.27 18.97 -9.42
C GLU A 464 15.17 18.83 -10.64
N LEU A 465 14.73 19.32 -11.79
CA LEU A 465 15.47 19.08 -13.02
C LEU A 465 16.74 19.90 -13.06
N PRO A 466 17.74 19.44 -13.82
CA PRO A 466 18.82 20.30 -14.28
C PRO A 466 18.27 21.50 -15.02
N GLU A 467 19.10 22.53 -15.15
CA GLU A 467 18.77 23.66 -16.01
C GLU A 467 19.05 23.22 -17.45
N GLY A 468 18.16 23.57 -18.37
CA GLY A 468 18.32 23.21 -19.77
C GLY A 468 17.80 21.84 -20.16
N ALA A 469 17.57 20.97 -19.17
CA ALA A 469 17.09 19.59 -19.40
C ALA A 469 16.03 19.44 -20.49
N GLY A 470 16.35 18.63 -21.49
CA GLY A 470 15.45 18.38 -22.63
C GLY A 470 15.59 19.38 -23.76
N GLU A 471 16.47 20.36 -23.61
CA GLU A 471 16.61 21.40 -24.63
C GLU A 471 17.05 20.81 -25.97
N GLU A 472 17.86 19.76 -25.91
CA GLU A 472 18.43 19.14 -27.11
C GLU A 472 17.43 18.30 -27.85
N SER A 473 16.55 17.65 -27.10
CA SER A 473 15.51 16.83 -27.70
C SER A 473 14.58 17.70 -28.53
N ILE A 474 14.33 18.92 -28.04
CA ILE A 474 13.53 19.93 -28.77
C ILE A 474 14.27 20.37 -30.04
N ALA A 475 15.58 20.62 -29.89
CA ALA A 475 16.44 20.99 -31.00
C ALA A 475 16.31 19.97 -32.10
N ASN A 476 16.37 18.70 -31.72
CA ASN A 476 16.26 17.60 -32.65
C ASN A 476 14.89 17.60 -33.32
N LEU A 477 13.85 17.78 -32.52
CA LEU A 477 12.48 17.83 -33.05
C LEU A 477 12.40 18.88 -34.18
N ASP A 478 12.63 20.13 -33.81
CA ASP A 478 12.66 21.29 -34.70
C ASP A 478 13.43 21.02 -36.01
N ALA A 479 14.66 20.53 -35.88
CA ALA A 479 15.50 20.21 -37.03
C ALA A 479 14.83 19.17 -37.94
N VAL A 480 14.22 18.16 -37.34
CA VAL A 480 13.55 17.09 -38.09
C VAL A 480 12.23 17.58 -38.66
N ARG A 481 11.50 18.35 -37.87
CA ARG A 481 10.23 18.94 -38.29
C ARG A 481 10.39 19.77 -39.56
N TYR A 482 11.43 20.61 -39.59
CA TYR A 482 11.70 21.51 -40.73
C TYR A 482 12.74 20.97 -41.70
N ALA A 483 13.06 19.69 -41.60
CA ALA A 483 14.12 19.07 -42.39
C ALA A 483 14.02 19.37 -43.90
N ASN A 484 15.13 19.90 -44.44
CA ASN A 484 15.22 20.42 -45.82
C ASN A 484 15.50 19.39 -46.91
N GLY A 485 16.56 18.61 -46.69
CA GLY A 485 17.19 17.73 -47.68
C GLY A 485 16.42 17.16 -48.87
N ASP A 486 17.05 16.20 -49.53
CA ASP A 486 16.54 15.68 -50.81
C ASP A 486 16.21 14.20 -50.71
N VAL A 487 16.28 13.65 -49.49
CA VAL A 487 15.87 12.28 -49.24
C VAL A 487 14.67 12.29 -48.29
N PRO A 488 13.48 11.90 -48.81
CA PRO A 488 12.31 11.82 -47.95
C PRO A 488 12.39 10.67 -46.95
N THR A 489 11.84 10.92 -45.77
CA THR A 489 11.87 9.97 -44.67
C THR A 489 11.33 8.56 -45.01
N ALA A 490 10.31 8.46 -45.84
CA ALA A 490 9.81 7.13 -46.23
C ALA A 490 10.78 6.34 -47.11
N GLU A 491 11.64 7.02 -47.88
CA GLU A 491 12.59 6.36 -48.82
C GLU A 491 13.75 5.74 -48.07
N LEU A 492 14.34 6.56 -47.20
CA LEU A 492 15.46 6.16 -46.37
C LEU A 492 15.08 5.04 -45.39
N ARG A 493 13.81 5.02 -44.95
CA ARG A 493 13.29 3.90 -44.17
C ARG A 493 13.22 2.61 -45.00
N LEU A 494 12.78 2.71 -46.24
CA LEU A 494 12.61 1.52 -47.08
C LEU A 494 13.96 0.87 -47.49
N THR A 495 15.01 1.67 -47.66
CA THR A 495 16.33 1.10 -47.97
C THR A 495 16.89 0.43 -46.71
N MET A 496 16.75 1.10 -45.56
CA MET A 496 17.15 0.50 -44.28
C MET A 496 16.52 -0.87 -44.16
N GLN A 497 15.21 -0.93 -44.40
CA GLN A 497 14.49 -2.18 -44.25
C GLN A 497 14.94 -3.25 -45.22
N LYS A 498 15.17 -2.87 -46.47
CA LYS A 498 15.62 -3.81 -47.52
C LYS A 498 17.04 -4.30 -47.24
N THR A 499 17.90 -3.39 -46.80
CA THR A 499 19.27 -3.73 -46.42
C THR A 499 19.29 -4.79 -45.34
N MET A 500 18.58 -4.49 -44.25
CA MET A 500 18.52 -5.36 -43.09
C MET A 500 18.08 -6.78 -43.49
N GLN A 501 17.02 -6.83 -44.27
CA GLN A 501 16.46 -8.07 -44.77
C GLN A 501 17.53 -8.89 -45.50
N LYS A 502 18.29 -8.24 -46.36
CA LYS A 502 19.25 -8.90 -47.26
C LYS A 502 20.52 -9.36 -46.53
N HIS A 503 21.04 -8.50 -45.66
CA HIS A 503 22.35 -8.73 -45.06
C HIS A 503 22.32 -9.29 -43.62
N ALA A 504 21.15 -9.36 -42.99
CA ALA A 504 21.06 -9.83 -41.58
C ALA A 504 19.86 -10.76 -41.33
N GLY A 505 19.61 -11.64 -42.29
CA GLY A 505 18.49 -12.59 -42.22
C GLY A 505 18.79 -13.88 -41.47
N VAL A 506 18.03 -14.93 -41.78
CA VAL A 506 18.06 -16.18 -41.03
C VAL A 506 19.46 -16.81 -41.00
N PHE A 507 20.11 -16.86 -42.15
CA PHE A 507 21.54 -17.24 -42.26
C PHE A 507 22.36 -16.03 -42.69
N ARG A 508 23.53 -15.89 -42.10
CA ARG A 508 24.36 -14.71 -42.30
C ARG A 508 25.79 -15.15 -42.58
N ARG A 509 26.48 -14.43 -43.47
CA ARG A 509 27.87 -14.71 -43.81
C ARG A 509 28.70 -13.45 -43.58
N GLY A 510 29.97 -13.64 -43.23
CA GLY A 510 30.83 -12.52 -42.80
C GLY A 510 31.06 -11.40 -43.80
N ASP A 511 30.94 -11.70 -45.09
CA ASP A 511 31.11 -10.71 -46.15
C ASP A 511 29.82 -9.97 -46.47
N ILE A 512 28.71 -10.70 -46.54
CA ILE A 512 27.39 -10.08 -46.69
C ILE A 512 27.15 -9.16 -45.49
N LEU A 513 27.48 -9.65 -44.29
CA LEU A 513 27.35 -8.82 -43.09
C LEU A 513 28.17 -7.55 -43.21
N ALA A 514 29.44 -7.71 -43.56
CA ALA A 514 30.39 -6.59 -43.62
C ALA A 514 29.97 -5.55 -44.65
N GLU A 515 29.45 -6.02 -45.79
CA GLU A 515 28.91 -5.14 -46.81
C GLU A 515 27.68 -4.44 -46.27
N GLY A 516 26.84 -5.22 -45.58
CA GLY A 516 25.65 -4.71 -44.90
C GLY A 516 25.99 -3.62 -43.88
N VAL A 517 27.04 -3.83 -43.10
CA VAL A 517 27.47 -2.82 -42.15
C VAL A 517 27.88 -1.57 -42.90
N LYS A 518 28.51 -1.76 -44.07
CA LYS A 518 28.97 -0.63 -44.86
C LYS A 518 27.77 0.20 -45.33
N LYS A 519 26.85 -0.45 -46.04
CA LYS A 519 25.68 0.22 -46.58
C LYS A 519 24.87 0.88 -45.47
N MET A 520 24.81 0.24 -44.31
CA MET A 520 24.04 0.74 -43.17
C MET A 520 24.64 1.98 -42.53
N MET A 521 25.97 2.05 -42.45
CA MET A 521 26.62 3.25 -41.94
C MET A 521 26.54 4.42 -42.94
N ASP A 522 26.37 4.11 -44.23
CA ASP A 522 26.06 5.14 -45.22
C ASP A 522 24.67 5.71 -44.96
N LEU A 523 23.69 4.84 -44.78
CA LEU A 523 22.30 5.27 -44.54
C LEU A 523 22.18 6.13 -43.30
N PHE A 524 23.10 5.94 -42.35
CA PHE A 524 23.16 6.80 -41.18
C PHE A 524 23.65 8.21 -41.50
N LYS A 525 24.35 8.36 -42.62
CA LYS A 525 24.76 9.67 -43.11
C LYS A 525 23.58 10.35 -43.74
N GLU A 526 22.78 9.60 -44.50
CA GLU A 526 21.66 10.19 -45.22
C GLU A 526 20.63 10.81 -44.27
N LEU A 527 20.70 10.50 -42.99
CA LEU A 527 19.91 11.21 -41.97
C LEU A 527 20.13 12.72 -42.02
N LYS A 528 21.35 13.14 -42.35
CA LYS A 528 21.65 14.56 -42.46
C LYS A 528 21.08 15.18 -43.72
N ARG A 529 20.73 14.35 -44.70
CA ARG A 529 20.01 14.78 -45.90
C ARG A 529 18.50 14.49 -45.84
N LEU A 530 17.90 14.69 -44.68
CA LEU A 530 16.51 14.26 -44.45
C LEU A 530 15.53 15.29 -44.97
N LYS A 531 14.41 14.80 -45.48
CA LYS A 531 13.33 15.65 -45.97
C LYS A 531 11.99 15.27 -45.33
N THR A 532 11.47 16.15 -44.46
CA THR A 532 10.08 16.05 -44.04
C THR A 532 9.32 17.15 -44.75
N THR A 533 8.00 17.03 -44.77
CA THR A 533 7.12 17.96 -45.47
C THR A 533 6.12 18.63 -44.53
N ASP A 534 5.42 17.83 -43.72
CA ASP A 534 4.45 18.38 -42.77
C ASP A 534 5.16 19.22 -41.74
N ARG A 535 4.72 20.46 -41.58
CA ARG A 535 5.36 21.40 -40.66
C ARG A 535 4.56 21.67 -39.38
N SER A 536 3.40 21.02 -39.24
CA SER A 536 2.55 21.24 -38.06
C SER A 536 3.11 20.65 -36.76
N LEU A 537 2.64 21.17 -35.64
CA LEU A 537 2.91 20.57 -34.33
C LEU A 537 1.79 19.62 -33.92
N ILE A 538 0.60 19.82 -34.49
CA ILE A 538 -0.59 19.07 -34.09
C ILE A 538 -0.80 17.81 -34.93
N TRP A 539 -0.82 16.69 -34.21
CA TRP A 539 -0.91 15.35 -34.77
C TRP A 539 -0.14 15.20 -36.07
N ASN A 540 1.15 15.51 -36.00
CA ASN A 540 2.00 15.45 -37.16
C ASN A 540 2.67 14.11 -37.20
N SER A 541 2.12 13.19 -37.99
CA SER A 541 2.68 11.84 -38.08
C SER A 541 3.84 11.73 -39.09
N ASP A 542 4.06 12.76 -39.91
CA ASP A 542 5.26 12.79 -40.75
C ASP A 542 6.47 13.01 -39.85
N LEU A 543 6.35 13.99 -38.96
CA LEU A 543 7.39 14.28 -37.98
C LEU A 543 7.70 13.05 -37.14
N THR A 544 6.68 12.45 -36.53
CA THR A 544 6.89 11.36 -35.59
C THR A 544 7.48 10.13 -36.27
N GLU A 545 6.94 9.78 -37.44
CA GLU A 545 7.50 8.67 -38.22
C GLU A 545 8.97 8.86 -38.65
N SER A 546 9.49 10.08 -38.53
CA SER A 546 10.90 10.37 -38.80
C SER A 546 11.76 10.28 -37.53
N LEU A 547 11.20 10.74 -36.41
CA LEU A 547 11.77 10.43 -35.11
C LEU A 547 11.86 8.91 -34.93
N GLU A 548 10.86 8.19 -35.44
CA GLU A 548 10.90 6.73 -35.43
C GLU A 548 12.03 6.19 -36.31
N LEU A 549 12.23 6.84 -37.47
CA LEU A 549 13.34 6.46 -38.40
C LEU A 549 14.72 6.74 -37.83
N GLN A 550 14.85 7.87 -37.14
CA GLN A 550 16.03 8.12 -36.34
C GLN A 550 16.25 6.97 -35.35
N ASN A 551 15.19 6.63 -34.61
CA ASN A 551 15.32 5.63 -33.56
C ASN A 551 15.59 4.26 -34.13
N LEU A 552 14.97 3.95 -35.26
CA LEU A 552 15.25 2.70 -35.96
C LEU A 552 16.68 2.55 -36.44
N MET A 553 17.26 3.62 -36.98
CA MET A 553 18.64 3.57 -37.48
C MET A 553 19.64 3.22 -36.38
N LEU A 554 19.51 3.88 -35.23
CA LEU A 554 20.30 3.52 -34.05
C LEU A 554 20.18 2.02 -33.74
N ASN A 555 18.95 1.52 -33.70
CA ASN A 555 18.72 0.12 -33.36
C ASN A 555 19.34 -0.80 -34.39
N ALA A 556 19.07 -0.50 -35.67
CA ALA A 556 19.53 -1.31 -36.79
C ALA A 556 21.04 -1.30 -36.92
N THR A 557 21.63 -0.11 -36.90
CA THR A 557 23.09 -0.02 -36.99
C THR A 557 23.73 -0.92 -35.92
N GLN A 558 23.43 -0.64 -34.66
CA GLN A 558 23.92 -1.44 -33.53
C GLN A 558 23.62 -2.95 -33.70
N THR A 559 22.48 -3.29 -34.30
CA THR A 559 22.13 -4.68 -34.58
C THR A 559 23.12 -5.35 -35.53
N ILE A 560 23.48 -4.68 -36.62
CA ILE A 560 24.25 -5.32 -37.70
C ILE A 560 25.76 -5.44 -37.42
N VAL A 561 26.33 -4.48 -36.68
CA VAL A 561 27.76 -4.55 -36.40
C VAL A 561 28.01 -5.59 -35.31
N ALA A 562 27.11 -5.68 -34.33
CA ALA A 562 27.11 -6.80 -33.39
C ALA A 562 26.93 -8.14 -34.12
N ALA A 563 26.10 -8.14 -35.15
CA ALA A 563 25.89 -9.33 -35.97
C ALA A 563 27.14 -9.69 -36.79
N GLU A 564 27.77 -8.67 -37.36
CA GLU A 564 28.99 -8.83 -38.17
C GLU A 564 30.10 -9.49 -37.35
N ASN A 565 30.20 -9.10 -36.08
CA ASN A 565 31.33 -9.47 -35.23
C ASN A 565 31.22 -10.85 -34.55
N ARG A 566 30.01 -11.41 -34.48
CA ARG A 566 29.83 -12.67 -33.75
C ARG A 566 30.14 -13.86 -34.64
N LYS A 567 31.41 -14.25 -34.62
CA LYS A 567 31.86 -15.39 -35.41
C LYS A 567 31.54 -16.71 -34.70
N GLU A 568 30.23 -16.99 -34.61
CA GLU A 568 29.73 -18.25 -34.07
C GLU A 568 28.26 -18.39 -34.47
N SER A 569 27.68 -19.55 -34.22
CA SER A 569 26.24 -19.74 -34.42
C SER A 569 25.58 -20.12 -33.10
N ARG A 570 24.65 -19.28 -32.65
CA ARG A 570 23.93 -19.51 -31.39
C ARG A 570 22.50 -19.02 -31.51
N GLY A 571 21.56 -19.89 -31.17
CA GLY A 571 20.15 -19.55 -31.22
C GLY A 571 19.73 -19.03 -32.58
N ALA A 572 19.18 -17.82 -32.59
CA ALA A 572 18.65 -17.22 -33.81
C ALA A 572 19.72 -16.63 -34.72
N HIS A 573 20.95 -16.56 -34.22
CA HIS A 573 22.06 -16.03 -34.98
C HIS A 573 22.84 -17.16 -35.62
N ALA A 574 22.60 -17.41 -36.90
CA ALA A 574 23.34 -18.45 -37.62
C ALA A 574 24.38 -17.84 -38.57
N ARG A 575 25.62 -18.30 -38.42
CA ARG A 575 26.71 -17.96 -39.33
C ARG A 575 27.05 -19.19 -40.19
N ASP A 576 26.81 -19.09 -41.50
CA ASP A 576 27.30 -20.09 -42.44
C ASP A 576 28.82 -20.30 -42.36
N ASP A 577 29.56 -19.21 -42.14
CA ASP A 577 31.03 -19.25 -42.05
C ASP A 577 31.56 -19.58 -40.63
N PHE A 578 30.68 -19.67 -39.64
CA PHE A 578 31.05 -20.15 -38.31
C PHE A 578 29.89 -20.96 -37.75
N PRO A 579 29.64 -22.13 -38.34
CA PRO A 579 28.51 -22.98 -37.99
C PRO A 579 28.43 -23.40 -36.52
N LYS A 580 29.57 -23.47 -35.84
CA LYS A 580 29.62 -24.02 -34.49
C LYS A 580 29.24 -23.01 -33.41
N ARG A 581 28.69 -23.53 -32.32
CA ARG A 581 28.47 -22.76 -31.12
C ARG A 581 29.77 -22.74 -30.32
N GLU A 582 30.25 -21.55 -29.99
CA GLU A 582 31.56 -21.38 -29.38
C GLU A 582 31.45 -21.02 -27.91
N ASP A 583 31.70 -22.00 -27.04
CA ASP A 583 31.61 -21.82 -25.60
C ASP A 583 33.00 -21.96 -24.96
N GLU A 584 33.06 -21.87 -23.63
CA GLU A 584 34.33 -21.93 -22.89
C GLU A 584 34.96 -23.32 -23.01
N TYR A 585 34.12 -24.35 -23.03
CA TYR A 585 34.54 -25.71 -23.29
C TYR A 585 33.85 -26.15 -24.57
N ASP A 586 34.24 -27.31 -25.09
CA ASP A 586 33.55 -27.92 -26.21
C ASP A 586 32.60 -28.97 -25.63
N TYR A 587 31.34 -28.59 -25.43
CA TYR A 587 30.41 -29.45 -24.70
C TYR A 587 29.88 -30.64 -25.49
N SER A 588 30.42 -30.89 -26.68
CA SER A 588 30.10 -32.08 -27.46
C SER A 588 30.90 -33.29 -26.98
N LYS A 589 32.07 -33.02 -26.41
CA LYS A 589 32.95 -34.04 -25.81
C LYS A 589 32.93 -33.89 -24.28
N PRO A 590 33.41 -34.90 -23.54
CA PRO A 590 33.26 -34.83 -22.08
C PRO A 590 34.04 -33.68 -21.45
N ILE A 591 33.63 -33.30 -20.24
CA ILE A 591 34.08 -32.04 -19.63
C ILE A 591 35.47 -32.23 -19.03
N GLU A 592 35.62 -33.24 -18.18
CA GLU A 592 36.89 -33.53 -17.51
C GLU A 592 38.02 -33.82 -18.50
N GLY A 593 39.10 -33.04 -18.40
CA GLY A 593 40.27 -33.19 -19.27
C GLY A 593 40.43 -32.09 -20.31
N GLN A 594 39.74 -30.97 -20.11
CA GLN A 594 39.78 -29.85 -21.04
C GLN A 594 40.33 -28.62 -20.36
N THR A 595 40.80 -27.67 -21.16
CA THR A 595 41.23 -26.36 -20.66
C THR A 595 40.21 -25.29 -21.01
N LYS A 596 39.61 -24.69 -19.99
CA LYS A 596 38.68 -23.58 -20.21
C LYS A 596 39.36 -22.50 -21.05
N ARG A 597 38.76 -22.23 -22.22
CA ARG A 597 39.16 -21.10 -23.05
C ARG A 597 38.86 -19.80 -22.34
N PRO A 598 39.77 -18.83 -22.46
CA PRO A 598 39.51 -17.55 -21.82
C PRO A 598 38.34 -16.80 -22.47
N PHE A 599 37.66 -15.99 -21.68
CA PHE A 599 36.60 -15.10 -22.13
C PHE A 599 36.76 -14.60 -23.56
N GLU A 600 37.94 -14.04 -23.84
CA GLU A 600 38.23 -13.40 -25.13
C GLU A 600 38.10 -14.36 -26.33
N LYS A 601 38.40 -15.64 -26.13
CA LYS A 601 38.37 -16.60 -27.25
C LYS A 601 36.97 -17.14 -27.58
N HIS A 602 36.23 -17.64 -26.58
CA HIS A 602 34.84 -18.13 -26.80
C HIS A 602 33.81 -17.01 -26.93
N TRP A 603 32.55 -17.38 -27.17
CA TRP A 603 31.48 -16.40 -27.43
C TRP A 603 30.27 -16.46 -26.48
N ARG A 604 30.23 -17.39 -25.54
CA ARG A 604 29.18 -17.39 -24.50
C ARG A 604 29.27 -16.13 -23.64
N LYS A 605 28.79 -15.03 -24.21
CA LYS A 605 28.88 -13.73 -23.59
C LYS A 605 27.93 -12.77 -24.30
N HIS A 606 27.37 -11.86 -23.52
CA HIS A 606 26.41 -10.88 -24.05
C HIS A 606 27.14 -9.84 -24.87
N THR A 607 26.58 -9.52 -26.04
CA THR A 607 27.12 -8.43 -26.84
C THR A 607 26.63 -7.11 -26.25
N LEU A 608 27.55 -6.17 -26.10
CA LEU A 608 27.18 -4.80 -25.72
C LEU A 608 27.59 -3.81 -26.83
N THR A 609 26.59 -3.14 -27.39
CA THR A 609 26.80 -2.15 -28.46
C THR A 609 26.60 -0.73 -27.91
N LYS A 610 27.64 0.10 -28.04
CA LYS A 610 27.64 1.48 -27.55
C LYS A 610 27.83 2.41 -28.74
N GLN A 611 26.86 3.30 -28.95
CA GLN A 611 26.82 4.14 -30.15
C GLN A 611 26.80 5.59 -29.75
N ASP A 612 27.63 6.38 -30.43
CA ASP A 612 27.53 7.82 -30.34
C ASP A 612 26.39 8.18 -31.26
N PRO A 613 25.32 8.79 -30.70
CA PRO A 613 24.13 9.11 -31.50
C PRO A 613 24.34 10.17 -32.57
N ARG A 614 25.25 11.11 -32.32
CA ARG A 614 25.58 12.16 -33.29
C ARG A 614 26.31 11.57 -34.50
N THR A 615 27.49 10.99 -34.23
CA THR A 615 28.36 10.48 -35.30
C THR A 615 27.89 9.15 -35.88
N GLY A 616 27.27 8.32 -35.06
CA GLY A 616 26.81 7.00 -35.47
C GLY A 616 27.84 5.91 -35.18
N HIS A 617 29.02 6.31 -34.72
CA HIS A 617 30.10 5.36 -34.50
C HIS A 617 29.66 4.37 -33.44
N ILE A 618 29.98 3.09 -33.64
CA ILE A 618 29.60 2.03 -32.69
C ILE A 618 30.85 1.29 -32.21
N THR A 619 31.05 1.26 -30.90
CA THR A 619 32.05 0.39 -30.28
C THR A 619 31.36 -0.89 -29.78
N LEU A 620 32.16 -1.90 -29.42
CA LEU A 620 31.66 -3.14 -28.84
C LEU A 620 32.37 -3.42 -27.53
N ASP A 621 31.85 -4.40 -26.80
CA ASP A 621 32.45 -4.90 -25.57
C ASP A 621 31.67 -6.15 -25.24
N TYR A 622 32.08 -6.89 -24.21
CA TYR A 622 31.37 -8.11 -23.88
C TYR A 622 31.25 -8.35 -22.37
N ARG A 623 30.07 -8.79 -21.97
CA ARG A 623 29.69 -8.93 -20.57
C ARG A 623 29.34 -10.40 -20.35
N PRO A 624 29.86 -11.02 -19.27
CA PRO A 624 29.60 -12.45 -19.05
C PRO A 624 28.14 -12.80 -18.76
N VAL A 625 27.78 -14.02 -19.12
CA VAL A 625 26.47 -14.59 -18.86
C VAL A 625 26.37 -14.98 -17.39
N ILE A 626 25.29 -14.62 -16.72
CA ILE A 626 25.07 -15.01 -15.32
C ILE A 626 24.54 -16.44 -15.27
N ASP A 627 25.39 -17.39 -14.91
CA ASP A 627 25.04 -18.80 -14.91
C ASP A 627 24.32 -19.24 -13.64
N LYS A 628 24.65 -18.60 -12.52
CA LYS A 628 24.10 -19.00 -11.22
C LYS A 628 22.63 -18.67 -11.15
N THR A 629 21.88 -19.49 -10.43
CA THR A 629 20.49 -19.19 -10.10
C THR A 629 20.46 -18.17 -8.96
N LEU A 630 19.28 -17.66 -8.65
CA LEU A 630 19.09 -16.78 -7.49
C LEU A 630 19.39 -17.50 -6.17
N ASP A 631 18.99 -18.77 -6.10
CA ASP A 631 19.09 -19.52 -4.86
C ASP A 631 19.30 -21.02 -5.17
N PRO A 632 20.57 -21.48 -5.07
CA PRO A 632 20.91 -22.89 -5.35
C PRO A 632 20.13 -23.88 -4.49
N ALA A 633 19.76 -23.43 -3.29
CA ALA A 633 18.88 -24.21 -2.40
C ALA A 633 17.53 -24.52 -3.06
N GLU A 634 16.97 -23.57 -3.82
CA GLU A 634 15.67 -23.77 -4.47
C GLU A 634 15.77 -24.52 -5.80
N VAL A 635 16.83 -24.25 -6.56
CA VAL A 635 17.06 -24.92 -7.85
C VAL A 635 18.51 -24.75 -8.32
N ASP A 636 19.04 -25.81 -8.92
CA ASP A 636 20.42 -25.82 -9.41
C ASP A 636 20.48 -25.15 -10.76
N TRP A 637 21.67 -24.67 -11.13
CA TRP A 637 21.88 -24.12 -12.46
C TRP A 637 22.02 -25.25 -13.48
N ILE A 638 21.99 -24.89 -14.76
CA ILE A 638 21.92 -25.87 -15.84
C ILE A 638 23.10 -25.72 -16.78
N PRO A 639 24.11 -26.59 -16.67
CA PRO A 639 25.32 -26.41 -17.48
C PRO A 639 25.06 -26.66 -18.97
N PRO A 640 25.75 -25.92 -19.84
CA PRO A 640 25.49 -26.00 -21.28
C PRO A 640 25.68 -27.39 -21.84
N ILE A 641 24.82 -27.76 -22.78
CA ILE A 641 25.00 -28.99 -23.54
C ILE A 641 24.68 -28.72 -25.01
N ILE A 642 24.78 -29.75 -25.84
CA ILE A 642 24.49 -29.58 -27.26
C ILE A 642 22.98 -29.46 -27.45
N ARG A 643 22.55 -28.37 -28.07
CA ARG A 643 21.14 -28.05 -28.25
C ARG A 643 20.55 -28.85 -29.41
N SER A 644 19.72 -29.85 -29.08
CA SER A 644 18.99 -30.61 -30.11
C SER A 644 17.52 -30.75 -29.74
N TYR A 645 16.66 -30.61 -30.74
CA TYR A 645 15.21 -30.80 -30.57
C TYR A 645 14.74 -31.90 -31.52
N LYS B 33 -1.46 0.46 -66.04
CA LYS B 33 -2.24 1.66 -65.62
C LYS B 33 -3.67 1.31 -65.18
N ARG B 34 -3.81 0.88 -63.92
CA ARG B 34 -5.12 0.80 -63.25
C ARG B 34 -5.13 1.84 -62.13
N ILE B 35 -5.58 3.05 -62.44
CA ILE B 35 -5.49 4.17 -61.52
C ILE B 35 -6.80 4.35 -60.74
N LYS B 36 -6.75 4.01 -59.45
CA LYS B 36 -7.89 4.19 -58.54
C LYS B 36 -7.80 5.55 -57.87
N THR B 37 -8.97 6.14 -57.64
CA THR B 37 -9.07 7.49 -57.10
C THR B 37 -9.82 7.48 -55.75
N PHE B 38 -9.22 8.15 -54.76
CA PHE B 38 -9.77 8.19 -53.42
C PHE B 38 -10.12 9.63 -53.00
N GLU B 39 -11.31 9.83 -52.45
CA GLU B 39 -11.71 11.11 -51.90
C GLU B 39 -11.57 11.07 -50.38
N ILE B 40 -10.64 11.86 -49.83
CA ILE B 40 -10.30 11.76 -48.42
C ILE B 40 -10.54 13.06 -47.65
N TYR B 41 -11.40 12.97 -46.65
CA TYR B 41 -11.71 14.07 -45.75
C TYR B 41 -10.45 14.65 -45.15
N ARG B 42 -10.32 15.97 -45.22
CA ARG B 42 -9.13 16.68 -44.72
C ARG B 42 -9.53 17.75 -43.75
N PHE B 43 -8.72 17.96 -42.73
CA PHE B 43 -8.91 19.08 -41.84
C PHE B 43 -7.61 19.44 -41.17
N ASN B 44 -7.24 20.72 -41.27
CA ASN B 44 -6.02 21.19 -40.63
C ASN B 44 -6.31 22.26 -39.57
N PRO B 45 -6.18 21.92 -38.29
CA PRO B 45 -6.50 22.90 -37.25
C PRO B 45 -5.48 24.02 -37.13
N GLU B 46 -4.28 23.82 -37.65
CA GLU B 46 -3.20 24.82 -37.59
C GLU B 46 -3.56 26.04 -38.46
N GLU B 47 -4.06 25.77 -39.66
CA GLU B 47 -4.53 26.79 -40.60
C GLU B 47 -5.64 27.68 -39.99
N PRO B 48 -5.58 29.01 -40.23
CA PRO B 48 -6.57 29.91 -39.63
C PRO B 48 -7.90 29.99 -40.41
N GLY B 49 -9.00 29.93 -39.67
CA GLY B 49 -10.34 29.84 -40.26
C GLY B 49 -10.56 28.58 -41.08
N ALA B 50 -9.78 27.55 -40.79
CA ALA B 50 -9.72 26.37 -41.65
C ALA B 50 -11.02 25.60 -41.61
N LYS B 51 -11.42 25.09 -42.77
CA LYS B 51 -12.60 24.26 -42.91
C LYS B 51 -12.23 22.87 -43.39
N PRO B 52 -13.07 21.89 -43.09
CA PRO B 52 -12.89 20.58 -43.69
C PRO B 52 -12.98 20.65 -45.21
N LYS B 53 -12.46 19.63 -45.89
CA LYS B 53 -12.58 19.56 -47.35
C LYS B 53 -12.24 18.17 -47.87
N LEU B 54 -12.82 17.81 -49.01
CA LEU B 54 -12.52 16.54 -49.66
C LEU B 54 -11.33 16.71 -50.60
N GLN B 55 -10.43 15.73 -50.60
CA GLN B 55 -9.24 15.73 -51.44
C GLN B 55 -9.13 14.45 -52.24
N LYS B 56 -9.08 14.56 -53.56
CA LYS B 56 -8.94 13.39 -54.42
C LYS B 56 -7.48 12.99 -54.53
N PHE B 57 -7.24 11.68 -54.61
CA PHE B 57 -5.90 11.13 -54.74
C PHE B 57 -5.97 9.96 -55.69
N ASP B 58 -5.05 9.93 -56.64
CA ASP B 58 -4.99 8.85 -57.61
C ASP B 58 -3.93 7.83 -57.16
N VAL B 59 -4.26 6.55 -57.25
CA VAL B 59 -3.35 5.48 -56.82
C VAL B 59 -3.25 4.38 -57.88
N ASP B 60 -2.03 4.04 -58.27
CA ASP B 60 -1.82 2.93 -59.19
C ASP B 60 -1.99 1.59 -58.44
N LEU B 61 -3.10 0.90 -58.70
CA LEU B 61 -3.42 -0.33 -57.97
C LEU B 61 -2.42 -1.47 -58.18
N ASP B 62 -1.61 -1.40 -59.22
CA ASP B 62 -0.64 -2.47 -59.51
C ASP B 62 0.71 -2.25 -58.83
N LYS B 63 0.87 -1.11 -58.17
CA LYS B 63 1.99 -0.90 -57.26
C LYS B 63 1.45 -0.43 -55.91
N CYS B 64 0.54 -1.23 -55.37
CA CYS B 64 -0.09 -0.94 -54.08
C CYS B 64 -0.83 -2.15 -53.58
N GLY B 65 -0.71 -2.42 -52.29
CA GLY B 65 -1.33 -3.56 -51.66
C GLY B 65 -2.83 -3.54 -51.81
N THR B 66 -3.46 -4.56 -51.23
CA THR B 66 -4.86 -4.86 -51.51
C THR B 66 -5.84 -4.13 -50.58
N MET B 67 -5.37 -3.70 -49.41
CA MET B 67 -6.24 -3.11 -48.39
C MET B 67 -6.13 -1.58 -48.39
N VAL B 68 -7.22 -0.92 -48.03
CA VAL B 68 -7.31 0.54 -48.10
C VAL B 68 -6.25 1.24 -47.24
N LEU B 69 -5.77 0.60 -46.18
CA LEU B 69 -4.65 1.18 -45.42
C LEU B 69 -3.45 1.36 -46.35
N ASP B 70 -3.27 0.39 -47.24
CA ASP B 70 -2.12 0.39 -48.14
C ASP B 70 -2.15 1.59 -49.08
N ALA B 71 -3.35 1.99 -49.51
CA ALA B 71 -3.53 3.22 -50.30
C ALA B 71 -3.20 4.45 -49.46
N LEU B 72 -3.67 4.45 -48.21
CA LEU B 72 -3.44 5.59 -47.34
C LEU B 72 -1.96 5.78 -47.03
N ILE B 73 -1.23 4.68 -46.88
CA ILE B 73 0.20 4.76 -46.60
C ILE B 73 0.96 5.18 -47.85
N LYS B 74 0.58 4.58 -48.98
CA LYS B 74 1.20 4.89 -50.27
C LYS B 74 1.09 6.38 -50.56
N ILE B 75 -0.13 6.88 -50.50
CA ILE B 75 -0.41 8.29 -50.67
C ILE B 75 0.40 9.15 -49.70
N LYS B 76 0.53 8.74 -48.44
CA LYS B 76 1.30 9.55 -47.50
C LYS B 76 2.78 9.53 -47.87
N ASN B 77 3.23 8.40 -48.39
CA ASN B 77 4.65 8.18 -48.64
C ASN B 77 5.16 8.78 -49.94
N GLU B 78 4.37 8.65 -51.00
CA GLU B 78 4.79 9.06 -52.34
C GLU B 78 4.24 10.43 -52.74
N VAL B 79 2.93 10.63 -52.53
CA VAL B 79 2.28 11.91 -52.87
C VAL B 79 2.34 12.96 -51.75
N ASP B 80 1.59 12.76 -50.66
CA ASP B 80 1.36 13.80 -49.65
C ASP B 80 1.66 13.30 -48.23
N PRO B 81 2.79 13.72 -47.64
CA PRO B 81 3.08 13.27 -46.28
C PRO B 81 2.34 14.01 -45.16
N THR B 82 1.43 14.93 -45.48
CA THR B 82 0.61 15.58 -44.46
C THR B 82 -0.59 14.72 -44.12
N LEU B 83 -0.89 13.75 -45.00
CA LEU B 83 -2.01 12.86 -44.81
C LEU B 83 -1.85 12.09 -43.51
N THR B 84 -2.86 12.16 -42.65
CA THR B 84 -2.73 11.76 -41.25
C THR B 84 -3.83 10.80 -40.83
N PHE B 85 -3.42 9.65 -40.30
CA PHE B 85 -4.35 8.63 -39.80
C PHE B 85 -3.70 7.80 -38.70
N ARG B 86 -4.53 7.13 -37.92
CA ARG B 86 -4.05 6.13 -36.97
C ARG B 86 -3.93 4.76 -37.63
N ARG B 87 -2.87 4.04 -37.26
CA ARG B 87 -2.72 2.63 -37.61
C ARG B 87 -1.61 2.01 -36.76
N SER B 88 -1.65 0.70 -36.60
CA SER B 88 -0.60 0.03 -35.84
C SER B 88 -0.41 -1.40 -36.31
N CYS B 89 -1.40 -2.26 -36.11
CA CYS B 89 -1.24 -3.65 -36.51
C CYS B 89 -1.42 -3.71 -38.02
N ARG B 90 -1.19 -4.89 -38.58
CA ARG B 90 -1.49 -5.09 -39.98
C ARG B 90 -2.70 -6.01 -40.17
N GLU B 91 -3.16 -6.65 -39.09
CA GLU B 91 -4.09 -7.80 -39.15
C GLU B 91 -5.51 -7.55 -38.61
N GLY B 92 -5.87 -6.31 -38.32
CA GLY B 92 -7.22 -5.98 -37.85
C GLY B 92 -7.53 -6.40 -36.42
N ILE B 93 -6.57 -6.21 -35.54
CA ILE B 93 -6.68 -6.60 -34.14
C ILE B 93 -6.52 -5.43 -33.17
N CYS B 94 -5.75 -4.42 -33.55
CA CYS B 94 -5.45 -3.30 -32.68
C CYS B 94 -6.62 -2.36 -32.57
N GLY B 95 -7.34 -2.18 -33.66
CA GLY B 95 -8.44 -1.23 -33.71
C GLY B 95 -8.09 0.22 -34.04
N SER B 96 -6.80 0.53 -34.23
CA SER B 96 -6.38 1.94 -34.42
C SER B 96 -7.00 2.64 -35.62
N CYS B 97 -7.24 1.89 -36.68
CA CYS B 97 -7.49 2.50 -38.00
C CYS B 97 -8.96 2.56 -38.39
N ALA B 98 -9.86 2.59 -37.40
CA ALA B 98 -11.28 2.65 -37.74
C ALA B 98 -11.55 3.99 -38.43
N MET B 99 -12.42 3.98 -39.42
CA MET B 99 -12.78 5.17 -40.17
C MET B 99 -13.95 4.84 -41.09
N ASN B 100 -14.50 5.82 -41.80
CA ASN B 100 -15.58 5.54 -42.73
C ASN B 100 -15.13 5.40 -44.18
N ILE B 101 -15.24 4.17 -44.69
CA ILE B 101 -14.78 3.82 -46.03
C ILE B 101 -16.00 3.39 -46.86
N ALA B 102 -16.23 4.11 -47.96
CA ALA B 102 -17.34 3.84 -48.90
C ALA B 102 -18.68 3.80 -48.18
N GLY B 103 -18.88 4.78 -47.30
CA GLY B 103 -20.12 4.89 -46.51
C GLY B 103 -20.17 4.15 -45.17
N GLU B 104 -19.42 3.05 -45.05
CA GLU B 104 -19.51 2.18 -43.87
C GLU B 104 -18.33 2.38 -42.92
N ASN B 105 -18.58 2.12 -41.63
CA ASN B 105 -17.52 2.16 -40.61
C ASN B 105 -16.83 0.81 -40.55
N THR B 106 -15.57 0.78 -40.92
CA THR B 106 -14.79 -0.46 -40.94
C THR B 106 -13.33 -0.14 -40.62
N LEU B 107 -12.48 -1.15 -40.73
CA LEU B 107 -11.03 -0.96 -40.54
C LEU B 107 -10.32 -0.90 -41.90
N ALA B 108 -9.49 0.12 -42.10
CA ALA B 108 -8.71 0.26 -43.34
C ALA B 108 -7.83 -0.95 -43.62
N CYS B 109 -7.18 -1.45 -42.58
CA CYS B 109 -6.19 -2.52 -42.72
C CYS B 109 -6.73 -3.87 -43.19
N ILE B 110 -8.04 -4.09 -43.11
CA ILE B 110 -8.66 -5.30 -43.68
C ILE B 110 -9.83 -4.98 -44.59
N CYS B 111 -9.86 -3.75 -45.08
CA CYS B 111 -10.88 -3.33 -46.03
C CYS B 111 -10.30 -3.45 -47.44
N ASN B 112 -10.82 -4.38 -48.22
CA ASN B 112 -10.35 -4.57 -49.58
C ASN B 112 -10.68 -3.37 -50.44
N ILE B 113 -9.66 -2.86 -51.13
CA ILE B 113 -9.80 -1.73 -52.05
C ILE B 113 -10.76 -2.15 -53.14
N ASP B 114 -11.62 -1.23 -53.59
CA ASP B 114 -12.56 -1.55 -54.68
C ASP B 114 -11.85 -1.47 -56.05
N GLN B 115 -11.70 -2.64 -56.66
CA GLN B 115 -10.95 -2.82 -57.91
C GLN B 115 -11.50 -1.94 -59.03
N ASN B 116 -12.82 -1.80 -59.05
CA ASN B 116 -13.55 -0.98 -60.00
C ASN B 116 -13.09 0.48 -59.97
N THR B 117 -12.26 0.90 -60.93
CA THR B 117 -11.68 2.25 -60.91
C THR B 117 -12.56 3.36 -61.50
N SER B 118 -13.69 3.00 -62.09
CA SER B 118 -14.69 3.98 -62.50
C SER B 118 -15.47 4.53 -61.28
N LYS B 119 -15.32 3.86 -60.14
CA LYS B 119 -15.82 4.35 -58.85
C LYS B 119 -14.69 5.10 -58.13
N THR B 120 -15.04 5.99 -57.23
CA THR B 120 -14.04 6.65 -56.40
C THR B 120 -14.43 6.47 -54.93
N THR B 121 -13.77 5.52 -54.25
CA THR B 121 -14.04 5.24 -52.85
C THR B 121 -13.84 6.51 -51.99
N LYS B 122 -14.85 6.84 -51.17
CA LYS B 122 -14.77 7.99 -50.26
C LYS B 122 -14.32 7.56 -48.87
N ILE B 123 -13.47 8.38 -48.28
CA ILE B 123 -12.84 8.05 -46.99
C ILE B 123 -12.99 9.21 -45.99
N TYR B 124 -13.85 8.99 -45.00
CA TYR B 124 -14.15 9.97 -43.98
C TYR B 124 -13.75 9.41 -42.63
N PRO B 125 -13.67 10.28 -41.61
CA PRO B 125 -13.40 9.77 -40.28
C PRO B 125 -14.63 9.08 -39.76
N LEU B 126 -14.54 8.58 -38.53
CA LEU B 126 -15.68 7.99 -37.83
C LEU B 126 -16.77 9.05 -37.69
N PRO B 127 -17.98 8.74 -38.18
CA PRO B 127 -19.03 9.76 -38.17
C PRO B 127 -19.31 10.40 -36.82
N HIS B 128 -19.62 11.69 -36.88
CA HIS B 128 -20.08 12.50 -35.75
C HIS B 128 -19.13 12.59 -34.57
N MET B 129 -17.85 12.38 -34.79
CA MET B 129 -16.85 12.68 -33.76
C MET B 129 -16.12 13.99 -34.09
N PHE B 130 -15.82 14.77 -33.06
CA PHE B 130 -14.96 15.92 -33.22
C PHE B 130 -13.62 15.45 -33.72
N VAL B 131 -13.04 16.17 -34.68
CA VAL B 131 -11.78 15.72 -35.28
C VAL B 131 -10.60 16.57 -34.83
N ILE B 132 -9.47 15.89 -34.67
CA ILE B 132 -8.21 16.55 -34.33
C ILE B 132 -7.53 17.01 -35.61
N LYS B 133 -7.39 16.09 -36.56
CA LYS B 133 -6.72 16.35 -37.82
C LYS B 133 -7.00 15.24 -38.82
N ASP B 134 -7.19 15.63 -40.08
CA ASP B 134 -7.55 14.69 -41.14
C ASP B 134 -8.50 13.58 -40.62
N LEU B 135 -8.10 12.30 -40.70
CA LEU B 135 -8.95 11.17 -40.32
C LEU B 135 -8.77 10.72 -38.86
N VAL B 136 -8.16 11.57 -38.02
CA VAL B 136 -7.91 11.26 -36.61
C VAL B 136 -8.94 11.93 -35.70
N PRO B 137 -9.98 11.20 -35.28
CA PRO B 137 -11.00 11.75 -34.36
C PRO B 137 -10.62 11.72 -32.87
N ASP B 138 -11.00 12.76 -32.13
CA ASP B 138 -10.84 12.76 -30.65
C ASP B 138 -11.70 11.63 -30.04
N MET B 139 -11.05 10.83 -29.21
CA MET B 139 -11.51 9.52 -28.91
C MET B 139 -11.68 9.33 -27.39
N ASN B 140 -11.57 10.42 -26.64
CA ASN B 140 -11.46 10.34 -25.17
C ASN B 140 -12.75 10.20 -24.38
N LEU B 141 -13.88 10.58 -24.98
CA LEU B 141 -15.17 10.32 -24.37
C LEU B 141 -15.40 8.83 -24.43
N PHE B 142 -15.19 8.26 -25.62
CA PHE B 142 -15.33 6.83 -25.85
C PHE B 142 -14.57 6.05 -24.79
N TYR B 143 -13.36 6.49 -24.51
CA TYR B 143 -12.51 5.85 -23.51
C TYR B 143 -12.99 6.09 -22.09
N ALA B 144 -13.58 7.28 -21.84
CA ALA B 144 -14.09 7.64 -20.53
C ALA B 144 -15.35 6.83 -20.22
N GLN B 145 -16.28 6.83 -21.16
CA GLN B 145 -17.47 6.00 -21.06
C GLN B 145 -17.09 4.55 -20.77
N TYR B 146 -16.00 4.08 -21.40
CA TYR B 146 -15.47 2.75 -21.17
C TYR B 146 -15.00 2.59 -19.72
N ALA B 147 -14.33 3.61 -19.18
CA ALA B 147 -13.94 3.59 -17.77
C ALA B 147 -15.15 3.39 -16.84
N SER B 148 -16.26 4.03 -17.17
CA SER B 148 -17.43 4.12 -16.29
C SER B 148 -18.15 2.79 -16.02
N ILE B 149 -17.95 1.79 -16.87
CA ILE B 149 -18.49 0.45 -16.63
C ILE B 149 -17.61 -0.35 -15.68
N GLN B 150 -16.48 0.24 -15.25
CA GLN B 150 -15.53 -0.45 -14.40
C GLN B 150 -15.18 -1.80 -15.01
N PRO B 151 -14.39 -1.78 -16.10
CA PRO B 151 -14.15 -2.99 -16.87
C PRO B 151 -13.09 -3.86 -16.20
N TRP B 152 -13.45 -4.47 -15.09
CA TRP B 152 -12.52 -5.30 -14.33
C TRP B 152 -13.28 -6.19 -13.36
N LEU B 153 -12.67 -7.31 -12.97
CA LEU B 153 -13.32 -8.29 -12.11
C LEU B 153 -13.48 -7.81 -10.67
N GLN B 154 -14.65 -8.07 -10.09
CA GLN B 154 -14.97 -7.66 -8.74
C GLN B 154 -15.54 -8.86 -7.97
N LYS B 155 -15.19 -8.93 -6.68
CA LYS B 155 -15.58 -10.05 -5.82
C LYS B 155 -16.06 -9.53 -4.47
N LYS B 156 -17.24 -9.99 -4.02
CA LYS B 156 -17.80 -9.56 -2.72
C LYS B 156 -16.99 -10.12 -1.55
N THR B 157 -16.63 -11.41 -1.63
CA THR B 157 -15.71 -12.04 -0.70
C THR B 157 -14.30 -11.85 -1.23
N LYS B 158 -13.54 -10.94 -0.62
CA LYS B 158 -12.16 -10.66 -1.02
C LYS B 158 -11.36 -11.96 -1.24
N ILE B 159 -10.66 -12.03 -2.39
CA ILE B 159 -9.90 -13.21 -2.79
C ILE B 159 -8.42 -12.97 -2.56
N ASN B 160 -7.66 -14.04 -2.32
CA ASN B 160 -6.21 -13.96 -2.11
C ASN B 160 -5.48 -13.96 -3.48
N LEU B 161 -4.78 -12.88 -3.80
CA LEU B 161 -4.47 -12.53 -5.20
C LEU B 161 -3.81 -13.63 -6.06
N GLY B 162 -2.56 -13.98 -5.80
CA GLY B 162 -1.87 -14.94 -6.68
C GLY B 162 -2.27 -16.40 -6.56
N GLU B 163 -2.99 -16.74 -5.48
CA GLU B 163 -3.08 -18.10 -4.94
C GLU B 163 -3.80 -19.18 -5.78
N LYS B 164 -4.97 -18.90 -6.32
CA LYS B 164 -5.65 -19.93 -7.11
C LYS B 164 -6.62 -19.42 -8.18
N GLN B 165 -6.90 -20.29 -9.14
CA GLN B 165 -7.82 -20.00 -10.20
C GLN B 165 -9.23 -20.02 -9.67
N GLN B 166 -10.00 -18.99 -10.01
CA GLN B 166 -11.42 -18.99 -9.77
C GLN B 166 -12.06 -20.02 -10.69
N TYR B 167 -13.03 -20.76 -10.16
CA TYR B 167 -13.70 -21.78 -10.96
C TYR B 167 -14.60 -21.08 -11.99
N GLN B 168 -14.64 -21.65 -13.18
CA GLN B 168 -15.66 -21.30 -14.16
C GLN B 168 -15.71 -22.43 -15.17
N SER B 169 -16.92 -22.90 -15.46
CA SER B 169 -17.10 -23.98 -16.40
C SER B 169 -16.89 -23.47 -17.80
N ILE B 170 -16.82 -24.38 -18.76
CA ILE B 170 -16.73 -24.00 -20.17
C ILE B 170 -17.95 -23.15 -20.56
N LYS B 171 -19.13 -23.75 -20.52
CA LYS B 171 -20.35 -23.03 -20.92
C LYS B 171 -20.42 -21.61 -20.35
N GLU B 172 -20.02 -21.44 -19.10
CA GLU B 172 -20.01 -20.11 -18.47
C GLU B 172 -19.00 -19.17 -19.16
N GLN B 173 -17.81 -19.69 -19.45
CA GLN B 173 -16.83 -18.93 -20.21
C GLN B 173 -17.26 -18.72 -21.67
N GLU B 174 -18.04 -19.62 -22.26
CA GLU B 174 -18.49 -19.43 -23.64
C GLU B 174 -19.56 -18.32 -23.77
N LYS B 175 -20.12 -17.87 -22.65
CA LYS B 175 -21.00 -16.69 -22.62
C LYS B 175 -20.17 -15.41 -22.91
N LEU B 176 -18.87 -15.50 -22.63
CA LEU B 176 -17.91 -14.48 -23.00
C LEU B 176 -17.53 -14.48 -24.49
N ASP B 177 -17.66 -15.60 -25.20
CA ASP B 177 -17.48 -15.60 -26.65
C ASP B 177 -18.44 -14.60 -27.27
N GLY B 178 -18.00 -13.91 -28.32
CA GLY B 178 -18.81 -12.86 -28.94
C GLY B 178 -18.79 -11.54 -28.20
N LEU B 179 -18.10 -11.50 -27.06
CA LEU B 179 -18.08 -10.33 -26.19
C LEU B 179 -16.65 -9.83 -25.97
N TYR B 180 -15.75 -10.72 -25.55
CA TYR B 180 -14.37 -10.33 -25.22
C TYR B 180 -13.52 -10.00 -26.45
N GLU B 181 -14.00 -10.38 -27.64
CA GLU B 181 -13.28 -10.19 -28.88
C GLU B 181 -13.16 -8.73 -29.29
N CYS B 182 -14.04 -7.89 -28.76
CA CYS B 182 -14.11 -6.48 -29.14
C CYS B 182 -12.76 -5.77 -29.03
N ILE B 183 -12.36 -5.10 -30.10
CA ILE B 183 -11.06 -4.41 -30.15
C ILE B 183 -11.12 -2.93 -29.77
N LEU B 184 -12.32 -2.45 -29.40
CA LEU B 184 -12.56 -1.06 -28.96
C LEU B 184 -12.20 -0.05 -30.05
N CYS B 185 -12.62 -0.37 -31.29
CA CYS B 185 -12.34 0.48 -32.48
C CYS B 185 -13.38 1.59 -32.68
N ALA B 186 -14.58 1.39 -32.14
CA ALA B 186 -15.65 2.39 -32.14
C ALA B 186 -16.35 2.57 -33.49
N CYS B 187 -16.20 1.59 -34.39
CA CYS B 187 -16.99 1.58 -35.64
C CYS B 187 -18.49 1.53 -35.32
N CYS B 188 -18.84 0.70 -34.36
CA CYS B 188 -20.25 0.52 -34.01
C CYS B 188 -20.88 1.75 -33.38
N SER B 189 -20.23 2.31 -32.36
CA SER B 189 -20.77 3.50 -31.71
C SER B 189 -20.88 4.67 -32.69
N ALA B 190 -19.84 4.83 -33.52
CA ALA B 190 -19.80 5.89 -34.53
C ALA B 190 -20.74 5.67 -35.71
N SER B 191 -21.43 4.53 -35.75
CA SER B 191 -22.44 4.25 -36.77
C SER B 191 -23.84 4.44 -36.23
N CYS B 192 -23.95 4.64 -34.92
CA CYS B 192 -25.23 4.62 -34.23
C CYS B 192 -25.81 6.01 -34.17
N PRO B 193 -26.93 6.26 -34.85
CA PRO B 193 -27.55 7.59 -34.81
C PRO B 193 -27.97 8.01 -33.41
N SER B 194 -28.50 7.09 -32.64
CA SER B 194 -28.82 7.33 -31.23
C SER B 194 -27.62 7.95 -30.50
N TYR B 195 -26.45 7.37 -30.75
CA TYR B 195 -25.17 7.85 -30.19
C TYR B 195 -24.62 9.13 -30.83
N TRP B 196 -25.00 9.41 -32.07
CA TRP B 196 -24.64 10.69 -32.68
C TRP B 196 -25.26 11.85 -31.92
N TRP B 197 -26.57 11.75 -31.68
CA TRP B 197 -27.33 12.81 -31.04
C TRP B 197 -27.09 12.92 -29.54
N ASN B 198 -26.62 11.86 -28.89
CA ASN B 198 -26.52 11.90 -27.44
C ASN B 198 -25.29 11.21 -26.83
N ALA B 199 -24.15 11.35 -27.50
CA ALA B 199 -22.93 10.74 -27.02
C ALA B 199 -22.74 11.00 -25.53
N ASP B 200 -22.99 12.25 -25.11
CA ASP B 200 -22.75 12.62 -23.72
C ASP B 200 -23.60 11.85 -22.69
N LYS B 201 -24.74 11.29 -23.11
CA LYS B 201 -25.65 10.62 -22.19
C LYS B 201 -25.93 9.14 -22.54
N TYR B 202 -26.09 8.82 -23.82
CA TYR B 202 -26.19 7.42 -24.26
C TYR B 202 -24.78 6.81 -24.35
N LEU B 203 -24.59 5.63 -23.75
CA LEU B 203 -23.26 4.99 -23.69
C LEU B 203 -22.78 4.40 -25.02
N GLY B 204 -23.72 4.00 -25.87
CA GLY B 204 -23.38 3.40 -27.16
C GLY B 204 -23.01 1.93 -27.10
N PRO B 205 -23.09 1.23 -28.24
CA PRO B 205 -22.88 -0.20 -28.38
C PRO B 205 -21.52 -0.75 -27.91
N ALA B 206 -20.41 -0.08 -28.23
CA ALA B 206 -19.10 -0.62 -27.83
C ALA B 206 -19.02 -0.75 -26.31
N VAL B 207 -19.35 0.33 -25.59
CA VAL B 207 -19.31 0.34 -24.12
C VAL B 207 -20.41 -0.55 -23.50
N LEU B 208 -21.59 -0.54 -24.10
CA LEU B 208 -22.68 -1.36 -23.56
C LEU B 208 -22.34 -2.84 -23.65
N MET B 209 -21.88 -3.29 -24.82
CA MET B 209 -21.53 -4.69 -25.00
C MET B 209 -20.43 -5.11 -24.04
N GLN B 210 -19.54 -4.19 -23.66
CA GLN B 210 -18.52 -4.49 -22.65
C GLN B 210 -19.12 -4.49 -21.26
N ALA B 211 -20.05 -3.56 -21.03
CA ALA B 211 -20.83 -3.53 -19.78
C ALA B 211 -21.49 -4.87 -19.56
N TYR B 212 -22.09 -5.42 -20.61
CA TYR B 212 -22.69 -6.75 -20.55
C TYR B 212 -21.65 -7.85 -20.32
N ARG B 213 -20.49 -7.75 -20.98
CA ARG B 213 -19.41 -8.72 -20.84
C ARG B 213 -18.92 -8.93 -19.38
N TRP B 214 -19.06 -7.94 -18.51
CA TRP B 214 -18.74 -8.14 -17.09
C TRP B 214 -19.96 -8.59 -16.32
N ILE B 215 -21.14 -8.17 -16.77
CA ILE B 215 -22.40 -8.59 -16.15
C ILE B 215 -22.60 -10.11 -16.22
N ILE B 216 -22.46 -10.73 -17.41
CA ILE B 216 -22.60 -12.21 -17.49
C ILE B 216 -21.32 -12.99 -17.15
N ASP B 217 -20.29 -12.34 -16.65
CA ASP B 217 -19.10 -13.08 -16.22
C ASP B 217 -19.41 -13.77 -14.90
N SER B 218 -19.73 -15.06 -14.97
CA SER B 218 -20.03 -15.85 -13.77
C SER B 218 -19.14 -15.46 -12.58
N ARG B 219 -17.86 -15.21 -12.83
CA ARG B 219 -16.91 -14.88 -11.79
C ARG B 219 -17.13 -13.51 -11.15
N ASP B 220 -17.87 -12.62 -11.82
CA ASP B 220 -18.06 -11.27 -11.32
C ASP B 220 -19.30 -11.19 -10.43
N ASP B 221 -19.12 -10.64 -9.23
CA ASP B 221 -20.16 -10.60 -8.21
C ASP B 221 -21.04 -9.36 -8.23
N SER B 222 -20.86 -8.49 -9.22
CA SER B 222 -21.43 -7.15 -9.12
C SER B 222 -22.46 -6.83 -10.19
N ALA B 223 -23.17 -7.84 -10.70
CA ALA B 223 -24.19 -7.60 -11.73
C ALA B 223 -25.14 -6.46 -11.33
N ALA B 224 -25.63 -6.51 -10.09
CA ALA B 224 -26.57 -5.53 -9.53
C ALA B 224 -26.10 -4.09 -9.69
N GLU B 225 -24.88 -3.83 -9.25
CA GLU B 225 -24.33 -2.49 -9.20
C GLU B 225 -23.96 -2.00 -10.60
N ARG B 226 -23.57 -2.93 -11.47
CA ARG B 226 -23.26 -2.65 -12.87
C ARG B 226 -24.50 -2.23 -13.63
N LEU B 227 -25.62 -2.89 -13.33
CA LEU B 227 -26.90 -2.56 -13.96
C LEU B 227 -27.45 -1.24 -13.43
N ALA B 228 -27.20 -0.98 -12.14
CA ALA B 228 -27.63 0.27 -11.50
C ALA B 228 -27.06 1.48 -12.23
N ARG B 229 -25.80 1.37 -12.66
CA ARG B 229 -25.12 2.44 -13.40
C ARG B 229 -25.81 2.86 -14.70
N MET B 230 -26.63 1.97 -15.27
CA MET B 230 -27.34 2.30 -16.50
C MET B 230 -28.85 2.03 -16.38
N GLN B 231 -29.39 2.48 -15.24
CA GLN B 231 -30.83 2.44 -14.93
C GLN B 231 -31.62 3.57 -15.60
N ASP B 232 -31.00 4.75 -15.68
CA ASP B 232 -31.66 5.96 -16.21
C ASP B 232 -32.17 5.81 -17.64
N GLY B 233 -32.91 6.82 -18.09
CA GLY B 233 -33.58 6.76 -19.38
C GLY B 233 -32.66 6.80 -20.59
N PHE B 234 -31.45 7.31 -20.41
CA PHE B 234 -30.49 7.46 -21.52
C PHE B 234 -29.45 6.34 -21.62
N SER B 235 -28.65 6.16 -20.55
CA SER B 235 -27.44 5.31 -20.55
C SER B 235 -27.50 4.11 -21.52
N ALA B 236 -28.48 3.22 -21.28
CA ALA B 236 -28.72 2.07 -22.12
C ALA B 236 -30.01 2.21 -22.91
N PHE B 237 -31.04 2.75 -22.27
CA PHE B 237 -32.40 2.74 -22.84
C PHE B 237 -32.58 3.63 -24.06
N LYS B 238 -31.64 4.52 -24.34
CA LYS B 238 -31.69 5.28 -25.58
C LYS B 238 -31.33 4.47 -26.84
N CYS B 239 -31.08 3.17 -26.68
CA CYS B 239 -30.89 2.31 -27.82
C CYS B 239 -32.21 2.09 -28.54
N HIS B 240 -32.42 2.77 -29.67
CA HIS B 240 -33.66 2.67 -30.42
C HIS B 240 -33.63 1.54 -31.47
N THR B 241 -32.96 0.44 -31.14
CA THR B 241 -32.81 -0.71 -32.06
C THR B 241 -32.69 -0.31 -33.55
N ILE B 242 -31.77 0.60 -33.85
CA ILE B 242 -31.47 0.99 -35.24
C ILE B 242 -30.71 -0.13 -35.98
N MET B 243 -29.92 -0.89 -35.21
CA MET B 243 -29.16 -2.06 -35.67
C MET B 243 -27.95 -1.76 -36.55
N ASN B 244 -27.57 -0.49 -36.70
CA ASN B 244 -26.38 -0.18 -37.50
C ASN B 244 -25.11 -0.80 -36.91
N CYS B 245 -25.03 -0.83 -35.58
CA CYS B 245 -23.86 -1.31 -34.87
C CYS B 245 -23.50 -2.73 -35.28
N THR B 246 -24.50 -3.60 -35.34
CA THR B 246 -24.26 -5.02 -35.64
C THR B 246 -23.97 -5.27 -37.13
N LYS B 247 -24.50 -4.41 -38.00
CA LYS B 247 -24.19 -4.45 -39.43
C LYS B 247 -22.73 -4.09 -39.68
N THR B 248 -22.29 -2.98 -39.09
CA THR B 248 -21.01 -2.37 -39.44
C THR B 248 -19.82 -3.04 -38.77
N CYS B 249 -20.03 -3.71 -37.64
CA CYS B 249 -18.90 -4.22 -36.84
C CYS B 249 -17.93 -5.02 -37.68
N PRO B 250 -16.69 -4.56 -37.78
CA PRO B 250 -15.71 -5.24 -38.60
C PRO B 250 -15.23 -6.58 -38.02
N LYS B 251 -15.52 -6.85 -36.75
CA LYS B 251 -15.17 -8.13 -36.12
C LYS B 251 -16.35 -9.11 -36.08
N HIS B 252 -17.37 -8.83 -36.91
CA HIS B 252 -18.54 -9.69 -36.99
C HIS B 252 -19.13 -10.00 -35.61
N LEU B 253 -19.27 -8.95 -34.79
CA LEU B 253 -19.85 -9.05 -33.45
C LEU B 253 -21.21 -8.36 -33.36
N ASN B 254 -21.87 -8.54 -32.21
CA ASN B 254 -23.28 -8.16 -32.08
C ASN B 254 -23.61 -7.35 -30.82
N PRO B 255 -23.31 -6.03 -30.84
CA PRO B 255 -23.67 -5.17 -29.72
C PRO B 255 -25.18 -5.11 -29.50
N ALA B 256 -25.95 -4.99 -30.58
CA ALA B 256 -27.40 -4.94 -30.47
C ALA B 256 -27.99 -6.08 -29.63
N ARG B 257 -27.44 -7.29 -29.76
CA ARG B 257 -27.94 -8.44 -29.02
C ARG B 257 -27.65 -8.29 -27.53
N ALA B 258 -26.47 -7.77 -27.22
CA ALA B 258 -26.09 -7.49 -25.84
C ALA B 258 -26.97 -6.42 -25.24
N ILE B 259 -27.31 -5.41 -26.03
CA ILE B 259 -28.09 -4.29 -25.52
C ILE B 259 -29.51 -4.74 -25.18
N GLY B 260 -30.14 -5.47 -26.09
CA GLY B 260 -31.43 -6.08 -25.80
C GLY B 260 -31.35 -6.92 -24.53
N GLU B 261 -30.24 -7.65 -24.41
CA GLU B 261 -30.04 -8.54 -23.28
C GLU B 261 -29.94 -7.71 -21.99
N ILE B 262 -29.37 -6.52 -22.11
CA ILE B 262 -29.23 -5.60 -20.98
C ILE B 262 -30.58 -5.05 -20.54
N LYS B 263 -31.37 -4.63 -21.52
CA LYS B 263 -32.71 -4.10 -21.28
C LYS B 263 -33.60 -5.10 -20.52
N MET B 264 -33.58 -6.35 -20.94
CA MET B 264 -34.31 -7.39 -20.26
C MET B 264 -33.90 -7.40 -18.79
N LEU B 265 -32.59 -7.50 -18.54
CA LEU B 265 -32.07 -7.54 -17.18
C LEU B 265 -32.48 -6.30 -16.37
N LEU B 266 -32.47 -5.13 -17.03
CA LEU B 266 -32.85 -3.88 -16.38
C LEU B 266 -34.33 -3.85 -15.99
N THR B 267 -35.18 -4.37 -16.86
CA THR B 267 -36.63 -4.43 -16.62
C THR B 267 -36.98 -5.61 -15.74
N LYS B 268 -36.00 -6.43 -15.41
CA LYS B 268 -36.18 -7.57 -14.53
C LYS B 268 -36.93 -8.73 -15.23
N MET B 269 -37.08 -8.64 -16.55
CA MET B 269 -37.62 -9.74 -17.36
C MET B 269 -36.71 -10.96 -17.32
N LYS B 270 -35.42 -10.72 -17.08
CA LYS B 270 -34.44 -11.78 -16.87
C LYS B 270 -33.56 -11.41 -15.70
N THR B 271 -32.82 -12.42 -15.24
CA THR B 271 -31.79 -12.21 -14.24
C THR B 271 -30.58 -13.09 -14.58
N LYS B 272 -29.43 -12.69 -14.07
CA LYS B 272 -28.20 -13.40 -14.30
C LYS B 272 -28.28 -14.69 -13.50
N PRO B 273 -27.89 -15.83 -14.11
CA PRO B 273 -27.83 -17.05 -13.31
C PRO B 273 -26.78 -16.91 -12.22
N ALA B 274 -26.94 -17.68 -11.14
CA ALA B 274 -25.92 -17.74 -10.11
C ALA B 274 -24.76 -18.59 -10.64
N PRO B 275 -23.53 -18.30 -10.20
CA PRO B 275 -22.39 -19.05 -10.73
C PRO B 275 -22.48 -20.51 -10.36
N LEU B 276 -22.23 -21.42 -11.31
CA LEU B 276 -22.13 -22.83 -10.98
C LEU B 276 -21.16 -23.01 -9.79
N PRO B 277 -21.46 -23.95 -8.87
CA PRO B 277 -20.68 -23.99 -7.64
C PRO B 277 -19.32 -24.65 -7.86
N THR B 278 -18.29 -24.10 -7.22
CA THR B 278 -16.93 -24.61 -7.35
C THR B 278 -16.74 -25.94 -6.57
N PRO B 279 -16.52 -27.08 -7.29
CA PRO B 279 -16.36 -28.39 -6.64
C PRO B 279 -15.36 -28.41 -5.46
N ALA B 280 -15.58 -29.30 -4.50
CA ALA B 280 -14.79 -29.30 -3.26
C ALA B 280 -13.33 -29.76 -3.47
N ASN B 281 -13.09 -30.55 -4.50
CA ASN B 281 -11.72 -30.98 -4.85
C ASN B 281 -10.89 -29.86 -5.50
N PHE B 282 -11.53 -29.10 -6.40
CA PHE B 282 -10.95 -27.94 -7.11
C PHE B 282 -10.19 -26.98 -6.18
N GLU C 34 -31.36 14.58 -13.11
CA GLU C 34 -30.17 14.12 -12.35
C GLU C 34 -29.32 13.20 -13.24
N LYS C 35 -28.07 13.58 -13.47
CA LYS C 35 -27.17 12.82 -14.36
C LYS C 35 -26.26 11.88 -13.58
N THR C 36 -25.81 10.84 -14.26
CA THR C 36 -24.75 9.98 -13.74
C THR C 36 -23.43 10.76 -13.79
N PRO C 37 -22.42 10.31 -13.05
CA PRO C 37 -21.17 11.06 -13.03
C PRO C 37 -20.52 11.17 -14.42
N ILE C 38 -20.53 10.06 -15.16
CA ILE C 38 -20.05 10.02 -16.54
C ILE C 38 -20.83 10.97 -17.47
N GLN C 39 -22.13 11.08 -17.24
CA GLN C 39 -22.98 11.98 -18.03
C GLN C 39 -22.68 13.48 -17.76
N VAL C 40 -22.20 13.77 -16.54
CA VAL C 40 -21.69 15.10 -16.22
C VAL C 40 -20.38 15.30 -16.94
N TRP C 41 -19.51 14.29 -16.83
CA TRP C 41 -18.21 14.31 -17.48
C TRP C 41 -18.37 14.48 -18.99
N GLY C 42 -19.27 13.70 -19.57
CA GLY C 42 -19.54 13.78 -21.00
C GLY C 42 -19.95 15.17 -21.45
N TRP C 43 -20.69 15.89 -20.59
CA TRP C 43 -21.15 17.20 -20.97
C TRP C 43 -19.97 18.15 -21.08
N ASP C 44 -19.13 18.15 -20.05
CA ASP C 44 -17.94 18.99 -20.03
C ASP C 44 -17.07 18.70 -21.25
N TYR C 45 -16.97 17.41 -21.60
CA TYR C 45 -16.24 16.99 -22.78
C TYR C 45 -16.72 17.75 -24.00
N LEU C 46 -18.02 17.67 -24.26
CA LEU C 46 -18.61 18.35 -25.41
C LEU C 46 -18.31 19.85 -25.37
N MET C 47 -18.27 20.43 -24.18
CA MET C 47 -18.00 21.85 -24.05
C MET C 47 -16.54 22.16 -24.37
N ARG C 48 -15.64 21.41 -23.76
CA ARG C 48 -14.23 21.47 -24.12
C ARG C 48 -14.02 21.42 -25.65
N GLN C 49 -14.81 20.58 -26.31
CA GLN C 49 -14.68 20.37 -27.73
C GLN C 49 -15.16 21.58 -28.50
N ARG C 50 -16.28 22.15 -28.07
CA ARG C 50 -16.76 23.40 -28.65
C ARG C 50 -15.68 24.46 -28.52
N ALA C 51 -15.10 24.57 -27.33
CA ALA C 51 -14.02 25.52 -27.05
C ALA C 51 -12.89 25.42 -28.07
N LEU C 52 -12.49 24.20 -28.40
CA LEU C 52 -11.41 23.96 -29.36
C LEU C 52 -11.84 24.13 -30.84
N LYS C 53 -13.06 24.61 -31.08
CA LYS C 53 -13.53 24.89 -32.44
C LYS C 53 -13.35 23.72 -33.42
N ARG C 54 -13.44 22.50 -32.92
CA ARG C 54 -13.22 21.32 -33.77
C ARG C 54 -14.46 20.98 -34.57
N PRO C 55 -14.29 20.66 -35.86
CA PRO C 55 -15.45 20.28 -36.65
C PRO C 55 -16.02 18.93 -36.20
N ILE C 56 -17.27 18.64 -36.56
CA ILE C 56 -17.84 17.33 -36.29
C ILE C 56 -17.85 16.53 -37.58
N ALA C 57 -17.39 15.30 -37.50
CA ALA C 57 -17.22 14.48 -38.67
C ALA C 57 -18.57 14.19 -39.32
N PRO C 58 -18.71 14.33 -40.65
CA PRO C 58 -20.00 14.11 -41.30
C PRO C 58 -20.60 12.72 -41.05
N HIS C 59 -21.93 12.63 -41.16
CA HIS C 59 -22.66 11.41 -40.77
C HIS C 59 -23.82 11.08 -41.74
N LEU C 60 -24.94 11.78 -41.65
CA LEU C 60 -26.11 11.54 -42.50
C LEU C 60 -25.80 11.72 -43.96
N THR C 61 -25.07 12.79 -44.25
CA THR C 61 -24.69 13.13 -45.60
C THR C 61 -23.69 12.15 -46.20
N ILE C 62 -22.96 11.38 -45.39
CA ILE C 62 -21.92 10.50 -45.92
C ILE C 62 -22.15 9.01 -45.68
N TYR C 63 -22.93 8.64 -44.67
CA TYR C 63 -23.09 7.23 -44.30
C TYR C 63 -23.94 6.50 -45.34
N LYS C 64 -23.60 5.25 -45.61
CA LYS C 64 -24.32 4.45 -46.61
C LYS C 64 -25.75 4.17 -46.18
N PRO C 65 -26.72 4.39 -47.08
CA PRO C 65 -28.08 3.95 -46.79
C PRO C 65 -28.10 2.44 -46.70
N GLN C 66 -28.75 1.91 -45.66
CA GLN C 66 -28.78 0.47 -45.40
C GLN C 66 -30.15 0.06 -44.87
N MET C 67 -30.49 -1.21 -45.03
CA MET C 67 -31.78 -1.71 -44.57
C MET C 67 -31.97 -1.59 -43.06
N THR C 68 -30.86 -1.44 -42.33
CA THR C 68 -30.95 -1.24 -40.90
C THR C 68 -31.63 0.12 -40.57
N TRP C 69 -30.87 1.21 -40.73
CA TRP C 69 -31.32 2.55 -40.34
C TRP C 69 -32.31 3.24 -41.30
N MET C 70 -32.50 2.73 -42.51
CA MET C 70 -33.56 3.24 -43.40
C MET C 70 -34.92 2.83 -42.86
N VAL C 71 -35.02 1.60 -42.35
CA VAL C 71 -36.29 1.08 -41.85
C VAL C 71 -36.63 1.72 -40.50
N SER C 72 -35.63 1.90 -39.63
CA SER C 72 -35.82 2.65 -38.40
C SER C 72 -36.06 4.13 -38.69
N GLY C 73 -35.50 4.60 -39.81
CA GLY C 73 -35.81 5.92 -40.31
C GLY C 73 -37.29 5.99 -40.63
N LEU C 74 -37.79 4.95 -41.29
CA LEU C 74 -39.21 4.88 -41.66
C LEU C 74 -40.10 4.74 -40.43
N HIS C 75 -39.69 3.90 -39.49
CA HIS C 75 -40.47 3.71 -38.28
C HIS C 75 -40.70 5.02 -37.52
N ARG C 76 -39.70 5.90 -37.51
CA ARG C 76 -39.85 7.23 -36.91
C ARG C 76 -40.68 8.20 -37.78
N VAL C 77 -40.40 8.24 -39.08
CA VAL C 77 -41.18 9.07 -39.99
C VAL C 77 -42.67 8.74 -39.83
N THR C 78 -43.02 7.48 -40.08
CA THR C 78 -44.42 7.06 -40.02
C THR C 78 -45.06 7.42 -38.67
N GLY C 79 -44.53 6.86 -37.59
CA GLY C 79 -45.04 7.17 -36.26
C GLY C 79 -45.30 8.65 -36.06
N CYS C 80 -44.37 9.50 -36.50
CA CYS C 80 -44.50 10.96 -36.35
C CYS C 80 -45.54 11.57 -37.29
N ALA C 81 -45.56 11.14 -38.54
CA ALA C 81 -46.54 11.66 -39.51
C ALA C 81 -47.97 11.29 -39.08
N MET C 82 -48.13 10.07 -38.54
CA MET C 82 -49.43 9.65 -38.01
C MET C 82 -49.80 10.48 -36.78
N ALA C 83 -48.84 10.74 -35.89
CA ALA C 83 -49.12 11.65 -34.79
C ALA C 83 -49.53 13.00 -35.36
N GLY C 84 -48.64 13.59 -36.16
CA GLY C 84 -48.85 14.90 -36.74
C GLY C 84 -50.22 15.06 -37.34
N THR C 85 -50.63 14.08 -38.14
CA THR C 85 -51.94 14.12 -38.79
C THR C 85 -53.07 14.16 -37.77
N LEU C 86 -53.04 13.24 -36.80
CA LEU C 86 -54.02 13.25 -35.71
C LEU C 86 -54.07 14.57 -34.95
N LEU C 87 -52.93 15.19 -34.67
CA LEU C 87 -52.92 16.51 -34.00
C LEU C 87 -53.41 17.63 -34.90
N ILE C 88 -52.82 17.76 -36.09
CA ILE C 88 -53.27 18.79 -37.04
C ILE C 88 -54.76 18.54 -37.33
N GLY C 89 -55.08 17.31 -37.70
CA GLY C 89 -56.47 16.94 -38.00
C GLY C 89 -57.40 17.23 -36.84
N GLY C 90 -57.05 16.73 -35.67
CA GLY C 90 -57.89 16.90 -34.49
C GLY C 90 -58.13 18.37 -34.17
N VAL C 91 -57.04 19.08 -33.90
CA VAL C 91 -57.11 20.50 -33.53
C VAL C 91 -57.54 21.40 -34.71
N GLY C 92 -57.23 21.00 -35.93
CA GLY C 92 -57.57 21.79 -37.11
C GLY C 92 -59.06 21.90 -37.34
N PHE C 93 -59.75 20.77 -37.39
CA PHE C 93 -61.19 20.76 -37.68
C PHE C 93 -62.04 21.33 -36.55
N SER C 94 -61.43 21.48 -35.36
CA SER C 94 -62.10 22.14 -34.23
C SER C 94 -61.91 23.65 -34.27
N VAL C 95 -60.67 24.08 -34.53
CA VAL C 95 -60.35 25.50 -34.58
C VAL C 95 -60.89 26.18 -35.84
N LEU C 96 -61.16 25.41 -36.89
CA LEU C 96 -61.78 25.95 -38.11
C LEU C 96 -63.31 25.73 -38.08
N PRO C 97 -64.07 26.58 -38.81
CA PRO C 97 -65.52 26.42 -38.92
C PRO C 97 -65.91 25.24 -39.82
N LEU C 98 -64.96 24.79 -40.63
CA LEU C 98 -65.12 23.60 -41.46
C LEU C 98 -65.33 22.33 -40.62
N ASP C 99 -66.14 21.41 -41.15
CA ASP C 99 -66.32 20.07 -40.56
C ASP C 99 -65.77 19.01 -41.52
N PHE C 100 -65.72 17.77 -41.06
CA PHE C 100 -65.14 16.69 -41.86
C PHE C 100 -65.97 16.38 -43.11
N THR C 101 -67.29 16.44 -42.97
CA THR C 101 -68.19 16.01 -44.06
C THR C 101 -68.09 16.92 -45.28
N THR C 102 -67.93 18.23 -45.08
CA THR C 102 -67.73 19.16 -46.20
C THR C 102 -66.34 19.00 -46.81
N PHE C 103 -65.35 18.68 -45.97
CA PHE C 103 -63.99 18.40 -46.45
C PHE C 103 -63.96 17.18 -47.38
N VAL C 104 -64.65 16.11 -46.99
CA VAL C 104 -64.75 14.91 -47.84
C VAL C 104 -65.50 15.24 -49.14
N GLU C 105 -66.54 16.06 -49.03
CA GLU C 105 -67.35 16.46 -50.19
C GLU C 105 -66.53 17.33 -51.15
N PHE C 106 -65.65 18.17 -50.61
CA PHE C 106 -64.84 19.06 -51.44
C PHE C 106 -63.99 18.30 -52.46
N ILE C 107 -63.24 17.29 -51.99
CA ILE C 107 -62.31 16.56 -52.87
C ILE C 107 -63.05 15.57 -53.79
N ARG C 108 -64.22 15.10 -53.33
CA ARG C 108 -65.10 14.31 -54.20
C ARG C 108 -65.54 15.18 -55.36
N GLY C 109 -66.01 16.38 -55.03
CA GLY C 109 -66.38 17.38 -56.03
C GLY C 109 -65.28 17.70 -57.03
N LEU C 110 -64.02 17.56 -56.62
CA LEU C 110 -62.90 17.75 -57.53
C LEU C 110 -62.79 16.65 -58.61
N GLY C 111 -63.53 15.56 -58.43
CA GLY C 111 -63.67 14.52 -59.46
C GLY C 111 -62.33 14.05 -60.01
N ILE C 112 -61.42 13.72 -59.10
CA ILE C 112 -60.06 13.29 -59.47
C ILE C 112 -60.04 11.80 -59.77
N PRO C 113 -59.17 11.35 -60.72
CA PRO C 113 -59.13 9.97 -61.20
C PRO C 113 -59.14 8.88 -60.12
N TRP C 114 -59.73 7.74 -60.43
CA TRP C 114 -59.99 6.68 -59.43
C TRP C 114 -58.69 6.07 -58.88
N VAL C 115 -57.72 5.84 -59.75
CA VAL C 115 -56.45 5.21 -59.38
C VAL C 115 -55.69 6.11 -58.42
N ILE C 116 -55.67 7.40 -58.73
CA ILE C 116 -55.02 8.40 -57.89
C ILE C 116 -55.64 8.47 -56.49
N LEU C 117 -56.95 8.25 -56.39
CA LEU C 117 -57.62 8.24 -55.08
C LEU C 117 -57.27 7.02 -54.23
N ASP C 118 -57.04 5.88 -54.87
CA ASP C 118 -56.60 4.67 -54.16
C ASP C 118 -55.10 4.70 -53.78
N THR C 119 -54.33 5.51 -54.51
CA THR C 119 -52.94 5.78 -54.15
C THR C 119 -52.88 6.60 -52.86
N PHE C 120 -53.71 7.64 -52.75
CA PHE C 120 -53.80 8.41 -51.52
C PHE C 120 -54.27 7.55 -50.37
N LYS C 121 -55.19 6.63 -50.63
CA LYS C 121 -55.64 5.68 -49.60
C LYS C 121 -54.50 4.76 -49.16
N PHE C 122 -53.74 4.27 -50.13
CA PHE C 122 -52.60 3.38 -49.88
C PHE C 122 -51.50 4.07 -49.06
N ILE C 123 -51.24 5.34 -49.37
CA ILE C 123 -50.30 6.17 -48.60
C ILE C 123 -50.81 6.36 -47.16
N ILE C 124 -52.12 6.48 -46.97
CA ILE C 124 -52.69 6.58 -45.63
C ILE C 124 -52.59 5.26 -44.89
N ALA C 125 -52.77 4.16 -45.60
CA ALA C 125 -52.84 2.83 -44.98
C ALA C 125 -51.47 2.25 -44.63
N PHE C 126 -50.49 2.46 -45.52
CA PHE C 126 -49.14 1.90 -45.35
C PHE C 126 -48.48 2.27 -44.01
N PRO C 127 -48.40 3.57 -43.70
CA PRO C 127 -47.87 3.98 -42.39
C PRO C 127 -48.49 3.23 -41.21
N ILE C 128 -49.79 2.99 -41.25
CA ILE C 128 -50.45 2.24 -40.17
C ILE C 128 -50.03 0.77 -40.17
N ALA C 129 -50.01 0.16 -41.36
CA ALA C 129 -49.62 -1.24 -41.50
C ALA C 129 -48.14 -1.45 -41.15
N PHE C 130 -47.27 -0.66 -41.75
CA PHE C 130 -45.83 -0.86 -41.56
C PHE C 130 -45.41 -0.63 -40.11
N HIS C 131 -45.64 0.57 -39.59
CA HIS C 131 -45.24 0.91 -38.24
C HIS C 131 -45.75 -0.10 -37.20
N THR C 132 -46.96 -0.60 -37.39
CA THR C 132 -47.52 -1.59 -36.47
C THR C 132 -46.74 -2.89 -36.57
N LEU C 133 -46.55 -3.37 -37.80
CA LEU C 133 -45.80 -4.59 -38.08
C LEU C 133 -44.36 -4.48 -37.60
N ASN C 134 -43.68 -3.40 -37.99
CA ASN C 134 -42.30 -3.18 -37.59
C ASN C 134 -42.17 -2.93 -36.10
N GLY C 135 -43.21 -2.39 -35.49
CA GLY C 135 -43.24 -2.20 -34.04
C GLY C 135 -43.06 -3.48 -33.25
N ILE C 136 -43.61 -4.59 -33.76
CA ILE C 136 -43.44 -5.89 -33.09
C ILE C 136 -41.99 -6.38 -33.35
N ARG C 137 -41.46 -6.10 -34.53
CA ARG C 137 -40.07 -6.42 -34.89
C ARG C 137 -39.10 -5.78 -33.91
N PHE C 138 -39.30 -4.48 -33.64
CA PHE C 138 -38.44 -3.73 -32.72
C PHE C 138 -38.61 -4.16 -31.27
N ILE C 139 -39.81 -4.60 -30.89
CA ILE C 139 -40.03 -5.18 -29.56
C ILE C 139 -39.21 -6.45 -29.43
N GLY C 140 -39.19 -7.25 -30.50
CA GLY C 140 -38.32 -8.43 -30.58
C GLY C 140 -36.86 -8.09 -30.37
N PHE C 141 -36.41 -7.01 -31.02
CA PHE C 141 -35.07 -6.51 -30.81
C PHE C 141 -34.82 -6.07 -29.36
N ASP C 142 -35.81 -5.42 -28.73
CA ASP C 142 -35.67 -5.01 -27.30
C ASP C 142 -35.52 -6.24 -26.39
N MET C 143 -35.98 -7.38 -26.87
CA MET C 143 -35.88 -8.63 -26.13
C MET C 143 -34.69 -9.50 -26.58
N ALA C 144 -33.88 -8.98 -27.50
CA ALA C 144 -32.69 -9.67 -28.02
C ALA C 144 -33.02 -10.77 -29.02
N LYS C 145 -34.27 -10.81 -29.50
CA LYS C 145 -34.68 -11.78 -30.50
C LYS C 145 -34.38 -11.27 -31.92
N GLY C 146 -33.85 -12.16 -32.76
CA GLY C 146 -33.73 -11.91 -34.20
C GLY C 146 -32.68 -10.90 -34.61
N THR C 147 -31.65 -10.72 -33.77
CA THR C 147 -30.65 -9.63 -33.94
C THR C 147 -29.43 -9.99 -34.79
N ASP C 148 -29.33 -11.24 -35.23
CA ASP C 148 -28.31 -11.65 -36.18
C ASP C 148 -28.61 -11.03 -37.53
N ILE C 149 -27.62 -10.86 -38.39
CA ILE C 149 -27.77 -10.07 -39.61
C ILE C 149 -28.76 -10.67 -40.62
N PRO C 150 -28.75 -12.00 -40.79
CA PRO C 150 -29.78 -12.56 -41.63
C PRO C 150 -31.17 -12.20 -41.11
N SER C 151 -31.47 -12.58 -39.87
CA SER C 151 -32.77 -12.28 -39.24
C SER C 151 -33.18 -10.83 -39.44
N ILE C 152 -32.29 -9.90 -39.10
CA ILE C 152 -32.52 -8.48 -39.32
C ILE C 152 -33.07 -8.25 -40.73
N TYR C 153 -32.38 -8.80 -41.72
CA TYR C 153 -32.73 -8.59 -43.13
C TYR C 153 -33.99 -9.36 -43.60
N ARG C 154 -34.32 -10.47 -42.94
CA ARG C 154 -35.56 -11.18 -43.24
C ARG C 154 -36.73 -10.37 -42.71
N GLY C 155 -36.70 -10.11 -41.40
CA GLY C 155 -37.74 -9.32 -40.74
C GLY C 155 -37.95 -7.95 -41.37
N ALA C 156 -36.89 -7.37 -41.95
CA ALA C 156 -37.04 -6.10 -42.65
C ALA C 156 -37.87 -6.30 -43.91
N TYR C 157 -37.45 -7.20 -44.78
CA TYR C 157 -38.18 -7.45 -46.03
C TYR C 157 -39.61 -7.93 -45.75
N LEU C 158 -39.73 -8.84 -44.78
CA LEU C 158 -41.02 -9.40 -44.39
C LEU C 158 -41.94 -8.25 -44.00
N VAL C 159 -41.59 -7.56 -42.90
CA VAL C 159 -42.42 -6.47 -42.34
C VAL C 159 -42.72 -5.38 -43.37
N LEU C 160 -41.72 -5.05 -44.19
CA LEU C 160 -41.90 -4.08 -45.26
C LEU C 160 -42.81 -4.65 -46.35
N GLY C 161 -42.64 -5.94 -46.65
CA GLY C 161 -43.43 -6.63 -47.66
C GLY C 161 -44.89 -6.80 -47.30
N LEU C 162 -45.14 -7.36 -46.11
CA LEU C 162 -46.51 -7.54 -45.61
C LEU C 162 -47.26 -6.22 -45.48
N ALA C 163 -46.58 -5.17 -45.00
CA ALA C 163 -47.21 -3.86 -44.86
C ALA C 163 -47.76 -3.43 -46.22
N ALA C 164 -46.90 -3.49 -47.23
CA ALA C 164 -47.30 -3.15 -48.60
C ALA C 164 -48.45 -4.04 -49.08
N LEU C 165 -48.37 -5.33 -48.73
CA LEU C 165 -49.38 -6.32 -49.11
C LEU C 165 -50.75 -5.94 -48.53
N ILE C 166 -50.80 -5.80 -47.20
CA ILE C 166 -52.02 -5.44 -46.47
C ILE C 166 -52.63 -4.13 -46.97
N SER C 167 -51.79 -3.10 -47.14
CA SER C 167 -52.24 -1.80 -47.65
C SER C 167 -52.85 -1.88 -49.04
N LEU C 168 -52.32 -2.77 -49.88
CA LEU C 168 -52.91 -3.03 -51.20
C LEU C 168 -54.28 -3.69 -51.02
N ALA C 169 -54.32 -4.76 -50.21
CA ALA C 169 -55.56 -5.51 -49.98
C ALA C 169 -56.70 -4.61 -49.50
N VAL C 170 -56.41 -3.74 -48.54
CA VAL C 170 -57.41 -2.86 -47.91
C VAL C 170 -57.86 -1.71 -48.82
N VAL C 171 -57.06 -1.38 -49.83
CA VAL C 171 -57.41 -0.33 -50.79
C VAL C 171 -58.09 -0.90 -52.03
N VAL C 172 -57.72 -2.13 -52.39
CA VAL C 172 -58.19 -2.76 -53.62
C VAL C 172 -59.38 -3.70 -53.41
N TYR C 173 -59.61 -4.16 -52.17
CA TYR C 173 -60.73 -5.06 -51.89
C TYR C 173 -62.10 -4.38 -52.03
N PRO C 174 -62.27 -3.17 -51.49
CA PRO C 174 -63.54 -2.46 -51.68
C PRO C 174 -63.72 -1.97 -53.11
N ARG C 175 -62.63 -1.61 -53.78
CA ARG C 175 -62.72 -1.15 -55.17
C ARG C 175 -63.03 -2.32 -56.13
N TRP C 176 -62.70 -3.55 -55.72
CA TRP C 176 -63.10 -4.76 -56.44
C TRP C 176 -64.55 -5.07 -56.10
N GLU C 177 -64.96 -4.70 -54.88
CA GLU C 177 -66.35 -4.86 -54.43
C GLU C 177 -67.26 -3.74 -54.95
N ARG C 178 -66.69 -2.62 -55.39
CA ARG C 178 -67.46 -1.49 -55.93
C ARG C 178 -67.56 -1.55 -57.47
N HIS C 179 -66.57 -2.14 -58.12
CA HIS C 179 -66.63 -2.45 -59.56
C HIS C 179 -67.49 -3.70 -59.79
N LYS C 180 -67.71 -4.49 -58.73
CA LYS C 180 -68.66 -5.61 -58.77
C LYS C 180 -70.13 -5.16 -58.77
N LYS C 181 -70.39 -3.87 -58.62
CA LYS C 181 -71.73 -3.30 -58.78
C LYS C 181 -71.86 -2.43 -60.03
N ALA C 182 -70.77 -1.80 -60.46
CA ALA C 182 -70.78 -1.02 -61.71
C ALA C 182 -71.23 -1.91 -62.87
N THR C 183 -70.55 -3.03 -63.03
CA THR C 183 -70.96 -4.09 -63.96
C THR C 183 -70.90 -5.42 -63.22
N LEU C 184 -71.93 -6.25 -63.38
CA LEU C 184 -72.15 -7.39 -62.48
C LEU C 184 -73.07 -8.45 -63.08
N PRO C 185 -73.02 -9.70 -62.57
CA PRO C 185 -73.98 -10.70 -63.01
C PRO C 185 -75.42 -10.32 -62.63
N THR C 186 -75.61 -9.88 -61.39
CA THR C 186 -76.93 -9.44 -60.92
C THR C 186 -77.23 -8.01 -61.38
N THR D 28 12.66 27.28 -25.27
CA THR D 28 13.48 26.78 -24.12
C THR D 28 12.61 26.36 -22.94
N SER D 29 13.22 25.64 -22.01
CA SER D 29 12.52 25.13 -20.83
C SER D 29 12.47 26.15 -19.69
N ALA D 30 11.91 27.33 -20.01
CA ALA D 30 11.45 28.28 -19.00
C ALA D 30 9.94 28.44 -19.25
N ALA D 31 9.20 27.47 -18.71
CA ALA D 31 7.79 27.33 -18.99
C ALA D 31 7.04 26.85 -17.74
N VAL D 32 5.76 26.51 -17.91
CA VAL D 32 4.81 26.48 -16.79
C VAL D 32 4.52 25.07 -16.33
N THR D 33 4.19 24.92 -15.06
CA THR D 33 3.72 23.64 -14.52
C THR D 33 2.30 23.37 -15.00
N GLY D 34 2.06 22.15 -15.51
CA GLY D 34 0.77 21.78 -16.08
C GLY D 34 0.03 20.80 -15.22
N ALA D 35 -1.25 20.63 -15.52
CA ALA D 35 -2.14 19.76 -14.77
C ALA D 35 -2.33 18.43 -15.48
N ALA D 36 -2.89 17.46 -14.77
CA ALA D 36 -3.20 16.15 -15.37
C ALA D 36 -4.23 16.33 -16.47
N PRO D 37 -4.16 15.51 -17.52
CA PRO D 37 -5.19 15.59 -18.53
C PRO D 37 -6.56 15.22 -17.95
N PRO D 38 -7.64 15.67 -18.61
CA PRO D 38 -8.97 15.34 -18.12
C PRO D 38 -9.22 13.86 -18.32
N GLN D 39 -9.71 13.22 -17.27
CA GLN D 39 -9.79 11.77 -17.20
C GLN D 39 -10.90 11.42 -16.24
N PHE D 40 -11.60 10.33 -16.52
CA PHE D 40 -12.74 9.94 -15.71
C PHE D 40 -12.29 8.91 -14.70
N ASP D 41 -12.42 9.25 -13.43
CA ASP D 41 -12.12 8.31 -12.35
C ASP D 41 -13.41 7.62 -11.96
N PRO D 42 -13.59 6.35 -12.36
CA PRO D 42 -14.86 5.67 -12.11
C PRO D 42 -15.07 5.26 -10.65
N ILE D 43 -14.01 5.30 -9.84
CA ILE D 43 -14.12 5.04 -8.40
C ILE D 43 -14.47 6.31 -7.63
N ALA D 44 -13.85 7.43 -8.01
CA ALA D 44 -14.19 8.73 -7.43
C ALA D 44 -15.65 9.11 -7.73
N ALA D 45 -16.16 8.64 -8.87
CA ALA D 45 -17.56 8.79 -9.21
C ALA D 45 -18.47 8.03 -8.22
N GLU D 46 -17.96 6.92 -7.69
CA GLU D 46 -18.69 6.10 -6.71
C GLU D 46 -18.79 6.70 -5.30
N LYS D 47 -18.08 7.80 -5.04
CA LYS D 47 -18.08 8.45 -3.72
C LYS D 47 -19.28 9.38 -3.58
N GLY D 48 -20.45 8.80 -3.32
CA GLY D 48 -21.69 9.56 -3.19
C GLY D 48 -22.66 9.43 -4.36
N PHE D 49 -22.43 8.45 -5.24
CA PHE D 49 -23.38 8.13 -6.33
C PHE D 49 -24.49 7.21 -5.80
N LYS D 50 -25.37 7.79 -4.99
CA LYS D 50 -26.57 7.10 -4.52
C LYS D 50 -27.58 6.91 -5.66
N PRO D 51 -28.07 8.03 -6.26
CA PRO D 51 -29.29 8.09 -7.05
C PRO D 51 -29.86 6.76 -7.58
N LEU D 52 -31.08 6.45 -7.13
CA LEU D 52 -31.85 5.27 -7.56
C LEU D 52 -33.09 5.76 -8.33
N HIS D 53 -33.08 5.56 -9.65
CA HIS D 53 -34.05 6.16 -10.54
C HIS D 53 -34.37 5.22 -11.70
N SER D 54 -34.77 3.98 -11.38
CA SER D 54 -34.97 2.96 -12.38
C SER D 54 -35.99 3.40 -13.41
N HIS D 55 -35.54 3.56 -14.65
CA HIS D 55 -36.41 3.77 -15.82
C HIS D 55 -36.86 2.41 -16.35
N GLY D 56 -36.53 1.35 -15.64
CA GLY D 56 -36.81 -0.01 -16.08
C GLY D 56 -38.28 -0.29 -16.24
N THR D 57 -39.04 -0.09 -15.17
CA THR D 57 -40.47 -0.40 -15.22
C THR D 57 -41.16 0.43 -16.30
N LEU D 58 -40.78 1.70 -16.43
CA LEU D 58 -41.41 2.56 -17.44
C LEU D 58 -41.15 2.01 -18.85
N PHE D 59 -39.90 1.62 -19.12
CA PHE D 59 -39.58 1.00 -20.41
C PHE D 59 -40.42 -0.26 -20.65
N LYS D 60 -40.71 -0.99 -19.58
CA LYS D 60 -41.53 -2.19 -19.70
C LYS D 60 -43.00 -1.88 -20.09
N ILE D 61 -43.61 -0.87 -19.47
CA ILE D 61 -45.02 -0.57 -19.77
C ILE D 61 -45.13 -0.03 -21.20
N GLU D 62 -44.25 0.90 -21.57
CA GLU D 62 -44.22 1.44 -22.93
C GLU D 62 -44.31 0.34 -23.97
N ARG D 63 -43.54 -0.73 -23.75
CA ARG D 63 -43.51 -1.84 -24.70
C ARG D 63 -44.77 -2.69 -24.58
N TYR D 64 -45.15 -3.01 -23.33
CA TYR D 64 -46.36 -3.82 -23.07
C TYR D 64 -47.62 -3.16 -23.62
N PHE D 65 -47.68 -1.84 -23.50
CA PHE D 65 -48.78 -1.08 -24.03
C PHE D 65 -48.84 -1.15 -25.56
N ALA D 66 -47.68 -1.13 -26.21
CA ALA D 66 -47.59 -1.22 -27.68
C ALA D 66 -47.94 -2.62 -28.17
N ALA D 67 -47.61 -3.62 -27.36
CA ALA D 67 -47.95 -5.01 -27.64
C ALA D 67 -49.45 -5.22 -27.58
N ALA D 68 -50.07 -4.63 -26.56
CA ALA D 68 -51.52 -4.66 -26.38
C ALA D 68 -52.27 -3.90 -27.49
N MET D 69 -51.62 -2.94 -28.14
CA MET D 69 -52.20 -2.23 -29.28
C MET D 69 -52.11 -2.99 -30.58
N VAL D 70 -51.43 -4.13 -30.60
CA VAL D 70 -51.32 -4.92 -31.84
C VAL D 70 -52.68 -5.45 -32.29
N PRO D 71 -53.45 -6.08 -31.38
CA PRO D 71 -54.80 -6.48 -31.78
C PRO D 71 -55.73 -5.29 -32.08
N LEU D 72 -55.56 -4.19 -31.35
CA LEU D 72 -56.44 -3.02 -31.43
C LEU D 72 -56.39 -2.23 -32.76
N ILE D 73 -55.51 -2.59 -33.69
CA ILE D 73 -55.53 -2.01 -35.04
C ILE D 73 -56.47 -2.77 -35.96
N PRO D 74 -56.25 -4.08 -36.17
CA PRO D 74 -57.27 -4.77 -36.96
C PRO D 74 -58.68 -4.63 -36.35
N ALA D 75 -58.79 -4.76 -35.02
CA ALA D 75 -60.06 -4.56 -34.31
C ALA D 75 -60.77 -3.29 -34.79
N ALA D 76 -60.07 -2.16 -34.78
CA ALA D 76 -60.65 -0.88 -35.20
C ALA D 76 -60.89 -0.79 -36.72
N TYR D 77 -60.31 -1.71 -37.50
CA TYR D 77 -60.67 -1.85 -38.90
C TYR D 77 -62.05 -2.51 -39.02
N PHE D 78 -62.24 -3.62 -38.33
CA PHE D 78 -63.45 -4.42 -38.48
C PHE D 78 -64.65 -3.89 -37.70
N ILE D 79 -64.41 -3.34 -36.50
CA ILE D 79 -65.50 -2.83 -35.67
C ILE D 79 -65.30 -1.32 -35.44
N HIS D 80 -66.24 -0.54 -35.97
CA HIS D 80 -66.24 0.91 -35.80
C HIS D 80 -67.20 1.29 -34.69
N GLY D 81 -67.37 2.58 -34.47
CA GLY D 81 -68.33 3.08 -33.50
C GLY D 81 -67.79 4.23 -32.68
N ARG D 82 -68.57 4.66 -31.70
CA ARG D 82 -68.19 5.76 -30.82
C ARG D 82 -67.41 5.25 -29.59
N GLU D 83 -67.43 3.94 -29.36
CA GLU D 83 -66.66 3.38 -28.23
C GLU D 83 -65.24 2.96 -28.65
N MET D 84 -65.06 2.54 -29.90
CA MET D 84 -63.72 2.32 -30.44
C MET D 84 -63.02 3.66 -30.61
N ASP D 85 -63.73 4.62 -31.21
CA ASP D 85 -63.24 6.00 -31.31
C ASP D 85 -62.64 6.49 -29.99
N LEU D 86 -63.23 6.07 -28.87
CA LEU D 86 -62.74 6.44 -27.55
C LEU D 86 -61.51 5.62 -27.15
N CYS D 87 -61.49 4.33 -27.49
CA CYS D 87 -60.34 3.46 -27.21
C CYS D 87 -59.10 3.77 -28.01
N LEU D 88 -59.29 4.12 -29.29
CA LEU D 88 -58.20 4.61 -30.12
C LEU D 88 -57.64 5.91 -29.55
N ALA D 89 -58.51 6.83 -29.17
CA ALA D 89 -58.07 8.12 -28.63
C ALA D 89 -57.29 7.98 -27.32
N LEU D 90 -57.78 7.17 -26.40
CA LEU D 90 -57.05 6.90 -25.16
C LEU D 90 -55.71 6.22 -25.41
N ALA D 91 -55.69 5.26 -26.34
CA ALA D 91 -54.50 4.47 -26.61
C ALA D 91 -53.49 5.23 -27.47
N LEU D 92 -53.95 5.83 -28.56
CA LEU D 92 -53.07 6.63 -29.41
C LEU D 92 -52.48 7.83 -28.65
N THR D 93 -53.27 8.48 -27.82
CA THR D 93 -52.76 9.59 -27.01
C THR D 93 -51.57 9.12 -26.14
N LEU D 94 -51.80 8.07 -25.37
CA LEU D 94 -50.83 7.61 -24.38
C LEU D 94 -49.59 7.03 -25.03
N HIS D 95 -49.76 6.37 -26.17
CA HIS D 95 -48.63 5.87 -26.94
C HIS D 95 -47.80 7.01 -27.52
N VAL D 96 -48.45 7.85 -28.32
CA VAL D 96 -47.80 8.99 -28.99
C VAL D 96 -47.10 9.90 -27.96
N HIS D 97 -47.68 10.03 -26.78
CA HIS D 97 -47.05 10.79 -25.69
C HIS D 97 -45.63 10.31 -25.38
N TRP D 98 -45.48 9.00 -25.21
CA TRP D 98 -44.16 8.39 -25.01
C TRP D 98 -43.30 8.53 -26.29
N GLY D 99 -43.91 8.20 -27.43
CA GLY D 99 -43.25 8.32 -28.70
C GLY D 99 -42.54 9.65 -28.90
N VAL D 100 -43.29 10.75 -28.90
CA VAL D 100 -42.71 12.07 -29.20
C VAL D 100 -41.73 12.55 -28.14
N TRP D 101 -41.98 12.23 -26.87
CA TRP D 101 -41.04 12.54 -25.81
C TRP D 101 -39.65 12.03 -26.16
N GLY D 102 -39.60 10.81 -26.71
CA GLY D 102 -38.33 10.20 -27.13
C GLY D 102 -37.66 10.90 -28.31
N VAL D 103 -38.46 11.22 -29.33
CA VAL D 103 -37.94 11.93 -30.49
C VAL D 103 -37.45 13.30 -30.04
N VAL D 104 -38.26 13.96 -29.21
CA VAL D 104 -37.91 15.27 -28.67
C VAL D 104 -36.57 15.23 -27.90
N ASN D 105 -36.31 14.16 -27.16
CA ASN D 105 -35.01 14.00 -26.47
C ASN D 105 -33.81 13.69 -27.39
N ASP D 106 -34.06 13.26 -28.61
CA ASP D 106 -32.99 13.08 -29.58
C ASP D 106 -32.70 14.35 -30.36
N TYR D 107 -33.70 15.19 -30.58
CA TYR D 107 -33.47 16.41 -31.37
C TYR D 107 -33.58 17.70 -30.55
N GLY D 108 -33.97 17.59 -29.28
CA GLY D 108 -34.00 18.72 -28.37
C GLY D 108 -32.82 18.69 -27.44
N ARG D 109 -31.63 18.71 -28.02
CA ARG D 109 -30.38 18.56 -27.27
C ARG D 109 -29.90 19.92 -26.78
N PRO D 110 -29.60 20.04 -25.47
CA PRO D 110 -29.04 21.31 -25.00
C PRO D 110 -27.82 21.76 -25.80
N PHE D 111 -26.99 20.82 -26.25
CA PHE D 111 -25.78 21.15 -27.02
C PHE D 111 -26.13 21.98 -28.25
N VAL D 112 -27.20 21.62 -28.95
CA VAL D 112 -27.53 22.26 -30.19
C VAL D 112 -28.52 23.44 -30.03
N LEU D 113 -29.39 23.39 -29.03
CA LEU D 113 -30.41 24.45 -28.83
C LEU D 113 -30.16 25.34 -27.59
N GLY D 114 -29.18 25.01 -26.77
CA GLY D 114 -28.99 25.71 -25.50
C GLY D 114 -29.98 25.19 -24.48
N ASP D 115 -29.73 25.50 -23.21
CA ASP D 115 -30.50 24.92 -22.09
C ASP D 115 -32.01 25.25 -22.07
N THR D 116 -32.38 26.53 -22.08
CA THR D 116 -33.80 26.92 -21.84
C THR D 116 -34.69 26.52 -23.01
N LEU D 117 -34.18 26.66 -24.23
CA LEU D 117 -34.93 26.31 -25.45
C LEU D 117 -35.15 24.78 -25.56
N ALA D 118 -34.22 24.00 -25.04
CA ALA D 118 -34.37 22.55 -24.96
C ALA D 118 -35.39 22.12 -23.87
N ALA D 119 -35.49 22.89 -22.79
CA ALA D 119 -36.57 22.71 -21.81
C ALA D 119 -37.91 23.15 -22.38
N ALA D 120 -37.88 24.21 -23.19
CA ALA D 120 -39.08 24.70 -23.87
C ALA D 120 -39.57 23.72 -24.94
N VAL D 121 -38.65 22.97 -25.55
CA VAL D 121 -39.04 21.91 -26.48
C VAL D 121 -39.60 20.73 -25.69
N ARG D 122 -39.00 20.41 -24.55
CA ARG D 122 -39.50 19.37 -23.63
C ARG D 122 -40.92 19.65 -23.15
N VAL D 123 -41.14 20.86 -22.64
CA VAL D 123 -42.48 21.29 -22.22
C VAL D 123 -43.46 21.10 -23.38
N GLY D 124 -43.08 21.59 -24.56
CA GLY D 124 -43.88 21.43 -25.78
C GLY D 124 -44.34 20.01 -26.08
N ALA D 125 -43.58 19.01 -25.63
CA ALA D 125 -43.98 17.60 -25.74
C ALA D 125 -45.30 17.36 -25.03
N TYR D 126 -45.39 17.82 -23.78
CA TYR D 126 -46.61 17.72 -23.00
C TYR D 126 -47.77 18.52 -23.60
N ILE D 127 -47.48 19.70 -24.15
CA ILE D 127 -48.48 20.48 -24.87
C ILE D 127 -49.00 19.64 -26.03
N PHE D 128 -48.08 19.02 -26.78
CA PHE D 128 -48.44 18.15 -27.91
C PHE D 128 -49.40 17.04 -27.49
N THR D 129 -49.07 16.33 -26.42
CA THR D 129 -49.94 15.27 -25.90
C THR D 129 -51.32 15.80 -25.51
N ALA D 130 -51.34 16.85 -24.71
CA ALA D 130 -52.60 17.39 -24.20
C ALA D 130 -53.48 18.01 -25.28
N CYS D 131 -52.86 18.64 -26.27
CA CYS D 131 -53.61 19.18 -27.42
C CYS D 131 -54.06 18.08 -28.37
N LEU D 132 -53.25 17.04 -28.53
CA LEU D 132 -53.62 15.90 -29.34
C LEU D 132 -54.92 15.31 -28.83
N LEU D 133 -54.97 15.03 -27.52
CA LEU D 133 -56.18 14.46 -26.92
C LEU D 133 -57.38 15.40 -27.08
N ALA D 134 -57.22 16.64 -26.65
CA ALA D 134 -58.28 17.64 -26.77
C ALA D 134 -58.88 17.64 -28.18
N GLY D 135 -58.01 17.70 -29.19
CA GLY D 135 -58.44 17.69 -30.59
C GLY D 135 -59.07 16.38 -31.06
N LEU D 136 -58.67 15.26 -30.48
CA LEU D 136 -59.28 13.96 -30.78
C LEU D 136 -60.67 13.82 -30.14
N LEU D 137 -60.77 14.14 -28.86
CA LEU D 137 -62.05 14.11 -28.13
C LEU D 137 -63.08 14.99 -28.81
N TYR D 138 -62.63 16.19 -29.21
CA TYR D 138 -63.49 17.10 -29.94
C TYR D 138 -64.01 16.45 -31.22
N PHE D 139 -63.10 15.88 -32.00
CA PHE D 139 -63.44 15.26 -33.29
C PHE D 139 -64.39 14.06 -33.11
N ASN D 140 -64.26 13.35 -31.99
CA ASN D 140 -65.17 12.26 -31.67
C ASN D 140 -66.54 12.83 -31.35
N GLU D 141 -66.55 13.72 -30.36
CA GLU D 141 -67.79 14.24 -29.80
C GLU D 141 -68.57 15.14 -30.75
N HIS D 142 -67.90 16.09 -31.38
CA HIS D 142 -68.58 17.07 -32.22
C HIS D 142 -68.37 16.89 -33.71
N ASP D 143 -67.87 15.71 -34.11
CA ASP D 143 -67.73 15.40 -35.53
C ASP D 143 -67.94 13.90 -35.75
N VAL D 144 -67.64 13.44 -36.96
CA VAL D 144 -67.95 12.07 -37.38
C VAL D 144 -67.31 11.00 -36.48
N GLY D 145 -66.13 11.29 -35.94
CA GLY D 145 -65.34 10.32 -35.18
C GLY D 145 -64.24 9.71 -36.04
N LEU D 146 -63.24 9.11 -35.41
CA LEU D 146 -62.08 8.55 -36.14
C LEU D 146 -62.47 7.45 -37.13
N THR D 147 -63.13 6.41 -36.61
CA THR D 147 -63.50 5.24 -37.40
C THR D 147 -64.44 5.62 -38.56
N ARG D 148 -65.33 6.58 -38.32
CA ARG D 148 -66.24 7.05 -39.37
C ARG D 148 -65.46 7.83 -40.42
N ALA D 149 -64.64 8.78 -39.97
CA ALA D 149 -63.83 9.61 -40.88
C ALA D 149 -63.00 8.76 -41.82
N PHE D 150 -62.56 7.60 -41.36
CA PHE D 150 -61.88 6.64 -42.22
C PHE D 150 -62.78 6.07 -43.32
N GLU D 151 -63.95 5.57 -42.93
CA GLU D 151 -64.93 5.10 -43.93
C GLU D 151 -65.08 6.13 -45.04
N MET D 152 -65.33 7.37 -44.63
CA MET D 152 -65.70 8.44 -45.57
C MET D 152 -64.63 8.80 -46.60
N VAL D 153 -63.36 8.59 -46.26
CA VAL D 153 -62.29 8.75 -47.26
C VAL D 153 -62.14 7.45 -48.07
N TRP D 154 -62.45 6.33 -47.45
CA TRP D 154 -62.45 5.04 -48.15
C TRP D 154 -63.59 4.93 -49.19
N GLU D 155 -64.73 5.58 -48.93
CA GLU D 155 -65.88 5.59 -49.86
C GLU D 155 -65.62 6.37 -51.16
N LEU D 156 -64.56 7.18 -51.20
CA LEU D 156 -64.26 8.01 -52.36
C LEU D 156 -63.82 7.21 -53.60
N SER E 30 -3.72 36.23 21.35
CA SER E 30 -2.29 35.94 21.01
C SER E 30 -1.40 37.16 21.28
N ASN E 31 -1.89 38.07 22.12
CA ASN E 31 -1.42 39.46 22.13
C ASN E 31 -0.18 39.73 23.01
N ILE E 32 -0.18 39.21 24.24
CA ILE E 32 0.78 39.69 25.26
C ILE E 32 2.15 38.97 25.22
N ALA E 33 2.40 38.19 24.17
CA ALA E 33 3.74 37.59 23.94
C ALA E 33 3.95 37.18 22.47
N GLN E 34 5.21 36.84 22.14
CA GLN E 34 5.60 36.40 20.79
C GLN E 34 5.65 34.87 20.70
N TYR E 35 5.31 34.31 19.54
CA TYR E 35 5.30 32.85 19.32
C TYR E 35 5.92 32.43 17.99
N LYS E 36 6.97 31.61 18.08
CA LYS E 36 7.63 31.05 16.91
C LYS E 36 6.77 29.92 16.34
N VAL E 37 6.20 30.12 15.17
CA VAL E 37 5.36 29.12 14.52
C VAL E 37 6.18 28.36 13.47
N ILE E 38 5.87 27.07 13.31
CA ILE E 38 6.63 26.19 12.42
C ILE E 38 5.67 25.27 11.64
N ASP E 39 5.76 25.32 10.31
CA ASP E 39 4.82 24.60 9.44
C ASP E 39 5.39 23.30 8.90
N HIS E 40 4.50 22.32 8.69
CA HIS E 40 4.85 20.97 8.25
C HIS E 40 3.80 20.44 7.29
N ALA E 41 4.20 19.50 6.44
CA ALA E 41 3.29 18.90 5.47
C ALA E 41 3.43 17.37 5.48
N TYR E 42 2.37 16.71 5.88
CA TYR E 42 2.35 15.25 5.96
C TYR E 42 1.10 14.69 5.28
N ASP E 43 1.20 13.45 4.84
CA ASP E 43 0.05 12.75 4.24
C ASP E 43 -0.99 12.52 5.31
N VAL E 44 -0.53 11.99 6.45
CA VAL E 44 -1.39 11.82 7.62
C VAL E 44 -0.67 12.19 8.94
N VAL E 45 -1.37 12.92 9.79
CA VAL E 45 -0.91 13.18 11.14
C VAL E 45 -1.70 12.28 12.08
N ILE E 46 -1.01 11.57 12.96
CA ILE E 46 -1.67 10.79 14.00
C ILE E 46 -1.42 11.48 15.33
N ILE E 47 -2.50 11.81 16.04
CA ILE E 47 -2.33 12.38 17.38
C ILE E 47 -2.41 11.24 18.39
N GLY E 48 -1.26 10.81 18.87
CA GLY E 48 -1.18 9.79 19.90
C GLY E 48 -0.40 8.56 19.49
N ALA E 49 0.51 8.14 20.36
CA ALA E 49 1.28 6.91 20.15
C ALA E 49 0.95 5.88 21.22
N GLY E 50 -0.35 5.67 21.44
CA GLY E 50 -0.82 4.61 22.34
C GLY E 50 -0.85 3.32 21.56
N GLY E 51 -1.51 2.30 22.11
CA GLY E 51 -1.75 1.07 21.36
C GLY E 51 -2.28 1.37 19.97
N ALA E 52 -3.38 2.12 19.90
CA ALA E 52 -4.08 2.41 18.65
C ALA E 52 -3.25 3.27 17.70
N GLY E 53 -2.76 4.39 18.20
CA GLY E 53 -2.03 5.32 17.37
C GLY E 53 -0.85 4.68 16.65
N LEU E 54 -0.14 3.80 17.36
CA LEU E 54 1.06 3.21 16.79
C LEU E 54 0.71 2.16 15.71
N ARG E 55 -0.39 1.43 15.89
CA ARG E 55 -0.77 0.40 14.93
C ARG E 55 -1.19 1.05 13.62
N ALA E 56 -1.97 2.12 13.71
CA ALA E 56 -2.26 2.94 12.55
C ALA E 56 -0.97 3.49 11.92
N ALA E 57 0.01 3.82 12.76
CA ALA E 57 1.27 4.36 12.25
C ALA E 57 2.07 3.29 11.51
N MET E 58 2.05 2.06 12.02
CA MET E 58 2.65 0.92 11.32
C MET E 58 1.94 0.74 9.98
N GLY E 59 0.62 0.56 10.02
CA GLY E 59 -0.18 0.40 8.81
C GLY E 59 0.14 1.39 7.69
N LEU E 60 0.34 2.65 8.07
CA LEU E 60 0.49 3.74 7.11
C LEU E 60 1.89 3.84 6.49
N GLY E 61 2.91 3.56 7.29
CA GLY E 61 4.28 3.61 6.81
C GLY E 61 4.56 2.50 5.80
N GLU E 62 3.96 1.35 6.02
CA GLU E 62 4.00 0.25 5.03
C GLU E 62 3.37 0.73 3.73
N ALA E 63 2.17 1.30 3.83
CA ALA E 63 1.44 1.76 2.65
C ALA E 63 2.09 2.97 1.94
N GLY E 64 3.21 3.46 2.47
CA GLY E 64 4.05 4.46 1.79
C GLY E 64 3.74 5.91 2.10
N PHE E 65 2.93 6.13 3.13
CA PHE E 65 2.54 7.48 3.52
C PHE E 65 3.54 8.20 4.43
N LYS E 66 3.81 9.47 4.11
CA LYS E 66 4.59 10.33 4.98
C LYS E 66 3.72 10.62 6.21
N THR E 67 4.06 9.98 7.32
CA THR E 67 3.23 10.00 8.51
C THR E 67 3.93 10.67 9.67
N ALA E 68 3.28 11.68 10.24
CA ALA E 68 3.77 12.32 11.46
C ALA E 68 3.02 11.73 12.65
N VAL E 69 3.74 11.45 13.73
CA VAL E 69 3.09 11.05 14.98
C VAL E 69 3.28 12.08 16.09
N VAL E 70 2.21 12.79 16.41
CA VAL E 70 2.25 13.82 17.44
C VAL E 70 1.75 13.24 18.77
N THR E 71 2.66 13.14 19.74
CA THR E 71 2.34 12.60 21.06
C THR E 71 2.90 13.53 22.14
N LYS E 72 2.12 13.76 23.21
CA LYS E 72 2.59 14.62 24.33
C LYS E 72 3.51 13.91 25.31
N MET E 73 3.74 12.61 25.11
CA MET E 73 4.70 11.86 25.91
C MET E 73 5.34 10.76 25.08
N PHE E 74 6.56 10.35 25.45
CA PHE E 74 7.24 9.23 24.77
C PHE E 74 6.31 8.01 24.66
N PRO E 75 6.15 7.46 23.44
CA PRO E 75 5.07 6.49 23.22
C PRO E 75 4.92 5.43 24.32
N THR E 76 6.03 4.81 24.70
CA THR E 76 6.09 3.81 25.77
C THR E 76 5.33 4.22 27.07
N ARG E 77 5.35 5.50 27.40
CA ARG E 77 4.69 6.04 28.61
C ARG E 77 3.16 5.97 28.56
N SER E 78 2.61 5.79 27.35
CA SER E 78 1.16 5.82 27.14
C SER E 78 0.48 4.79 27.98
N HIS E 79 -0.80 5.01 28.21
CA HIS E 79 -1.49 4.24 29.23
C HIS E 79 -1.72 2.80 28.81
N THR E 80 -1.58 2.50 27.53
CA THR E 80 -1.62 1.11 27.09
C THR E 80 -0.59 0.31 27.89
N THR E 81 0.57 0.91 28.15
CA THR E 81 1.66 0.24 28.87
C THR E 81 1.25 -0.21 30.27
N ALA E 82 0.20 0.39 30.81
CA ALA E 82 -0.28 0.08 32.15
C ALA E 82 -1.28 -1.09 32.16
N ALA E 83 -1.67 -1.55 30.98
CA ALA E 83 -2.63 -2.62 30.87
C ALA E 83 -1.99 -3.95 31.23
N GLN E 84 -2.82 -4.85 31.76
CA GLN E 84 -2.37 -6.07 32.42
C GLN E 84 -3.03 -7.33 31.89
N GLY E 85 -4.36 -7.37 31.97
CA GLY E 85 -5.12 -8.61 31.91
C GLY E 85 -5.00 -9.42 30.64
N GLY E 86 -5.24 -8.77 29.51
CA GLY E 86 -5.06 -9.41 28.22
C GLY E 86 -5.67 -8.74 27.02
N ILE E 87 -5.67 -9.49 25.92
CA ILE E 87 -6.34 -9.09 24.67
C ILE E 87 -7.16 -10.30 24.19
N ASN E 88 -8.37 -10.03 23.70
CA ASN E 88 -9.31 -11.08 23.32
C ASN E 88 -9.20 -11.52 21.89
N ALA E 89 -9.01 -12.83 21.69
CA ALA E 89 -9.13 -13.45 20.38
C ALA E 89 -9.46 -14.92 20.56
N ALA E 90 -10.37 -15.42 19.74
CA ALA E 90 -10.72 -16.83 19.72
C ALA E 90 -9.64 -17.59 18.95
N LEU E 91 -8.50 -17.80 19.59
CA LEU E 91 -7.40 -18.56 19.01
C LEU E 91 -7.61 -20.06 19.19
N GLY E 92 -8.36 -20.44 20.23
CA GLY E 92 -8.64 -21.84 20.49
C GLY E 92 -7.49 -22.57 21.16
N SER E 93 -6.53 -21.81 21.68
CA SER E 93 -5.34 -22.40 22.28
C SER E 93 -5.58 -23.23 23.56
N MET E 94 -6.78 -23.17 24.13
CA MET E 94 -7.11 -23.91 25.37
C MET E 94 -8.30 -24.88 25.21
N ASN E 95 -9.26 -24.47 24.37
CA ASN E 95 -10.44 -25.24 24.03
C ASN E 95 -10.92 -24.73 22.68
N PRO E 96 -11.84 -25.43 22.01
CA PRO E 96 -12.35 -24.86 20.76
C PRO E 96 -13.11 -23.56 21.02
N ASP E 97 -13.15 -22.70 20.02
CA ASP E 97 -13.75 -21.39 20.17
C ASP E 97 -14.18 -20.86 18.82
N ASP E 98 -15.12 -19.92 18.86
CA ASP E 98 -15.64 -19.31 17.66
C ASP E 98 -15.72 -17.79 17.87
N TRP E 99 -15.30 -17.03 16.88
CA TRP E 99 -15.32 -15.59 17.00
C TRP E 99 -16.73 -15.02 17.09
N LYS E 100 -17.74 -15.77 16.62
CA LYS E 100 -19.13 -15.39 16.81
C LYS E 100 -19.55 -15.55 18.27
N TRP E 101 -18.89 -16.44 19.00
CA TRP E 101 -19.09 -16.53 20.44
C TRP E 101 -18.57 -15.26 21.13
N HIS E 102 -17.47 -14.76 20.59
CA HIS E 102 -16.85 -13.52 21.04
C HIS E 102 -17.77 -12.36 20.66
N PHE E 103 -18.30 -12.40 19.44
CA PHE E 103 -19.30 -11.42 18.99
C PHE E 103 -20.44 -11.36 19.99
N TYR E 104 -21.11 -12.48 20.17
CA TYR E 104 -22.26 -12.57 21.06
C TYR E 104 -21.97 -11.94 22.41
N ASP E 105 -20.87 -12.33 23.03
CA ASP E 105 -20.48 -11.80 24.33
C ASP E 105 -20.27 -10.30 24.30
N THR E 106 -19.58 -9.82 23.27
CA THR E 106 -19.33 -8.40 23.09
C THR E 106 -20.63 -7.61 22.98
N VAL E 107 -21.64 -8.21 22.39
CA VAL E 107 -22.93 -7.56 22.18
C VAL E 107 -23.72 -7.56 23.49
N LYS E 108 -23.96 -8.73 24.05
CA LYS E 108 -24.67 -8.83 25.33
C LYS E 108 -23.97 -7.98 26.39
N GLY E 109 -22.65 -7.93 26.32
CA GLY E 109 -21.88 -7.01 27.17
C GLY E 109 -22.29 -5.57 26.98
N SER E 110 -22.53 -5.15 25.74
CA SER E 110 -22.85 -3.76 25.45
C SER E 110 -24.26 -3.36 25.88
N ASP E 111 -25.01 -4.27 26.49
CA ASP E 111 -26.41 -4.04 26.85
C ASP E 111 -27.19 -3.48 25.67
N TRP E 112 -26.76 -3.89 24.48
CA TRP E 112 -27.37 -3.51 23.21
C TRP E 112 -27.45 -2.02 22.90
N LEU E 113 -26.54 -1.23 23.47
CA LEU E 113 -26.30 0.12 23.00
C LEU E 113 -25.18 0.12 21.96
N GLY E 114 -24.42 -0.98 21.89
CA GLY E 114 -23.31 -1.11 20.94
C GLY E 114 -23.80 -1.29 19.51
N ASP E 115 -23.02 -0.80 18.56
CA ASP E 115 -23.36 -0.88 17.14
C ASP E 115 -22.83 -2.21 16.59
N GLN E 116 -23.72 -3.03 16.05
CA GLN E 116 -23.38 -4.43 15.81
C GLN E 116 -22.45 -4.62 14.62
N ASN E 117 -22.48 -3.65 13.71
CA ASN E 117 -21.51 -3.59 12.60
C ASN E 117 -20.07 -3.43 13.06
N ALA E 118 -19.83 -2.64 14.10
CA ALA E 118 -18.48 -2.38 14.62
C ALA E 118 -18.01 -3.53 15.50
N MET E 119 -18.86 -4.00 16.41
CA MET E 119 -18.58 -5.20 17.18
C MET E 119 -18.36 -6.43 16.28
N HIS E 120 -19.01 -6.45 15.12
CA HIS E 120 -18.77 -7.47 14.10
C HIS E 120 -17.34 -7.33 13.56
N TYR E 121 -16.99 -6.15 13.05
CA TYR E 121 -15.63 -5.93 12.53
C TYR E 121 -14.59 -6.31 13.58
N LEU E 122 -14.86 -5.94 14.82
CA LEU E 122 -13.93 -6.16 15.91
C LEU E 122 -13.62 -7.65 16.08
N THR E 123 -14.66 -8.42 16.39
CA THR E 123 -14.51 -9.82 16.74
C THR E 123 -14.01 -10.68 15.57
N ARG E 124 -14.50 -10.41 14.36
CA ARG E 124 -14.03 -11.10 13.15
C ARG E 124 -12.50 -10.98 13.00
N ASN E 125 -12.01 -9.74 13.00
CA ASN E 125 -10.58 -9.47 12.83
C ASN E 125 -9.68 -9.73 14.05
N ALA E 126 -10.25 -10.24 15.15
CA ALA E 126 -9.50 -10.36 16.40
C ALA E 126 -8.37 -11.39 16.31
N VAL E 127 -8.70 -12.58 15.82
CA VAL E 127 -7.73 -13.67 15.69
C VAL E 127 -6.50 -13.25 14.87
N GLU E 128 -6.76 -12.66 13.71
CA GLU E 128 -5.71 -12.12 12.86
C GLU E 128 -4.90 -11.05 13.62
N ALA E 129 -5.60 -10.03 14.12
CA ALA E 129 -4.97 -8.89 14.81
C ALA E 129 -4.05 -9.30 15.96
N VAL E 130 -4.51 -10.25 16.78
CA VAL E 130 -3.71 -10.81 17.87
C VAL E 130 -2.60 -11.74 17.34
N THR E 131 -2.84 -12.41 16.22
CA THR E 131 -1.79 -13.21 15.60
C THR E 131 -0.67 -12.28 15.16
N GLU E 132 -1.01 -11.28 14.35
CA GLU E 132 -0.02 -10.28 13.91
C GLU E 132 0.88 -9.82 15.06
N LEU E 133 0.29 -9.37 16.17
CA LEU E 133 1.06 -8.88 17.33
C LEU E 133 2.17 -9.85 17.71
N GLU E 134 1.80 -11.13 17.80
CA GLU E 134 2.74 -12.19 18.11
C GLU E 134 3.78 -12.30 17.00
N ASN E 135 3.33 -12.20 15.75
CA ASN E 135 4.26 -12.22 14.61
C ASN E 135 5.20 -11.02 14.62
N PHE E 136 4.69 -9.86 15.07
CA PHE E 136 5.49 -8.64 15.25
C PHE E 136 6.60 -8.82 16.31
N GLY E 137 6.44 -9.80 17.20
CA GLY E 137 7.41 -10.05 18.26
C GLY E 137 6.84 -10.09 19.68
N MET E 138 5.54 -9.88 19.83
CA MET E 138 4.95 -9.83 21.17
C MET E 138 5.15 -11.15 21.91
N PRO E 139 5.91 -11.12 23.01
CA PRO E 139 6.32 -12.33 23.73
C PRO E 139 5.25 -12.95 24.62
N PHE E 140 4.19 -13.46 24.02
CA PHE E 140 3.05 -14.05 24.77
C PHE E 140 3.44 -15.18 25.69
N SER E 141 2.70 -15.32 26.78
CA SER E 141 2.79 -16.51 27.63
C SER E 141 2.46 -17.72 26.76
N ARG E 142 3.01 -18.88 27.08
CA ARG E 142 2.87 -20.05 26.19
C ARG E 142 2.26 -21.29 26.85
N THR E 143 1.61 -22.09 26.02
CA THR E 143 1.02 -23.36 26.45
C THR E 143 2.02 -24.47 26.19
N PRO E 144 1.84 -25.62 26.86
CA PRO E 144 2.68 -26.80 26.63
C PRO E 144 2.78 -27.28 25.16
N GLU E 145 1.85 -26.85 24.31
CA GLU E 145 1.90 -27.13 22.89
C GLU E 145 2.49 -25.97 22.10
N GLY E 146 3.04 -24.98 22.82
CA GLY E 146 3.70 -23.83 22.20
C GLY E 146 2.79 -22.80 21.58
N LYS E 147 1.53 -22.77 22.01
CA LYS E 147 0.58 -21.76 21.53
C LYS E 147 0.37 -20.66 22.57
N ILE E 148 -0.26 -19.56 22.15
CA ILE E 148 -0.47 -18.39 23.01
C ILE E 148 -1.44 -18.72 24.14
N TYR E 149 -1.03 -18.45 25.38
CA TYR E 149 -1.80 -18.82 26.54
C TYR E 149 -2.98 -17.89 26.72
N GLN E 150 -4.09 -18.46 27.17
CA GLN E 150 -5.32 -17.71 27.27
C GLN E 150 -5.88 -17.94 28.66
N ARG E 151 -6.44 -16.88 29.23
CA ARG E 151 -7.09 -16.95 30.53
C ARG E 151 -8.56 -16.63 30.41
N SER E 152 -9.25 -16.80 31.52
CA SER E 152 -10.63 -16.40 31.63
C SER E 152 -10.70 -14.96 32.16
N PHE E 153 -11.79 -14.29 31.80
CA PHE E 153 -12.01 -12.89 32.14
C PHE E 153 -13.50 -12.72 32.40
N GLY E 154 -13.94 -11.48 32.53
CA GLY E 154 -15.32 -11.18 32.95
C GLY E 154 -16.27 -11.01 31.78
N GLY E 155 -17.37 -11.74 31.82
CA GLY E 155 -18.49 -11.54 30.89
C GLY E 155 -18.40 -12.28 29.56
N GLN E 156 -17.62 -13.35 29.51
CA GLN E 156 -17.45 -14.11 28.28
C GLN E 156 -17.90 -15.56 28.47
N SER E 157 -18.15 -16.22 27.34
CA SER E 157 -18.73 -17.56 27.32
C SER E 157 -18.37 -18.31 26.04
N ASN E 158 -18.56 -19.64 26.08
CA ASN E 158 -18.58 -20.45 24.88
C ASN E 158 -20.03 -20.79 24.52
N ASN E 159 -20.30 -20.94 23.23
CA ASN E 159 -21.63 -21.32 22.74
C ASN E 159 -22.74 -20.35 23.13
N TYR E 160 -22.58 -19.08 22.80
CA TYR E 160 -23.67 -18.10 22.97
C TYR E 160 -24.33 -18.16 24.36
N GLY E 161 -23.51 -18.21 25.42
CA GLY E 161 -24.04 -18.27 26.77
C GLY E 161 -24.24 -19.69 27.31
N LYS E 162 -24.66 -20.63 26.47
CA LYS E 162 -25.02 -21.98 26.96
C LYS E 162 -23.83 -22.90 27.26
N GLY E 163 -22.65 -22.55 26.73
CA GLY E 163 -21.40 -23.25 27.11
C GLY E 163 -20.98 -22.81 28.50
N GLY E 164 -19.72 -23.01 28.84
CA GLY E 164 -19.20 -22.56 30.14
C GLY E 164 -18.48 -21.23 30.05
N VAL E 165 -17.60 -20.98 31.01
CA VAL E 165 -16.70 -19.82 30.93
C VAL E 165 -15.75 -19.96 29.73
N ALA E 166 -15.51 -18.85 29.02
CA ALA E 166 -14.58 -18.85 27.87
C ALA E 166 -13.13 -18.69 28.30
N LYS E 167 -12.22 -18.96 27.36
CA LYS E 167 -10.81 -18.61 27.49
C LYS E 167 -10.25 -17.99 26.20
N ARG E 168 -10.51 -16.71 26.00
CA ARG E 168 -10.04 -15.99 24.82
C ARG E 168 -9.01 -14.94 25.16
N THR E 169 -8.72 -14.76 26.46
CA THR E 169 -7.97 -13.61 26.91
C THR E 169 -6.47 -13.89 26.83
N CYS E 170 -5.91 -13.62 25.65
CA CYS E 170 -4.49 -13.80 25.40
C CYS E 170 -3.69 -12.81 26.27
N CYS E 171 -2.55 -13.26 26.81
CA CYS E 171 -1.76 -12.41 27.68
C CYS E 171 -0.23 -12.65 27.64
N VAL E 172 0.51 -11.61 28.00
CA VAL E 172 1.91 -11.72 28.42
C VAL E 172 1.88 -11.68 29.95
N ALA E 173 1.37 -12.76 30.52
CA ALA E 173 1.05 -12.82 31.97
C ALA E 173 0.19 -11.65 32.43
N ASP E 174 0.83 -10.74 33.15
CA ASP E 174 0.17 -9.73 33.93
C ASP E 174 0.46 -8.35 33.31
N ARG E 175 1.18 -8.35 32.20
CA ARG E 175 1.78 -7.15 31.63
C ARG E 175 1.51 -7.09 30.12
N THR E 176 0.28 -7.41 29.74
CA THR E 176 -0.05 -7.57 28.34
C THR E 176 0.10 -6.26 27.61
N GLY E 177 -0.40 -5.19 28.22
CA GLY E 177 -0.33 -3.84 27.62
C GLY E 177 1.07 -3.29 27.44
N HIS E 178 1.87 -3.44 28.49
CA HIS E 178 3.28 -3.14 28.45
C HIS E 178 3.96 -3.82 27.28
N SER E 179 3.84 -5.14 27.22
CA SER E 179 4.43 -5.91 26.15
C SER E 179 3.93 -5.47 24.77
N MET E 180 2.61 -5.33 24.64
CA MET E 180 2.00 -4.94 23.37
C MET E 180 2.52 -3.59 22.88
N LEU E 181 2.54 -2.59 23.77
CA LEU E 181 2.90 -1.23 23.38
C LEU E 181 4.39 -1.13 23.04
N HIS E 182 5.22 -1.86 23.79
CA HIS E 182 6.65 -1.91 23.49
C HIS E 182 6.87 -2.66 22.20
N THR E 183 6.12 -3.75 22.00
CA THR E 183 6.17 -4.48 20.73
C THR E 183 5.80 -3.54 19.60
N LEU E 184 4.70 -2.83 19.75
CA LEU E 184 4.27 -1.91 18.71
C LEU E 184 5.24 -0.74 18.54
N TYR E 185 5.72 -0.18 19.65
CA TYR E 185 6.59 0.98 19.50
C TYR E 185 7.83 0.54 18.71
N GLY E 186 8.42 -0.58 19.11
CA GLY E 186 9.62 -1.11 18.45
C GLY E 186 9.43 -1.33 16.96
N ASN E 187 8.33 -1.97 16.59
CA ASN E 187 7.99 -2.19 15.19
C ASN E 187 7.75 -0.91 14.41
N SER E 188 7.30 0.15 15.08
CA SER E 188 7.01 1.42 14.41
C SER E 188 8.26 2.22 14.04
N LEU E 189 9.42 1.72 14.44
CA LEU E 189 10.70 2.32 14.06
C LEU E 189 11.13 1.82 12.69
N ARG E 190 10.42 0.82 12.18
CA ARG E 190 10.62 0.27 10.83
C ARG E 190 9.86 1.12 9.78
N CYS E 191 8.63 1.52 10.07
CA CYS E 191 7.77 2.28 9.13
C CYS E 191 8.29 3.66 8.66
N HIS E 192 9.48 4.08 9.06
CA HIS E 192 9.97 5.41 8.71
C HIS E 192 8.99 6.56 9.05
N CYS E 193 8.06 6.29 9.98
CA CYS E 193 7.17 7.31 10.48
C CYS E 193 8.00 8.32 11.27
N THR E 194 7.71 9.62 11.15
CA THR E 194 8.49 10.62 11.89
C THR E 194 7.73 11.02 13.17
N PHE E 195 8.47 11.06 14.28
CA PHE E 195 7.90 11.20 15.62
C PHE E 195 8.10 12.61 16.19
N PHE E 196 6.98 13.26 16.51
CA PHE E 196 7.01 14.50 17.30
C PHE E 196 6.64 14.18 18.75
N ILE E 197 7.66 14.07 19.59
CA ILE E 197 7.53 13.53 20.95
C ILE E 197 7.58 14.66 21.97
N GLU E 198 6.66 14.60 22.94
CA GLU E 198 6.35 15.70 23.86
C GLU E 198 5.98 16.92 23.06
N TYR E 199 4.91 16.74 22.29
CA TYR E 199 4.22 17.81 21.58
C TYR E 199 2.78 17.78 22.04
N PHE E 200 2.38 18.81 22.78
CA PHE E 200 1.02 18.90 23.26
C PHE E 200 0.17 19.46 22.13
N ALA E 201 -0.89 18.73 21.75
CA ALA E 201 -1.79 19.16 20.68
C ALA E 201 -2.85 20.11 21.19
N LEU E 202 -3.05 21.22 20.48
CA LEU E 202 -3.92 22.30 20.95
C LEU E 202 -5.32 22.31 20.34
N ASP E 203 -5.41 21.89 19.08
CA ASP E 203 -6.67 21.95 18.33
C ASP E 203 -6.49 21.30 16.95
N LEU E 204 -7.60 20.88 16.37
CA LEU E 204 -7.59 20.44 14.97
C LEU E 204 -7.64 21.69 14.10
N LEU E 205 -6.87 21.71 13.02
CA LEU E 205 -7.02 22.74 12.01
C LEU E 205 -8.22 22.37 11.15
N MET E 206 -9.25 23.21 11.17
CA MET E 206 -10.45 22.99 10.37
C MET E 206 -10.58 24.05 9.26
N ASP E 207 -11.11 23.62 8.11
CA ASP E 207 -11.39 24.50 6.99
C ASP E 207 -12.72 24.11 6.37
N LYS E 208 -13.72 24.97 6.56
CA LYS E 208 -15.06 24.78 5.96
C LYS E 208 -15.56 23.34 6.10
N GLY E 209 -15.42 22.79 7.31
CA GLY E 209 -16.01 21.51 7.66
C GLY E 209 -15.15 20.28 7.45
N ARG E 210 -13.85 20.46 7.16
CA ARG E 210 -12.94 19.33 6.93
C ARG E 210 -11.61 19.51 7.68
N CYS E 211 -11.00 18.41 8.09
CA CYS E 211 -9.80 18.49 8.92
C CYS E 211 -8.55 18.50 8.06
N VAL E 212 -7.78 19.58 8.15
CA VAL E 212 -6.58 19.75 7.35
C VAL E 212 -5.31 19.70 8.20
N GLY E 213 -5.41 19.19 9.42
CA GLY E 213 -4.23 19.03 10.27
C GLY E 213 -4.43 19.29 11.75
N VAL E 214 -3.32 19.59 12.43
CA VAL E 214 -3.29 19.76 13.89
C VAL E 214 -2.27 20.85 14.26
N ILE E 215 -2.62 21.69 15.24
CA ILE E 215 -1.68 22.64 15.82
C ILE E 215 -1.27 22.20 17.25
N ALA E 216 -0.01 22.42 17.59
CA ALA E 216 0.56 21.81 18.77
C ALA E 216 1.80 22.52 19.29
N LEU E 217 1.83 22.73 20.61
CA LEU E 217 2.99 23.27 21.30
C LEU E 217 4.07 22.20 21.43
N CYS E 218 5.32 22.60 21.22
CA CYS E 218 6.47 21.72 21.43
C CYS E 218 7.09 22.01 22.78
N LEU E 219 6.91 21.10 23.74
CA LEU E 219 7.39 21.32 25.10
C LEU E 219 8.90 21.62 25.18
N GLU E 220 9.69 21.02 24.30
CA GLU E 220 11.16 21.14 24.38
C GLU E 220 11.65 22.57 24.26
N ASP E 221 11.16 23.30 23.26
CA ASP E 221 11.69 24.63 22.98
C ASP E 221 10.65 25.76 22.94
N GLY E 222 9.38 25.44 23.19
CA GLY E 222 8.34 26.45 23.24
C GLY E 222 7.67 26.80 21.92
N THR E 223 8.17 26.28 20.81
CA THR E 223 7.64 26.64 19.48
C THR E 223 6.23 26.11 19.28
N ILE E 224 5.45 26.80 18.46
CA ILE E 224 4.11 26.37 18.03
C ILE E 224 4.22 25.70 16.65
N HIS E 225 3.61 24.54 16.47
CA HIS E 225 3.79 23.75 15.24
C HIS E 225 2.48 23.46 14.56
N ARG E 226 2.38 23.79 13.28
CA ARG E 226 1.21 23.48 12.47
C ARG E 226 1.55 22.33 11.54
N PHE E 227 0.62 21.38 11.42
CA PHE E 227 0.82 20.16 10.65
C PHE E 227 -0.29 20.03 9.62
N ARG E 228 0.06 20.19 8.36
CA ARG E 228 -0.90 20.06 7.29
C ARG E 228 -1.01 18.58 6.95
N SER E 229 -2.19 18.02 7.14
CA SER E 229 -2.42 16.63 6.85
C SER E 229 -3.45 16.52 5.73
N LYS E 230 -3.42 15.41 4.98
CA LYS E 230 -4.57 15.06 4.15
C LYS E 230 -5.58 14.43 5.09
N ARG E 231 -5.09 13.49 5.92
CA ARG E 231 -5.91 12.87 6.97
C ARG E 231 -5.33 13.11 8.36
N THR E 232 -6.21 13.24 9.35
CA THR E 232 -5.81 13.38 10.74
C THR E 232 -6.45 12.26 11.56
N ILE E 233 -5.65 11.53 12.33
CA ILE E 233 -6.17 10.47 13.20
C ILE E 233 -6.07 10.85 14.69
N VAL E 234 -7.24 10.95 15.34
CA VAL E 234 -7.32 11.25 16.76
C VAL E 234 -7.29 9.93 17.52
N ALA E 235 -6.19 9.68 18.22
CA ALA E 235 -6.01 8.46 19.00
C ALA E 235 -5.44 8.79 20.37
N THR E 236 -6.26 9.43 21.22
CA THR E 236 -5.76 10.17 22.39
C THR E 236 -6.01 9.53 23.75
N GLY E 237 -6.80 8.47 23.80
CA GLY E 237 -7.05 7.77 25.05
C GLY E 237 -8.28 8.30 25.76
N GLY E 238 -8.34 8.11 27.08
CA GLY E 238 -9.54 8.43 27.87
C GLY E 238 -9.47 9.69 28.72
N TYR E 239 -10.56 9.97 29.45
CA TYR E 239 -10.61 11.06 30.45
C TYR E 239 -10.87 10.58 31.90
N GLY E 240 -10.04 9.67 32.37
CA GLY E 240 -10.19 9.12 33.73
C GLY E 240 -10.01 10.16 34.80
N ARG E 241 -9.10 11.11 34.57
CA ARG E 241 -8.81 12.19 35.54
C ARG E 241 -9.96 13.17 35.76
N ALA E 242 -11.06 12.99 35.05
CA ALA E 242 -12.26 13.76 35.31
C ALA E 242 -12.78 13.48 36.74
N TYR E 243 -12.55 12.26 37.21
CA TYR E 243 -12.98 11.85 38.52
C TYR E 243 -11.85 11.95 39.52
N PHE E 244 -12.20 11.91 40.79
CA PHE E 244 -11.25 12.09 41.89
C PHE E 244 -10.35 10.87 42.07
N SER E 245 -10.92 9.68 41.88
CA SER E 245 -10.15 8.44 41.91
C SER E 245 -10.42 7.59 40.66
N CYS E 246 -9.34 7.23 39.97
CA CYS E 246 -9.39 6.43 38.76
C CYS E 246 -8.16 5.54 38.67
N THR E 247 -8.18 4.56 37.75
CA THR E 247 -7.01 3.71 37.49
C THR E 247 -6.12 4.33 36.41
N THR E 248 -6.67 5.30 35.69
CA THR E 248 -5.97 5.93 34.58
C THR E 248 -4.76 6.75 35.00
N ALA E 249 -3.93 7.09 34.01
CA ALA E 249 -2.74 7.89 34.23
C ALA E 249 -3.09 9.36 34.37
N HIS E 250 -2.12 10.12 34.85
CA HIS E 250 -2.22 11.57 34.90
C HIS E 250 -2.50 12.20 33.54
N MET E 251 -2.08 11.52 32.47
CA MET E 251 -2.19 12.07 31.13
C MET E 251 -3.52 11.70 30.46
N ASN E 252 -4.43 11.07 31.19
CA ASN E 252 -5.74 10.76 30.67
C ASN E 252 -6.67 11.90 30.95
N THR E 253 -6.45 13.01 30.25
CA THR E 253 -7.19 14.23 30.49
C THR E 253 -8.20 14.57 29.38
N GLY E 254 -8.48 13.60 28.50
CA GLY E 254 -9.53 13.76 27.50
C GLY E 254 -9.27 14.84 26.46
N ASP E 255 -8.01 15.06 26.12
CA ASP E 255 -7.64 16.07 25.12
C ASP E 255 -8.20 15.83 23.71
N GLY E 256 -8.32 14.57 23.29
CA GLY E 256 -8.76 14.26 21.94
C GLY E 256 -10.21 14.60 21.73
N THR E 257 -11.02 14.34 22.73
CA THR E 257 -12.46 14.65 22.68
C THR E 257 -12.70 16.16 22.83
N ALA E 258 -11.83 16.82 23.59
CA ALA E 258 -11.86 18.27 23.69
C ALA E 258 -11.59 18.84 22.31
N LEU E 259 -10.48 18.39 21.69
CA LEU E 259 -10.16 18.74 20.30
C LEU E 259 -11.40 18.70 19.39
N ALA E 260 -12.14 17.60 19.47
CA ALA E 260 -13.34 17.39 18.68
C ALA E 260 -14.43 18.43 19.00
N THR E 261 -14.73 18.57 20.29
CA THR E 261 -15.75 19.52 20.74
C THR E 261 -15.46 20.91 20.22
N ARG E 262 -14.18 21.30 20.21
CA ARG E 262 -13.78 22.65 19.76
C ARG E 262 -13.89 22.82 18.25
N ALA E 263 -13.55 21.78 17.50
CA ALA E 263 -13.71 21.77 16.04
C ALA E 263 -15.19 21.67 15.60
N GLY E 264 -16.10 21.58 16.57
CA GLY E 264 -17.52 21.64 16.29
C GLY E 264 -18.19 20.28 16.17
N ILE E 265 -17.53 19.24 16.69
CA ILE E 265 -18.07 17.89 16.62
C ILE E 265 -18.66 17.52 17.97
N ALA E 266 -19.89 16.99 17.96
CA ALA E 266 -20.53 16.51 19.18
C ALA E 266 -19.96 15.15 19.53
N LEU E 267 -19.85 14.86 20.82
CA LEU E 267 -19.34 13.58 21.31
C LEU E 267 -20.50 12.62 21.58
N GLU E 268 -20.18 11.38 21.93
CA GLU E 268 -21.16 10.31 22.01
C GLU E 268 -21.01 9.41 23.24
N ASP E 269 -22.13 9.07 23.87
CA ASP E 269 -22.17 8.13 25.00
C ASP E 269 -21.24 8.47 26.18
N LEU E 270 -20.91 9.74 26.35
CA LEU E 270 -19.96 10.14 27.41
C LEU E 270 -20.36 9.72 28.82
N GLU E 271 -21.65 9.49 29.05
CA GLU E 271 -22.14 9.13 30.38
C GLU E 271 -21.77 7.69 30.79
N PHE E 272 -21.36 6.88 29.80
CA PHE E 272 -21.00 5.49 30.07
C PHE E 272 -19.53 5.37 30.47
N ILE E 273 -19.34 5.48 31.79
CA ILE E 273 -18.04 5.43 32.44
C ILE E 273 -17.90 4.06 33.06
N GLN E 274 -16.89 3.30 32.66
CA GLN E 274 -16.67 1.98 33.24
C GLN E 274 -15.98 2.13 34.58
N PHE E 275 -16.67 1.68 35.62
CA PHE E 275 -16.05 1.45 36.91
C PHE E 275 -15.51 0.03 36.90
N HIS E 276 -14.24 -0.13 37.23
CA HIS E 276 -13.61 -1.44 37.24
C HIS E 276 -13.71 -1.94 38.66
N PRO E 277 -14.20 -3.17 38.87
CA PRO E 277 -14.46 -3.77 40.18
C PRO E 277 -13.30 -3.67 41.17
N THR E 278 -12.08 -3.93 40.72
CA THR E 278 -10.92 -4.05 41.60
C THR E 278 -9.78 -3.08 41.28
N GLY E 279 -9.93 -1.86 41.76
CA GLY E 279 -8.81 -0.95 41.92
C GLY E 279 -8.44 -0.99 43.40
N ILE E 280 -7.15 -0.87 43.71
CA ILE E 280 -6.69 -0.85 45.10
C ILE E 280 -7.34 0.28 45.88
N TYR E 281 -7.62 0.02 47.16
CA TYR E 281 -8.58 0.82 47.93
C TYR E 281 -8.18 2.28 48.17
N GLY E 282 -6.95 2.49 48.62
CA GLY E 282 -6.48 3.84 48.93
C GLY E 282 -6.08 4.63 47.70
N VAL E 283 -5.39 3.97 46.78
CA VAL E 283 -4.65 4.67 45.71
C VAL E 283 -5.29 4.60 44.34
N GLY E 284 -5.87 3.46 43.97
CA GLY E 284 -6.57 3.35 42.70
C GLY E 284 -5.87 2.48 41.68
N CYS E 285 -4.57 2.23 41.87
CA CYS E 285 -3.84 1.24 41.08
C CYS E 285 -4.72 0.06 40.78
N LEU E 286 -4.70 -0.39 39.54
CA LEU E 286 -5.58 -1.48 39.11
C LEU E 286 -4.98 -2.86 39.37
N ILE E 287 -5.82 -3.73 39.93
CA ILE E 287 -5.57 -5.17 39.99
C ILE E 287 -6.44 -5.78 38.88
N THR E 288 -5.85 -6.67 38.08
CA THR E 288 -6.51 -7.15 36.86
C THR E 288 -7.71 -8.04 37.14
N GLU E 289 -8.68 -8.01 36.23
CA GLU E 289 -9.81 -8.93 36.22
C GLU E 289 -9.31 -10.36 36.14
N GLY E 290 -8.20 -10.55 35.43
CA GLY E 290 -7.59 -11.85 35.26
C GLY E 290 -7.21 -12.52 36.56
N SER E 291 -7.04 -11.74 37.63
CA SER E 291 -6.77 -12.33 38.93
C SER E 291 -8.00 -13.09 39.42
N ARG E 292 -9.19 -12.61 39.03
CA ARG E 292 -10.44 -13.35 39.25
C ARG E 292 -10.59 -14.47 38.25
N GLY E 293 -10.21 -14.21 37.01
CA GLY E 293 -10.24 -15.20 35.93
C GLY E 293 -9.35 -16.40 36.16
N GLU E 294 -8.29 -16.21 36.95
CA GLU E 294 -7.37 -17.29 37.32
C GLU E 294 -7.81 -18.05 38.58
N GLY E 295 -8.97 -17.71 39.14
CA GLY E 295 -9.51 -18.42 40.30
C GLY E 295 -9.73 -17.59 41.54
N GLY E 296 -9.45 -16.29 41.47
CA GLY E 296 -9.65 -15.39 42.60
C GLY E 296 -11.09 -14.92 42.71
N PHE E 297 -11.47 -14.47 43.91
CA PHE E 297 -12.84 -13.98 44.12
C PHE E 297 -12.98 -12.90 45.18
N LEU E 298 -14.13 -12.23 45.14
CA LEU E 298 -14.43 -11.13 46.06
C LEU E 298 -15.02 -11.67 47.36
N VAL E 299 -14.81 -10.93 48.44
CA VAL E 299 -15.16 -11.36 49.80
C VAL E 299 -15.61 -10.18 50.65
N ASN E 300 -16.77 -10.31 51.30
CA ASN E 300 -17.33 -9.25 52.17
C ASN E 300 -16.94 -9.43 53.65
N SER E 301 -17.47 -8.57 54.52
CA SER E 301 -17.08 -8.57 55.94
C SER E 301 -17.61 -9.78 56.72
N GLU E 302 -18.68 -10.40 56.23
CA GLU E 302 -19.15 -11.66 56.80
C GLU E 302 -18.16 -12.77 56.49
N GLY E 303 -17.48 -12.64 55.34
CA GLY E 303 -16.61 -13.69 54.82
C GLY E 303 -17.27 -14.45 53.69
N GLU E 304 -18.32 -13.87 53.11
CA GLU E 304 -19.10 -14.52 52.04
C GLU E 304 -18.52 -14.21 50.67
N ARG E 305 -18.30 -15.25 49.87
CA ARG E 305 -18.06 -15.07 48.45
C ARG E 305 -19.38 -14.60 47.85
N PHE E 306 -19.66 -13.32 48.03
CA PHE E 306 -20.97 -12.75 47.77
C PHE E 306 -21.42 -12.77 46.31
N MET E 307 -20.50 -12.97 45.37
CA MET E 307 -20.88 -12.94 43.94
C MET E 307 -21.73 -14.12 43.50
N GLU E 308 -21.76 -15.17 44.30
CA GLU E 308 -22.64 -16.31 44.05
C GLU E 308 -24.13 -15.93 44.09
N ARG E 309 -24.48 -14.88 44.82
CA ARG E 309 -25.87 -14.38 44.89
C ARG E 309 -26.25 -13.49 43.72
N TYR E 310 -25.46 -12.45 43.48
CA TYR E 310 -25.77 -11.48 42.43
C TYR E 310 -25.53 -12.05 41.01
N ALA E 311 -24.76 -13.13 40.91
CA ALA E 311 -24.59 -13.82 39.65
C ALA E 311 -24.28 -15.29 39.92
N PRO E 312 -25.32 -16.14 40.00
CA PRO E 312 -25.08 -17.56 40.33
C PRO E 312 -24.29 -18.33 39.27
N LYS E 313 -24.51 -18.00 38.00
CA LYS E 313 -23.85 -18.71 36.88
C LYS E 313 -22.41 -18.26 36.72
N ALA E 314 -22.21 -16.97 36.47
CA ALA E 314 -20.89 -16.41 36.19
C ALA E 314 -20.11 -16.00 37.43
N LYS E 315 -20.81 -15.90 38.56
CA LYS E 315 -20.17 -15.58 39.84
C LYS E 315 -19.24 -14.36 39.76
N ASP E 316 -17.94 -14.53 40.02
CA ASP E 316 -16.99 -13.43 40.09
C ASP E 316 -16.48 -12.98 38.72
N LEU E 317 -16.89 -13.66 37.66
CA LEU E 317 -16.56 -13.27 36.29
C LEU E 317 -17.77 -12.71 35.54
N ALA E 318 -18.66 -12.03 36.26
CA ALA E 318 -19.73 -11.29 35.62
C ALA E 318 -19.16 -10.05 34.93
N SER E 319 -20.01 -9.33 34.23
CA SER E 319 -19.60 -8.10 33.57
C SER E 319 -19.17 -7.06 34.60
N ARG E 320 -18.36 -6.12 34.15
CA ARG E 320 -17.80 -5.11 35.03
C ARG E 320 -18.86 -4.28 35.75
N ASP E 321 -19.92 -3.91 35.03
CA ASP E 321 -20.95 -3.04 35.59
C ASP E 321 -21.74 -3.73 36.67
N VAL E 322 -22.02 -5.01 36.47
CA VAL E 322 -22.77 -5.82 37.43
C VAL E 322 -21.99 -6.04 38.71
N VAL E 323 -20.74 -6.50 38.57
CA VAL E 323 -19.91 -6.80 39.72
C VAL E 323 -19.63 -5.54 40.54
N SER E 324 -19.39 -4.43 39.85
CA SER E 324 -19.10 -3.17 40.55
C SER E 324 -20.30 -2.69 41.36
N ARG E 325 -21.49 -2.85 40.79
CA ARG E 325 -22.71 -2.46 41.49
C ARG E 325 -22.91 -3.35 42.72
N ALA E 326 -22.79 -4.65 42.51
CA ALA E 326 -22.86 -5.62 43.60
C ALA E 326 -21.93 -5.19 44.73
N GLU E 327 -20.66 -4.95 44.41
CA GLU E 327 -19.68 -4.49 45.39
C GLU E 327 -20.17 -3.24 46.12
N THR E 328 -20.69 -2.28 45.35
CA THR E 328 -21.17 -1.03 45.92
C THR E 328 -22.36 -1.24 46.85
N ILE E 329 -23.21 -2.22 46.53
CA ILE E 329 -24.35 -2.57 47.39
C ILE E 329 -23.87 -3.17 48.69
N GLU E 330 -23.01 -4.18 48.58
CA GLU E 330 -22.41 -4.82 49.75
C GLU E 330 -21.84 -3.80 50.74
N ILE E 331 -21.25 -2.70 50.24
CA ILE E 331 -20.78 -1.62 51.11
C ILE E 331 -21.95 -0.96 51.83
N MET E 332 -22.86 -0.38 51.06
CA MET E 332 -24.02 0.36 51.57
C MET E 332 -24.81 -0.41 52.64
N GLU E 333 -24.88 -1.74 52.51
CA GLU E 333 -25.68 -2.56 53.41
C GLU E 333 -24.88 -3.14 54.58
N GLY E 334 -23.72 -2.55 54.86
CA GLY E 334 -22.96 -2.86 56.08
C GLY E 334 -21.90 -3.93 55.96
N ARG E 335 -21.90 -4.70 54.86
CA ARG E 335 -20.89 -5.73 54.64
C ARG E 335 -19.56 -5.20 54.03
N GLY E 336 -19.36 -3.88 54.11
CA GLY E 336 -18.09 -3.25 53.75
C GLY E 336 -16.96 -3.62 54.69
N VAL E 337 -15.74 -3.43 54.21
CA VAL E 337 -14.55 -4.05 54.80
C VAL E 337 -13.53 -2.98 55.20
N GLY E 338 -12.67 -3.32 56.16
CA GLY E 338 -11.66 -2.40 56.68
C GLY E 338 -12.21 -1.41 57.70
N PRO E 339 -11.36 -0.50 58.20
CA PRO E 339 -11.74 0.50 59.20
C PRO E 339 -13.10 1.18 58.96
N GLU E 340 -13.24 1.90 57.85
CA GLU E 340 -14.45 2.69 57.59
C GLU E 340 -15.53 1.85 56.89
N LYS E 341 -15.32 0.54 56.81
CA LYS E 341 -16.24 -0.40 56.15
C LYS E 341 -16.75 0.14 54.79
N ASP E 342 -15.81 0.50 53.93
CA ASP E 342 -16.11 1.17 52.66
C ASP E 342 -15.53 0.50 51.39
N HIS E 343 -14.91 -0.66 51.56
CA HIS E 343 -14.41 -1.42 50.41
C HIS E 343 -14.65 -2.93 50.57
N ILE E 344 -13.98 -3.75 49.76
CA ILE E 344 -14.09 -5.21 49.88
C ILE E 344 -12.73 -5.86 49.61
N TYR E 345 -12.62 -7.15 49.89
CA TYR E 345 -11.37 -7.88 49.70
C TYR E 345 -11.41 -8.68 48.41
N LEU E 346 -10.34 -8.58 47.63
CA LEU E 346 -10.09 -9.52 46.55
C LEU E 346 -9.24 -10.61 47.15
N GLN E 347 -9.70 -11.86 47.07
CA GLN E 347 -8.98 -12.98 47.68
C GLN E 347 -8.26 -13.85 46.65
N LEU E 348 -6.93 -13.88 46.75
CA LEU E 348 -6.10 -14.73 45.87
C LEU E 348 -5.29 -15.77 46.65
N HIS E 349 -5.13 -15.59 47.97
CA HIS E 349 -4.23 -16.43 48.78
C HIS E 349 -4.52 -17.94 48.72
N HIS E 350 -5.75 -18.32 48.40
CA HIS E 350 -6.10 -19.72 48.24
C HIS E 350 -5.47 -20.36 47.01
N LEU E 351 -5.08 -19.54 46.03
CA LEU E 351 -4.45 -20.06 44.82
C LEU E 351 -3.01 -20.52 45.07
N PRO E 352 -2.52 -21.47 44.24
CA PRO E 352 -1.12 -21.88 44.31
C PRO E 352 -0.17 -20.70 44.07
N ALA E 353 0.94 -20.67 44.79
CA ALA E 353 1.91 -19.59 44.69
C ALA E 353 2.66 -19.60 43.35
N GLU E 354 2.87 -20.80 42.77
CA GLU E 354 3.51 -20.91 41.44
C GLU E 354 2.65 -20.26 40.36
N GLN E 355 1.34 -20.52 40.43
CA GLN E 355 0.37 -19.91 39.52
C GLN E 355 0.32 -18.39 39.73
N LEU E 356 0.18 -17.97 40.99
CA LEU E 356 0.23 -16.55 41.35
C LEU E 356 1.44 -15.84 40.78
N HIS E 357 2.62 -16.45 40.93
CA HIS E 357 3.85 -15.84 40.41
C HIS E 357 3.97 -15.90 38.89
N GLN E 358 3.46 -16.97 38.26
CA GLN E 358 3.56 -17.13 36.80
C GLN E 358 2.52 -16.32 36.03
N ARG E 359 1.28 -16.35 36.51
CA ARG E 359 0.14 -15.69 35.85
C ARG E 359 -0.11 -14.26 36.35
N LEU E 360 0.38 -13.91 37.55
CA LEU E 360 0.05 -12.62 38.18
C LEU E 360 1.23 -11.96 38.94
N PRO E 361 2.42 -11.95 38.34
CA PRO E 361 3.59 -11.37 39.02
C PRO E 361 3.49 -9.85 39.29
N GLY E 362 3.01 -9.09 38.30
CA GLY E 362 2.97 -7.63 38.38
C GLY E 362 2.07 -7.08 39.47
N ILE E 363 0.85 -7.60 39.55
CA ILE E 363 -0.09 -7.22 40.61
C ILE E 363 0.37 -7.77 41.96
N SER E 364 1.06 -8.92 41.96
CA SER E 364 1.67 -9.43 43.19
C SER E 364 2.64 -8.42 43.78
N GLU E 365 3.40 -7.75 42.91
CA GLU E 365 4.34 -6.70 43.35
C GLU E 365 3.60 -5.39 43.71
N THR E 366 2.70 -4.96 42.84
CA THR E 366 1.92 -3.74 43.06
C THR E 366 1.20 -3.75 44.41
N ALA E 367 0.58 -4.88 44.74
CA ALA E 367 -0.16 -5.01 46.01
C ALA E 367 0.77 -4.80 47.20
N LYS E 368 1.93 -5.46 47.14
CA LYS E 368 2.98 -5.36 48.13
C LYS E 368 3.40 -3.90 48.32
N ILE E 369 3.69 -3.22 47.23
CA ILE E 369 4.17 -1.84 47.27
C ILE E 369 3.12 -0.85 47.78
N PHE E 370 1.88 -0.99 47.33
CA PHE E 370 0.82 0.01 47.60
C PHE E 370 -0.20 -0.40 48.66
N ALA E 371 -0.26 -1.68 49.01
CA ALA E 371 -1.15 -2.16 50.06
C ALA E 371 -0.43 -2.87 51.19
N GLY E 372 0.89 -3.05 51.07
CA GLY E 372 1.65 -3.82 52.07
C GLY E 372 1.10 -5.23 52.24
N VAL E 373 0.80 -5.87 51.11
CA VAL E 373 0.11 -7.17 51.08
C VAL E 373 0.95 -8.24 50.38
N ASP E 374 0.94 -9.42 50.98
CA ASP E 374 1.43 -10.64 50.34
C ASP E 374 0.22 -11.35 49.75
N VAL E 375 0.14 -11.42 48.42
CA VAL E 375 -1.04 -11.99 47.75
C VAL E 375 -1.18 -13.51 47.93
N THR E 376 -0.10 -14.18 48.34
CA THR E 376 -0.14 -15.62 48.65
C THR E 376 -0.76 -15.92 50.04
N LYS E 377 -0.77 -14.90 50.90
CA LYS E 377 -1.16 -15.05 52.30
C LYS E 377 -2.29 -14.13 52.76
N GLU E 378 -2.46 -12.97 52.13
CA GLU E 378 -3.51 -12.00 52.53
C GLU E 378 -4.38 -11.59 51.31
N PRO E 379 -5.49 -10.87 51.56
CA PRO E 379 -6.29 -10.34 50.47
C PRO E 379 -6.05 -8.85 50.18
N ILE E 380 -6.29 -8.44 48.94
CA ILE E 380 -6.07 -7.07 48.54
C ILE E 380 -7.32 -6.22 48.82
N PRO E 381 -7.13 -5.07 49.49
CA PRO E 381 -8.26 -4.14 49.62
C PRO E 381 -8.52 -3.48 48.28
N VAL E 382 -9.77 -3.56 47.80
CA VAL E 382 -10.12 -3.11 46.46
C VAL E 382 -11.49 -2.45 46.45
N ILE E 383 -11.78 -1.67 45.41
CA ILE E 383 -13.06 -0.96 45.34
C ILE E 383 -13.34 -0.52 43.89
N PRO E 384 -14.61 -0.60 43.43
CA PRO E 384 -14.94 -0.07 42.12
C PRO E 384 -14.24 1.26 41.85
N THR E 385 -13.64 1.42 40.67
CA THR E 385 -12.77 2.57 40.35
C THR E 385 -12.88 2.96 38.89
N VAL E 386 -13.14 4.23 38.61
CA VAL E 386 -13.20 4.74 37.23
C VAL E 386 -11.97 4.27 36.45
N HIS E 387 -12.22 3.77 35.24
CA HIS E 387 -11.22 2.97 34.55
C HIS E 387 -11.22 3.13 33.03
N TYR E 388 -12.34 2.78 32.38
CA TYR E 388 -12.48 2.90 30.92
C TYR E 388 -13.63 3.84 30.54
N ASN E 389 -13.46 4.56 29.43
CA ASN E 389 -14.52 5.40 28.86
C ASN E 389 -14.98 4.85 27.53
N MET E 390 -16.21 4.32 27.45
CA MET E 390 -16.70 3.85 26.16
C MET E 390 -16.78 5.09 25.29
N GLY E 391 -17.58 6.03 25.74
CA GLY E 391 -17.84 7.25 25.01
C GLY E 391 -16.64 7.94 24.40
N GLY E 392 -16.94 8.82 23.46
CA GLY E 392 -15.92 9.57 22.74
C GLY E 392 -16.43 10.11 21.41
N ILE E 393 -15.48 10.36 20.51
CA ILE E 393 -15.77 10.90 19.19
C ILE E 393 -16.53 9.83 18.37
N PRO E 394 -17.73 10.16 17.88
CA PRO E 394 -18.51 9.16 17.16
C PRO E 394 -17.91 8.88 15.80
N THR E 395 -18.02 7.63 15.35
CA THR E 395 -17.54 7.23 14.03
C THR E 395 -18.42 6.15 13.41
N ASN E 396 -18.24 5.94 12.11
CA ASN E 396 -18.81 4.78 11.41
C ASN E 396 -17.92 3.58 11.70
N TYR E 397 -18.29 2.42 11.17
CA TYR E 397 -17.44 1.23 11.31
C TYR E 397 -16.03 1.42 10.71
N LYS E 398 -15.90 2.28 9.69
CA LYS E 398 -14.59 2.58 9.08
C LYS E 398 -13.73 3.51 9.93
N ALA E 399 -14.19 3.87 11.13
CA ALA E 399 -13.46 4.74 12.05
C ALA E 399 -13.29 6.16 11.55
N GLN E 400 -14.33 6.70 10.90
CA GLN E 400 -14.32 8.08 10.44
C GLN E 400 -15.25 8.91 11.31
N VAL E 401 -14.72 10.01 11.85
CA VAL E 401 -15.50 10.91 12.70
C VAL E 401 -16.72 11.42 11.93
N ILE E 402 -17.88 11.43 12.60
CA ILE E 402 -19.16 11.77 11.96
C ILE E 402 -19.96 12.83 12.72
N LYS E 403 -20.82 13.51 11.97
CA LYS E 403 -21.85 14.38 12.52
C LYS E 403 -23.21 13.75 12.22
N TYR E 404 -24.18 13.98 13.10
CA TYR E 404 -25.51 13.40 12.96
C TYR E 404 -26.63 14.44 13.03
N THR E 405 -27.69 14.19 12.28
CA THR E 405 -28.96 14.91 12.40
C THR E 405 -30.07 13.90 12.11
N LYS E 406 -31.31 14.26 12.40
CA LYS E 406 -32.45 13.44 12.02
C LYS E 406 -32.68 13.51 10.50
N GLU E 407 -32.56 14.72 9.95
CA GLU E 407 -32.93 15.00 8.54
C GLU E 407 -31.73 14.98 7.60
N GLY E 408 -30.56 14.63 8.10
CA GLY E 408 -29.39 14.43 7.25
C GLY E 408 -28.62 13.15 7.50
N GLY E 409 -29.01 12.38 8.52
CA GLY E 409 -28.30 11.16 8.90
C GLY E 409 -26.82 11.36 9.19
N ASP E 410 -26.08 10.26 9.18
CA ASP E 410 -24.63 10.31 9.38
C ASP E 410 -23.95 11.00 8.21
N LYS E 411 -23.06 11.95 8.52
CA LYS E 411 -22.29 12.72 7.52
C LYS E 411 -20.83 12.84 7.91
N ILE E 412 -19.96 11.95 7.40
CA ILE E 412 -18.56 11.90 7.86
C ILE E 412 -17.90 13.27 7.83
N VAL E 413 -17.08 13.56 8.84
CA VAL E 413 -16.25 14.76 8.83
C VAL E 413 -15.07 14.46 7.91
N PRO E 414 -15.00 15.13 6.75
CA PRO E 414 -13.94 14.81 5.79
C PRO E 414 -12.56 15.11 6.36
N GLY E 415 -11.66 14.13 6.27
CA GLY E 415 -10.30 14.28 6.74
C GLY E 415 -10.05 13.53 8.03
N LEU E 416 -11.10 13.36 8.83
CA LEU E 416 -10.93 12.97 10.24
C LEU E 416 -11.27 11.51 10.57
N TYR E 417 -10.28 10.80 11.09
CA TYR E 417 -10.45 9.47 11.68
C TYR E 417 -10.17 9.54 13.19
N ALA E 418 -10.60 8.52 13.93
CA ALA E 418 -10.42 8.46 15.36
C ALA E 418 -10.51 7.03 15.80
N CYS E 419 -9.66 6.63 16.74
CA CYS E 419 -9.67 5.24 17.24
C CYS E 419 -9.13 5.09 18.67
N GLY E 420 -9.20 3.88 19.22
CA GLY E 420 -8.85 3.67 20.62
C GLY E 420 -9.96 4.12 21.57
N GLU E 421 -9.57 4.43 22.81
CA GLU E 421 -10.52 4.75 23.88
C GLU E 421 -11.26 6.07 23.61
N CYS E 422 -10.55 7.00 22.99
CA CYS E 422 -11.07 8.33 22.72
C CYS E 422 -12.16 8.32 21.68
N ALA E 423 -12.29 7.20 20.97
CA ALA E 423 -13.33 7.05 19.95
C ALA E 423 -14.55 6.34 20.53
N CYS E 424 -15.63 6.38 19.75
CA CYS E 424 -16.85 5.65 20.05
C CYS E 424 -17.38 5.11 18.71
N HIS E 425 -17.18 3.81 18.48
CA HIS E 425 -17.46 3.21 17.16
C HIS E 425 -18.90 2.81 16.83
N SER E 426 -19.71 2.29 17.78
CA SER E 426 -19.35 1.97 19.17
C SER E 426 -19.20 0.45 19.35
N VAL E 427 -17.98 -0.02 19.61
CA VAL E 427 -17.77 -1.45 19.85
C VAL E 427 -18.03 -1.88 21.29
N HIS E 428 -18.35 -0.93 22.17
CA HIS E 428 -18.60 -1.25 23.58
C HIS E 428 -20.01 -0.89 24.07
N GLY E 429 -20.61 0.13 23.45
CA GLY E 429 -21.93 0.58 23.89
C GLY E 429 -21.98 1.00 25.36
N ALA E 430 -22.74 0.26 26.16
CA ALA E 430 -23.02 0.63 27.55
C ALA E 430 -22.04 0.02 28.54
N ASN E 431 -21.33 -1.02 28.11
CA ASN E 431 -20.39 -1.72 28.97
C ASN E 431 -19.36 -2.42 28.12
N ARG E 432 -18.13 -1.92 28.21
CA ARG E 432 -16.98 -2.56 27.61
C ARG E 432 -16.71 -3.90 28.30
N LEU E 433 -16.25 -4.85 27.50
CA LEU E 433 -15.84 -6.16 28.00
C LEU E 433 -14.33 -6.15 28.24
N GLY E 434 -13.87 -6.74 29.33
CA GLY E 434 -12.44 -6.80 29.63
C GLY E 434 -11.66 -7.47 28.50
N ALA E 435 -10.46 -6.97 28.25
CA ALA E 435 -9.64 -7.36 27.10
C ALA E 435 -10.15 -6.96 25.70
N ASN E 436 -11.31 -6.31 25.61
CA ASN E 436 -11.78 -5.80 24.29
C ASN E 436 -11.22 -4.44 23.88
N SER E 437 -10.43 -3.78 24.74
CA SER E 437 -9.99 -2.42 24.44
C SER E 437 -8.63 -2.41 23.77
N LEU E 438 -7.73 -3.26 24.26
CA LEU E 438 -6.48 -3.49 23.57
C LEU E 438 -6.77 -4.04 22.17
N LEU E 439 -7.77 -4.91 22.09
CA LEU E 439 -8.25 -5.45 20.83
C LEU E 439 -8.84 -4.35 19.97
N ASP E 440 -9.77 -3.57 20.54
CA ASP E 440 -10.39 -2.42 19.85
C ASP E 440 -9.32 -1.47 19.28
N ALA E 441 -8.24 -1.28 20.04
CA ALA E 441 -7.20 -0.34 19.65
C ALA E 441 -6.45 -0.79 18.40
N VAL E 442 -5.98 -2.02 18.43
CA VAL E 442 -5.19 -2.58 17.33
C VAL E 442 -6.07 -2.76 16.10
N VAL E 443 -7.24 -3.36 16.30
CA VAL E 443 -8.13 -3.62 15.18
C VAL E 443 -8.45 -2.31 14.47
N PHE E 444 -9.02 -1.36 15.20
CA PHE E 444 -9.48 -0.13 14.56
C PHE E 444 -8.36 0.86 14.27
N GLY E 445 -7.22 0.68 14.93
CA GLY E 445 -6.02 1.42 14.54
C GLY E 445 -5.58 0.98 13.15
N ARG E 446 -5.47 -0.33 12.98
CA ARG E 446 -5.15 -0.92 11.68
C ARG E 446 -6.24 -0.57 10.68
N ALA E 447 -7.50 -0.78 11.07
CA ALA E 447 -8.63 -0.45 10.22
C ALA E 447 -8.47 0.95 9.67
N CYS E 448 -7.91 1.86 10.46
CA CYS E 448 -7.71 3.25 10.04
C CYS E 448 -6.73 3.36 8.88
N SER E 449 -5.64 2.60 8.94
CA SER E 449 -4.66 2.59 7.85
C SER E 449 -5.30 2.04 6.59
N ILE E 450 -5.81 0.81 6.70
CA ILE E 450 -6.47 0.12 5.58
C ILE E 450 -7.46 1.05 4.88
N ASN E 451 -8.29 1.73 5.65
CA ASN E 451 -9.36 2.55 5.09
C ASN E 451 -8.83 3.80 4.40
N ILE E 452 -7.65 4.28 4.82
CA ILE E 452 -7.02 5.44 4.21
C ILE E 452 -6.28 4.98 2.96
N LYS E 453 -5.52 3.89 3.07
CA LYS E 453 -4.92 3.23 1.91
C LYS E 453 -5.92 3.17 0.77
N GLU E 454 -7.16 2.79 1.09
CA GLU E 454 -8.18 2.53 0.10
C GLU E 454 -9.13 3.70 -0.16
N GLU E 455 -8.72 4.93 0.15
CA GLU E 455 -9.57 6.09 -0.17
C GLU E 455 -8.79 7.37 -0.45
N LEU E 456 -7.69 7.59 0.25
CA LEU E 456 -6.76 8.65 -0.08
C LEU E 456 -5.97 8.18 -1.30
N LYS E 457 -6.08 8.92 -2.41
CA LYS E 457 -5.25 8.64 -3.59
C LYS E 457 -4.23 9.77 -3.81
N PRO E 458 -3.07 9.42 -4.41
CA PRO E 458 -1.96 10.38 -4.59
C PRO E 458 -2.27 11.65 -5.41
N ASP E 459 -3.40 11.67 -6.13
CA ASP E 459 -3.90 12.88 -6.79
C ASP E 459 -4.08 14.01 -5.79
N GLU E 460 -4.88 13.74 -4.76
CA GLU E 460 -5.18 14.68 -3.69
C GLU E 460 -3.93 15.16 -2.99
N LYS E 461 -3.71 16.47 -3.01
CA LYS E 461 -2.49 17.05 -2.47
C LYS E 461 -2.70 17.65 -1.08
N ILE E 462 -1.60 17.72 -0.32
CA ILE E 462 -1.64 18.23 1.04
C ILE E 462 -2.29 19.62 1.05
N PRO E 463 -3.31 19.84 1.91
CA PRO E 463 -4.01 21.13 1.94
C PRO E 463 -3.10 22.32 2.24
N GLU E 464 -3.36 23.44 1.57
CA GLU E 464 -2.81 24.73 1.98
C GLU E 464 -3.68 25.16 3.17
N LEU E 465 -3.07 25.83 4.15
CA LEU E 465 -3.81 26.22 5.35
C LEU E 465 -4.55 27.53 5.12
N PRO E 466 -5.77 27.65 5.69
CA PRO E 466 -6.47 28.91 5.76
C PRO E 466 -5.60 30.01 6.33
N GLU E 467 -5.94 31.25 6.04
CA GLU E 467 -5.25 32.38 6.66
C GLU E 467 -5.69 32.43 8.14
N GLY E 468 -4.74 32.68 9.03
CA GLY E 468 -5.00 32.75 10.46
C GLY E 468 -5.38 31.42 11.12
N ALA E 469 -5.05 30.31 10.47
CA ALA E 469 -5.40 28.98 10.98
C ALA E 469 -4.65 28.67 12.26
N GLY E 470 -5.41 28.35 13.31
CA GLY E 470 -4.85 28.06 14.62
C GLY E 470 -4.42 29.29 15.38
N GLU E 471 -4.85 30.47 14.93
CA GLU E 471 -4.51 31.72 15.60
C GLU E 471 -5.23 31.81 16.95
N GLU E 472 -6.39 31.18 17.02
CA GLU E 472 -7.25 31.23 18.20
C GLU E 472 -6.74 30.25 19.25
N SER E 473 -6.16 29.15 18.79
CA SER E 473 -5.53 28.17 19.67
C SER E 473 -4.34 28.79 20.38
N ILE E 474 -3.62 29.66 19.67
CA ILE E 474 -2.49 30.40 20.26
C ILE E 474 -3.02 31.45 21.23
N ALA E 475 -4.14 32.07 20.88
CA ALA E 475 -4.78 33.06 21.75
C ALA E 475 -5.09 32.48 23.13
N ASN E 476 -5.66 31.28 23.14
CA ASN E 476 -5.97 30.59 24.39
C ASN E 476 -4.71 30.14 25.08
N LEU E 477 -3.75 29.64 24.30
CA LEU E 477 -2.50 29.23 24.90
C LEU E 477 -1.99 30.39 25.71
N ASP E 478 -2.03 31.57 25.09
CA ASP E 478 -1.50 32.80 25.68
C ASP E 478 -2.30 33.27 26.90
N ALA E 479 -3.62 33.27 26.78
CA ALA E 479 -4.50 33.66 27.87
C ALA E 479 -4.24 32.85 29.12
N VAL E 480 -4.10 31.54 28.92
CA VAL E 480 -3.93 30.58 30.02
C VAL E 480 -2.52 30.67 30.56
N ARG E 481 -1.55 30.85 29.66
CA ARG E 481 -0.16 31.04 30.05
C ARG E 481 -0.01 32.20 31.05
N TYR E 482 -0.71 33.29 30.78
CA TYR E 482 -0.63 34.48 31.61
C TYR E 482 -1.88 34.67 32.47
N ALA E 483 -2.63 33.59 32.69
CA ALA E 483 -3.84 33.66 33.50
C ALA E 483 -3.50 34.22 34.87
N ASN E 484 -4.31 35.17 35.33
CA ASN E 484 -3.95 35.99 36.48
C ASN E 484 -4.94 35.94 37.65
N GLY E 485 -6.11 35.36 37.42
CA GLY E 485 -7.20 35.33 38.40
C GLY E 485 -6.88 34.78 39.79
N ASP E 486 -7.92 34.32 40.46
CA ASP E 486 -7.86 34.02 41.90
C ASP E 486 -8.00 32.53 42.21
N VAL E 487 -8.13 31.69 41.16
CA VAL E 487 -8.34 30.26 41.32
C VAL E 487 -7.22 29.47 40.63
N PRO E 488 -6.28 28.91 41.43
CA PRO E 488 -5.24 28.09 40.82
C PRO E 488 -5.83 26.90 40.07
N THR E 489 -5.21 26.55 38.95
CA THR E 489 -5.62 25.40 38.15
C THR E 489 -5.73 24.10 38.98
N ALA E 490 -4.81 23.88 39.90
CA ALA E 490 -4.85 22.68 40.76
C ALA E 490 -6.12 22.57 41.61
N GLU E 491 -6.61 23.69 42.11
CA GLU E 491 -7.77 23.71 43.02
C GLU E 491 -9.07 23.44 42.27
N LEU E 492 -9.18 24.06 41.10
CA LEU E 492 -10.33 23.87 40.25
C LEU E 492 -10.39 22.46 39.67
N ARG E 493 -9.22 21.84 39.44
CA ARG E 493 -9.20 20.45 38.97
C ARG E 493 -9.76 19.53 40.05
N LEU E 494 -9.38 19.79 41.30
CA LEU E 494 -9.75 18.92 42.42
C LEU E 494 -11.24 18.98 42.73
N THR E 495 -11.86 20.14 42.55
CA THR E 495 -13.30 20.25 42.85
C THR E 495 -14.11 19.61 41.72
N MET E 496 -13.61 19.74 40.50
CA MET E 496 -14.21 19.04 39.36
C MET E 496 -14.17 17.54 39.60
N GLN E 497 -12.97 17.05 39.91
CA GLN E 497 -12.79 15.65 40.24
C GLN E 497 -13.72 15.16 41.36
N LYS E 498 -13.75 15.91 42.47
CA LYS E 498 -14.63 15.61 43.63
C LYS E 498 -16.12 15.71 43.30
N THR E 499 -16.52 16.75 42.58
CA THR E 499 -17.91 16.88 42.14
C THR E 499 -18.37 15.67 41.35
N MET E 500 -17.54 15.29 40.38
CA MET E 500 -17.86 14.20 39.46
C MET E 500 -18.05 12.90 40.22
N GLN E 501 -17.14 12.65 41.15
CA GLN E 501 -17.16 11.45 41.99
C GLN E 501 -18.41 11.36 42.84
N LYS E 502 -18.89 12.51 43.33
CA LYS E 502 -20.11 12.57 44.15
C LYS E 502 -21.37 12.39 43.32
N HIS E 503 -21.43 13.03 42.15
CA HIS E 503 -22.67 13.08 41.40
C HIS E 503 -22.79 12.10 40.21
N ALA E 504 -21.69 11.42 39.84
CA ALA E 504 -21.72 10.50 38.69
C ALA E 504 -21.06 9.16 39.00
N GLY E 505 -21.28 8.66 40.22
CA GLY E 505 -20.71 7.39 40.67
C GLY E 505 -21.42 6.20 40.08
N VAL E 506 -21.20 5.04 40.70
CA VAL E 506 -21.78 3.75 40.26
C VAL E 506 -23.31 3.81 40.18
N PHE E 507 -23.95 4.30 41.24
CA PHE E 507 -25.39 4.53 41.26
C PHE E 507 -25.69 6.02 41.23
N ARG E 508 -26.78 6.38 40.56
CA ARG E 508 -27.12 7.78 40.30
C ARG E 508 -28.63 8.03 40.44
N ARG E 509 -28.99 9.28 40.78
CA ARG E 509 -30.40 9.67 40.87
C ARG E 509 -30.61 11.05 40.26
N GLY E 510 -31.84 11.31 39.81
CA GLY E 510 -32.17 12.54 39.10
C GLY E 510 -31.79 13.84 39.80
N ASP E 511 -32.03 13.90 41.10
CA ASP E 511 -31.76 15.11 41.88
C ASP E 511 -30.26 15.30 42.13
N ILE E 512 -29.56 14.23 42.51
CA ILE E 512 -28.10 14.30 42.65
C ILE E 512 -27.48 14.67 41.31
N LEU E 513 -27.95 14.04 40.24
CA LEU E 513 -27.48 14.37 38.90
C LEU E 513 -27.68 15.84 38.59
N ALA E 514 -28.88 16.34 38.85
CA ALA E 514 -29.22 17.76 38.60
C ALA E 514 -28.41 18.72 39.47
N GLU E 515 -28.24 18.36 40.75
CA GLU E 515 -27.36 19.13 41.62
C GLU E 515 -25.95 19.17 41.01
N GLY E 516 -25.45 18.00 40.61
CA GLY E 516 -24.14 17.88 39.94
C GLY E 516 -23.96 18.76 38.70
N VAL E 517 -24.96 18.76 37.81
CA VAL E 517 -24.87 19.57 36.58
C VAL E 517 -24.74 21.06 36.95
N LYS E 518 -25.59 21.47 37.90
CA LYS E 518 -25.60 22.83 38.41
C LYS E 518 -24.20 23.24 38.82
N LYS E 519 -23.62 22.48 39.75
CA LYS E 519 -22.28 22.77 40.27
C LYS E 519 -21.24 22.74 39.16
N MET E 520 -21.38 21.78 38.24
CA MET E 520 -20.41 21.60 37.16
C MET E 520 -20.44 22.75 36.13
N MET E 521 -21.63 23.22 35.77
CA MET E 521 -21.73 24.42 34.93
C MET E 521 -21.22 25.68 35.66
N ASP E 522 -21.22 25.66 36.99
CA ASP E 522 -20.61 26.74 37.78
C ASP E 522 -19.08 26.64 37.79
N LEU E 523 -18.53 25.43 37.86
CA LEU E 523 -17.08 25.26 37.79
C LEU E 523 -16.53 25.57 36.40
N PHE E 524 -17.39 25.49 35.38
CA PHE E 524 -17.00 25.89 34.03
C PHE E 524 -16.79 27.41 33.96
N LYS E 525 -17.55 28.15 34.75
CA LYS E 525 -17.42 29.60 34.83
C LYS E 525 -16.09 30.01 35.48
N GLU E 526 -15.66 29.28 36.51
CA GLU E 526 -14.43 29.61 37.22
C GLU E 526 -13.18 29.53 36.31
N LEU E 527 -13.31 28.81 35.20
CA LEU E 527 -12.28 28.80 34.15
C LEU E 527 -11.83 30.20 33.73
N LYS E 528 -12.76 31.16 33.76
CA LYS E 528 -12.43 32.57 33.48
C LYS E 528 -11.62 33.22 34.59
N ARG E 529 -11.69 32.67 35.81
CA ARG E 529 -10.92 33.18 36.95
C ARG E 529 -9.62 32.41 37.20
N LEU E 530 -9.08 31.77 36.15
CA LEU E 530 -7.96 30.85 36.31
C LEU E 530 -6.67 31.55 36.73
N LYS E 531 -5.83 30.86 37.49
CA LYS E 531 -4.52 31.39 37.88
C LYS E 531 -3.40 30.40 37.63
N THR E 532 -2.58 30.70 36.64
CA THR E 532 -1.33 30.00 36.44
C THR E 532 -0.24 30.76 37.18
N THR E 533 1.00 30.31 37.05
CA THR E 533 2.13 30.89 37.75
C THR E 533 3.41 30.81 36.92
N ASP E 534 3.65 29.65 36.29
CA ASP E 534 4.81 29.48 35.41
C ASP E 534 4.56 30.20 34.10
N ARG E 535 5.43 31.16 33.81
CA ARG E 535 5.25 32.05 32.67
C ARG E 535 6.05 31.61 31.44
N SER E 536 6.91 30.61 31.60
CA SER E 536 7.80 30.18 30.53
C SER E 536 7.10 29.40 29.42
N LEU E 537 7.83 29.20 28.33
CA LEU E 537 7.38 28.39 27.21
C LEU E 537 8.05 27.03 27.24
N ILE E 538 9.34 27.01 27.59
CA ILE E 538 10.09 25.76 27.65
C ILE E 538 9.57 24.83 28.75
N TRP E 539 9.13 23.65 28.33
CA TRP E 539 8.62 22.57 29.20
C TRP E 539 7.80 23.08 30.40
N ASN E 540 6.69 23.72 30.09
CA ASN E 540 5.80 24.29 31.09
C ASN E 540 4.63 23.35 31.33
N SER E 541 4.71 22.61 32.44
CA SER E 541 3.65 21.68 32.81
C SER E 541 2.52 22.37 33.55
N ASP E 542 2.78 23.56 34.13
CA ASP E 542 1.71 24.35 34.77
C ASP E 542 0.76 24.76 33.67
N LEU E 543 1.33 25.31 32.60
CA LEU E 543 0.58 25.62 31.39
C LEU E 543 -0.18 24.41 30.89
N THR E 544 0.55 23.38 30.43
CA THR E 544 -0.10 22.25 29.76
C THR E 544 -1.14 21.58 30.66
N GLU E 545 -0.84 21.45 31.97
CA GLU E 545 -1.81 20.88 32.92
C GLU E 545 -3.09 21.74 33.06
N SER E 546 -2.99 23.04 32.77
CA SER E 546 -4.17 23.90 32.72
C SER E 546 -4.90 23.73 31.40
N LEU E 547 -4.14 23.59 30.32
CA LEU E 547 -4.73 23.21 29.02
C LEU E 547 -5.50 21.89 29.19
N GLU E 548 -4.90 20.95 29.91
CA GLU E 548 -5.54 19.69 30.25
C GLU E 548 -6.83 19.92 31.06
N LEU E 549 -6.82 20.88 31.98
CA LEU E 549 -8.00 21.22 32.81
C LEU E 549 -9.19 21.75 32.01
N GLN E 550 -8.92 22.62 31.04
CA GLN E 550 -9.98 23.10 30.13
C GLN E 550 -10.58 21.93 29.35
N ASN E 551 -9.73 21.01 28.92
CA ASN E 551 -10.15 19.83 28.14
C ASN E 551 -10.98 18.86 28.97
N LEU E 552 -10.54 18.61 30.20
CA LEU E 552 -11.27 17.78 31.17
C LEU E 552 -12.66 18.34 31.47
N MET E 553 -12.75 19.66 31.66
CA MET E 553 -14.03 20.30 31.97
C MET E 553 -15.06 20.15 30.84
N LEU E 554 -14.60 20.19 29.58
CA LEU E 554 -15.48 19.91 28.43
C LEU E 554 -16.00 18.47 28.46
N ASN E 555 -15.10 17.53 28.70
CA ASN E 555 -15.46 16.11 28.81
C ASN E 555 -16.44 15.90 29.96
N ALA E 556 -16.06 16.37 31.15
CA ALA E 556 -16.84 16.18 32.38
C ALA E 556 -18.25 16.78 32.31
N THR E 557 -18.35 18.05 31.92
CA THR E 557 -19.67 18.68 31.82
C THR E 557 -20.57 17.86 30.91
N GLN E 558 -20.14 17.69 29.65
CA GLN E 558 -20.87 16.87 28.67
C GLN E 558 -21.26 15.52 29.27
N THR E 559 -20.34 14.91 30.01
CA THR E 559 -20.59 13.63 30.67
C THR E 559 -21.80 13.70 31.61
N ILE E 560 -21.80 14.67 32.54
CA ILE E 560 -22.84 14.75 33.57
C ILE E 560 -24.21 15.22 33.08
N VAL E 561 -24.27 16.01 32.00
CA VAL E 561 -25.57 16.47 31.50
C VAL E 561 -26.21 15.37 30.64
N ALA E 562 -25.36 14.53 30.04
CA ALA E 562 -25.82 13.32 29.32
C ALA E 562 -26.39 12.30 30.29
N ALA E 563 -25.70 12.13 31.42
CA ALA E 563 -26.10 11.21 32.48
C ALA E 563 -27.43 11.63 33.07
N GLU E 564 -27.51 12.90 33.45
CA GLU E 564 -28.70 13.54 34.01
C GLU E 564 -29.98 13.11 33.29
N ASN E 565 -29.93 13.25 31.96
CA ASN E 565 -31.11 13.13 31.10
C ASN E 565 -31.48 11.69 30.70
N ARG E 566 -30.52 10.76 30.76
CA ARG E 566 -30.81 9.36 30.47
C ARG E 566 -31.64 8.74 31.60
N LYS E 567 -32.95 8.72 31.42
CA LYS E 567 -33.85 8.17 32.42
C LYS E 567 -34.09 6.65 32.24
N GLU E 568 -33.01 5.89 32.41
CA GLU E 568 -33.06 4.43 32.35
C GLU E 568 -31.85 3.84 33.09
N SER E 569 -31.80 2.52 33.20
CA SER E 569 -30.64 1.83 33.76
C SER E 569 -30.09 0.80 32.76
N ARG E 570 -29.12 1.23 31.96
CA ARG E 570 -28.51 0.40 30.91
C ARG E 570 -27.00 0.30 31.07
N GLY E 571 -26.51 -0.91 31.27
CA GLY E 571 -25.09 -1.15 31.38
C GLY E 571 -24.48 -0.47 32.58
N ALA E 572 -23.43 0.33 32.34
CA ALA E 572 -22.71 1.01 33.41
C ALA E 572 -23.44 2.25 33.95
N HIS E 573 -24.47 2.70 33.25
CA HIS E 573 -25.35 3.76 33.73
C HIS E 573 -26.50 3.13 34.51
N ALA E 574 -26.54 3.39 35.81
CA ALA E 574 -27.54 2.82 36.72
C ALA E 574 -28.26 3.94 37.46
N ARG E 575 -29.58 4.04 37.25
CA ARG E 575 -30.41 5.07 37.86
C ARG E 575 -31.31 4.46 38.93
N ASP E 576 -31.18 4.91 40.18
CA ASP E 576 -32.09 4.49 41.24
C ASP E 576 -33.53 4.87 40.90
N ASP E 577 -33.70 6.05 40.31
CA ASP E 577 -35.02 6.54 39.90
C ASP E 577 -35.59 5.86 38.65
N PHE E 578 -34.76 5.10 37.93
CA PHE E 578 -35.22 4.34 36.75
C PHE E 578 -34.47 3.02 36.62
N PRO E 579 -34.79 2.04 37.48
CA PRO E 579 -34.05 0.77 37.53
C PRO E 579 -34.10 -0.10 36.26
N LYS E 580 -35.11 0.12 35.41
CA LYS E 580 -35.29 -0.70 34.21
C LYS E 580 -34.47 -0.22 33.02
N ARG E 581 -34.21 -1.14 32.09
CA ARG E 581 -33.63 -0.81 30.80
C ARG E 581 -34.79 -0.53 29.86
N GLU E 582 -34.75 0.61 29.17
CA GLU E 582 -35.90 1.07 28.36
C GLU E 582 -35.63 0.90 26.87
N ASP E 583 -36.16 -0.18 26.28
CA ASP E 583 -35.92 -0.50 24.87
C ASP E 583 -37.15 -0.22 24.02
N GLU E 584 -37.06 -0.51 22.72
CA GLU E 584 -38.19 -0.29 21.80
C GLU E 584 -39.34 -1.25 22.11
N TYR E 585 -39.01 -2.46 22.53
CA TYR E 585 -40.00 -3.41 23.07
C TYR E 585 -39.62 -3.73 24.52
N ASP E 586 -40.53 -4.38 25.23
CA ASP E 586 -40.19 -4.95 26.52
C ASP E 586 -39.82 -6.41 26.30
N TYR E 587 -38.51 -6.69 26.27
CA TYR E 587 -38.03 -8.02 25.96
C TYR E 587 -38.15 -9.00 27.12
N SER E 588 -38.61 -8.53 28.28
CA SER E 588 -38.91 -9.43 29.39
C SER E 588 -40.20 -10.21 29.13
N LYS E 589 -40.99 -9.76 28.16
CA LYS E 589 -42.18 -10.48 27.68
C LYS E 589 -41.99 -10.83 26.20
N PRO E 590 -42.74 -11.81 25.67
CA PRO E 590 -42.60 -12.19 24.25
C PRO E 590 -42.78 -10.99 23.27
N ILE E 591 -42.20 -11.11 22.09
CA ILE E 591 -42.02 -9.97 21.18
C ILE E 591 -43.29 -9.66 20.38
N GLU E 592 -43.90 -10.69 19.80
CA GLU E 592 -45.13 -10.52 19.01
C GLU E 592 -46.29 -10.04 19.88
N GLY E 593 -47.24 -9.35 19.26
CA GLY E 593 -48.37 -8.76 19.98
C GLY E 593 -47.94 -7.59 20.83
N GLN E 594 -46.93 -6.87 20.35
CA GLN E 594 -46.46 -5.63 20.99
C GLN E 594 -46.28 -4.57 19.92
N THR E 595 -46.43 -3.31 20.33
CA THR E 595 -46.15 -2.17 19.46
C THR E 595 -44.76 -1.60 19.77
N LYS E 596 -44.02 -1.31 18.71
CA LYS E 596 -42.69 -0.69 18.81
C LYS E 596 -42.83 0.73 19.36
N ARG E 597 -42.22 0.99 20.51
CA ARG E 597 -42.17 2.36 21.05
C ARG E 597 -41.43 3.28 20.09
N PRO E 598 -41.82 4.57 20.07
CA PRO E 598 -41.14 5.51 19.19
C PRO E 598 -39.78 5.94 19.74
N PHE E 599 -38.88 6.32 18.84
CA PHE E 599 -37.50 6.71 19.17
C PHE E 599 -37.41 7.77 20.25
N GLU E 600 -38.39 8.67 20.30
CA GLU E 600 -38.44 9.76 21.29
C GLU E 600 -38.81 9.29 22.71
N LYS E 601 -39.25 8.04 22.85
CA LYS E 601 -39.76 7.52 24.13
C LYS E 601 -38.78 6.58 24.84
N HIS E 602 -38.36 5.52 24.15
CA HIS E 602 -37.39 4.56 24.69
C HIS E 602 -35.95 5.11 24.63
N TRP E 603 -34.99 4.32 25.11
CA TRP E 603 -33.60 4.79 25.26
C TRP E 603 -32.50 3.99 24.53
N ARG E 604 -32.86 3.00 23.68
CA ARG E 604 -31.84 2.32 22.86
C ARG E 604 -31.36 3.24 21.76
N LYS E 605 -30.56 4.21 22.17
CA LYS E 605 -30.09 5.27 21.30
C LYS E 605 -28.87 5.92 21.96
N HIS E 606 -27.92 6.34 21.13
CA HIS E 606 -26.68 6.95 21.62
C HIS E 606 -26.96 8.38 22.04
N THR E 607 -26.28 8.84 23.09
CA THR E 607 -26.33 10.23 23.48
C THR E 607 -25.33 11.04 22.64
N LEU E 608 -25.71 12.24 22.19
CA LEU E 608 -24.82 13.14 21.44
C LEU E 608 -24.79 14.54 22.05
N THR E 609 -23.69 14.88 22.73
CA THR E 609 -23.56 16.17 23.44
C THR E 609 -22.79 17.20 22.59
N LYS E 610 -23.46 18.30 22.29
CA LYS E 610 -22.87 19.40 21.52
C LYS E 610 -22.59 20.56 22.47
N GLN E 611 -21.35 21.04 22.50
CA GLN E 611 -20.96 22.03 23.49
C GLN E 611 -20.24 23.23 22.89
N ASP E 612 -20.73 24.43 23.23
CA ASP E 612 -20.06 25.67 22.84
C ASP E 612 -18.83 25.84 23.74
N PRO E 613 -17.61 25.75 23.17
CA PRO E 613 -16.41 25.83 24.01
C PRO E 613 -16.24 27.15 24.80
N ARG E 614 -16.75 28.26 24.26
CA ARG E 614 -16.69 29.56 24.96
C ARG E 614 -17.63 29.61 26.16
N THR E 615 -18.92 29.37 25.89
CA THR E 615 -19.99 29.48 26.91
C THR E 615 -20.22 28.19 27.70
N GLY E 616 -19.66 27.08 27.19
CA GLY E 616 -19.87 25.77 27.80
C GLY E 616 -21.27 25.20 27.62
N HIS E 617 -22.11 25.86 26.82
CA HIS E 617 -23.52 25.46 26.72
C HIS E 617 -23.65 24.17 25.94
N ILE E 618 -24.34 23.20 26.53
CA ILE E 618 -24.49 21.87 25.98
C ILE E 618 -25.91 21.64 25.51
N THR E 619 -26.04 21.02 24.33
CA THR E 619 -27.35 20.65 23.77
C THR E 619 -27.33 19.14 23.52
N LEU E 620 -28.50 18.50 23.55
CA LEU E 620 -28.58 17.05 23.39
C LEU E 620 -29.29 16.67 22.09
N ASP E 621 -28.88 15.52 21.56
CA ASP E 621 -29.50 14.91 20.40
C ASP E 621 -29.25 13.43 20.53
N TYR E 622 -30.00 12.61 19.80
CA TYR E 622 -29.95 11.17 20.00
C TYR E 622 -29.95 10.37 18.69
N ARG E 623 -28.93 9.54 18.54
CA ARG E 623 -28.63 8.83 17.31
C ARG E 623 -29.00 7.37 17.51
N PRO E 624 -29.59 6.72 16.50
CA PRO E 624 -29.99 5.33 16.66
C PRO E 624 -28.80 4.40 16.66
N VAL E 625 -28.92 3.32 17.43
CA VAL E 625 -27.95 2.23 17.43
C VAL E 625 -28.06 1.43 16.14
N ILE E 626 -26.93 1.11 15.53
CA ILE E 626 -26.89 0.24 14.37
C ILE E 626 -27.03 -1.22 14.82
N ASP E 627 -28.10 -1.87 14.38
CA ASP E 627 -28.41 -3.25 14.77
C ASP E 627 -28.00 -4.29 13.71
N LYS E 628 -27.96 -3.86 12.46
CA LYS E 628 -27.49 -4.71 11.35
C LYS E 628 -25.99 -4.93 11.44
N THR E 629 -25.54 -6.13 11.08
CA THR E 629 -24.11 -6.44 11.02
C THR E 629 -23.51 -5.81 9.74
N LEU E 630 -22.30 -6.21 9.38
CA LEU E 630 -21.66 -5.76 8.12
C LEU E 630 -22.12 -6.60 6.93
N ASP E 631 -22.45 -7.86 7.20
CA ASP E 631 -22.78 -8.80 6.15
C ASP E 631 -23.63 -9.93 6.74
N PRO E 632 -24.97 -9.82 6.62
CA PRO E 632 -25.88 -10.79 7.28
C PRO E 632 -25.59 -12.24 6.92
N ALA E 633 -24.92 -12.45 5.78
CA ALA E 633 -24.51 -13.77 5.33
C ALA E 633 -23.47 -14.39 6.24
N GLU E 634 -22.56 -13.57 6.78
CA GLU E 634 -21.48 -14.07 7.64
C GLU E 634 -21.93 -14.26 9.10
N VAL E 635 -22.78 -13.36 9.57
CA VAL E 635 -23.36 -13.48 10.92
C VAL E 635 -24.66 -12.70 11.07
N ASP E 636 -25.62 -13.34 11.74
CA ASP E 636 -26.90 -12.73 12.08
C ASP E 636 -26.68 -11.77 13.21
N TRP E 637 -27.47 -10.69 13.21
CA TRP E 637 -27.47 -9.75 14.32
C TRP E 637 -28.11 -10.43 15.53
N ILE E 638 -27.91 -9.83 16.70
CA ILE E 638 -28.36 -10.42 17.96
C ILE E 638 -29.46 -9.58 18.61
N PRO E 639 -30.72 -10.00 18.45
CA PRO E 639 -31.86 -9.35 19.11
C PRO E 639 -31.66 -9.22 20.62
N PRO E 640 -31.94 -8.03 21.17
CA PRO E 640 -31.84 -7.79 22.60
C PRO E 640 -32.61 -8.79 23.44
N ILE E 641 -32.07 -9.16 24.60
CA ILE E 641 -32.80 -9.90 25.63
C ILE E 641 -32.49 -9.31 27.00
N ILE E 642 -33.13 -9.83 28.04
CA ILE E 642 -32.81 -9.43 29.40
C ILE E 642 -31.40 -9.90 29.71
N ARG E 643 -30.60 -8.99 30.26
CA ARG E 643 -29.17 -9.16 30.43
C ARG E 643 -28.84 -9.61 31.86
N SER E 644 -28.61 -10.90 32.04
CA SER E 644 -28.21 -11.46 33.34
C SER E 644 -26.94 -12.31 33.22
N TYR E 645 -26.12 -12.30 34.27
CA TYR E 645 -24.89 -13.10 34.32
C TYR E 645 -24.88 -14.01 35.56
N LYS F 33 2.43 17.51 63.30
CA LYS F 33 3.29 18.45 62.49
C LYS F 33 4.63 17.78 62.13
N ARG F 34 4.54 16.84 61.19
CA ARG F 34 5.70 16.11 60.67
C ARG F 34 6.17 16.75 59.36
N ILE F 35 6.91 17.84 59.48
CA ILE F 35 7.40 18.57 58.32
C ILE F 35 8.65 17.91 57.79
N LYS F 36 8.56 17.40 56.56
CA LYS F 36 9.70 16.80 55.84
C LYS F 36 10.25 17.82 54.88
N THR F 37 11.56 17.80 54.66
CA THR F 37 12.18 18.79 53.75
C THR F 37 12.95 18.12 52.60
N PHE F 38 12.69 18.60 51.38
CA PHE F 38 13.28 18.06 50.15
C PHE F 38 14.14 19.12 49.49
N GLU F 39 15.33 18.73 49.05
CA GLU F 39 16.20 19.61 48.26
C GLU F 39 16.18 19.16 46.82
N ILE F 40 15.65 20.01 45.94
CA ILE F 40 15.41 19.65 44.56
C ILE F 40 16.21 20.55 43.60
N TYR F 41 17.00 19.93 42.74
CA TYR F 41 17.67 20.58 41.61
C TYR F 41 16.70 21.47 40.85
N ARG F 42 17.07 22.73 40.65
CA ARG F 42 16.29 23.64 39.82
C ARG F 42 17.15 24.13 38.67
N PHE F 43 16.54 24.27 37.49
CA PHE F 43 17.18 24.94 36.38
C PHE F 43 16.14 25.53 35.44
N ASN F 44 16.29 26.83 35.14
CA ASN F 44 15.39 27.56 34.26
C ASN F 44 16.13 28.09 33.03
N PRO F 45 15.98 27.42 31.87
CA PRO F 45 16.75 27.86 30.68
C PRO F 45 16.32 29.23 30.17
N GLU F 46 15.10 29.64 30.49
CA GLU F 46 14.53 30.91 30.06
C GLU F 46 15.28 32.11 30.69
N GLU F 47 15.65 31.96 31.96
CA GLU F 47 16.40 32.98 32.70
C GLU F 47 17.81 33.15 32.12
N PRO F 48 18.27 34.41 31.94
CA PRO F 48 19.55 34.65 31.25
C PRO F 48 20.77 34.32 32.11
N GLY F 49 21.76 33.66 31.50
CA GLY F 49 22.98 33.25 32.19
C GLY F 49 22.73 32.46 33.46
N ALA F 50 21.68 31.63 33.43
CA ALA F 50 21.21 30.94 34.62
C ALA F 50 22.15 29.81 35.02
N LYS F 51 22.07 29.42 36.29
CA LYS F 51 22.87 28.34 36.82
C LYS F 51 22.01 27.40 37.66
N PRO F 52 22.31 26.09 37.60
CA PRO F 52 21.60 25.17 38.48
C PRO F 52 21.74 25.53 39.95
N LYS F 53 20.73 25.17 40.74
CA LYS F 53 20.78 25.34 42.19
C LYS F 53 20.00 24.23 42.87
N LEU F 54 20.08 24.21 44.20
CA LEU F 54 19.17 23.42 45.01
C LEU F 54 18.12 24.37 45.60
N GLN F 55 16.90 23.88 45.77
CA GLN F 55 15.84 24.63 46.42
C GLN F 55 15.19 23.73 47.46
N LYS F 56 14.97 24.29 48.66
CA LYS F 56 14.37 23.53 49.75
C LYS F 56 12.87 23.77 49.79
N PHE F 57 12.13 22.69 49.98
CA PHE F 57 10.68 22.72 50.15
C PHE F 57 10.32 21.92 51.40
N ASP F 58 9.33 22.43 52.13
CA ASP F 58 8.83 21.80 53.34
C ASP F 58 7.43 21.27 53.06
N VAL F 59 7.26 19.97 53.26
CA VAL F 59 5.98 19.28 53.05
C VAL F 59 5.51 18.62 54.35
N ASP F 60 4.21 18.74 54.62
CA ASP F 60 3.60 18.14 55.80
C ASP F 60 3.17 16.71 55.43
N LEU F 61 3.89 15.72 55.96
CA LEU F 61 3.70 14.33 55.54
C LEU F 61 2.31 13.77 55.85
N ASP F 62 1.63 14.35 56.84
CA ASP F 62 0.29 13.88 57.22
C ASP F 62 -0.81 14.32 56.24
N LYS F 63 -0.51 15.32 55.40
CA LYS F 63 -1.39 15.70 54.31
C LYS F 63 -0.63 15.60 52.98
N CYS F 64 -0.03 14.43 52.77
CA CYS F 64 0.67 14.08 51.54
C CYS F 64 0.80 12.56 51.46
N GLY F 65 0.54 12.01 50.27
CA GLY F 65 0.68 10.59 50.03
C GLY F 65 2.05 10.08 50.40
N THR F 66 2.22 8.76 50.34
CA THR F 66 3.41 8.12 50.88
C THR F 66 4.63 8.16 49.98
N MET F 67 4.45 8.32 48.67
CA MET F 67 5.56 8.26 47.69
C MET F 67 6.12 9.63 47.31
N VAL F 68 7.39 9.65 46.93
CA VAL F 68 8.07 10.89 46.59
C VAL F 68 7.41 11.66 45.45
N LEU F 69 6.87 10.94 44.46
CA LEU F 69 6.08 11.61 43.41
C LEU F 69 4.88 12.35 44.02
N ASP F 70 4.31 11.80 45.10
CA ASP F 70 3.20 12.46 45.80
C ASP F 70 3.66 13.79 46.41
N ALA F 71 4.89 13.84 46.90
CA ALA F 71 5.47 15.09 47.39
C ALA F 71 5.72 16.09 46.26
N LEU F 72 6.31 15.61 45.16
CA LEU F 72 6.56 16.46 44.00
C LEU F 72 5.29 17.12 43.50
N ILE F 73 4.19 16.37 43.47
CA ILE F 73 2.95 16.88 42.93
C ILE F 73 2.28 17.82 43.93
N LYS F 74 2.44 17.55 45.22
CA LYS F 74 1.85 18.41 46.24
C LYS F 74 2.54 19.76 46.23
N ILE F 75 3.86 19.74 46.19
CA ILE F 75 4.63 20.98 46.06
C ILE F 75 4.17 21.79 44.85
N LYS F 76 4.16 21.15 43.68
CA LYS F 76 3.82 21.84 42.44
C LYS F 76 2.40 22.37 42.49
N ASN F 77 1.48 21.58 43.03
CA ASN F 77 0.08 21.98 43.14
C ASN F 77 -0.22 23.09 44.16
N GLU F 78 0.66 23.25 45.15
CA GLU F 78 0.40 24.13 46.28
C GLU F 78 1.49 25.19 46.47
N VAL F 79 2.73 24.76 46.65
CA VAL F 79 3.85 25.69 46.85
C VAL F 79 4.31 26.33 45.52
N ASP F 80 5.00 25.56 44.67
CA ASP F 80 5.66 26.09 43.46
C ASP F 80 5.19 25.39 42.18
N PRO F 81 4.24 26.00 41.46
CA PRO F 81 3.82 25.41 40.17
C PRO F 81 4.86 25.51 39.03
N THR F 82 6.02 26.11 39.27
CA THR F 82 7.08 26.14 38.26
C THR F 82 7.99 24.91 38.40
N LEU F 83 7.82 24.17 39.50
CA LEU F 83 8.54 22.90 39.71
C LEU F 83 8.14 21.92 38.64
N THR F 84 9.12 21.38 37.93
CA THR F 84 8.83 20.65 36.71
C THR F 84 9.48 19.25 36.67
N PHE F 85 8.65 18.25 36.42
CA PHE F 85 9.07 16.85 36.37
C PHE F 85 8.17 16.01 35.43
N ARG F 86 8.69 14.89 34.95
CA ARG F 86 7.86 13.97 34.17
C ARG F 86 7.19 12.99 35.10
N ARG F 87 5.92 12.69 34.84
CA ARG F 87 5.22 11.59 35.47
C ARG F 87 3.99 11.21 34.64
N SER F 88 3.53 9.97 34.77
CA SER F 88 2.25 9.59 34.13
C SER F 88 1.44 8.53 34.88
N CYS F 89 2.01 7.34 35.10
CA CYS F 89 1.23 6.27 35.73
C CYS F 89 1.14 6.54 37.23
N ARG F 90 0.59 5.59 37.97
CA ARG F 90 0.65 5.67 39.43
C ARG F 90 1.21 4.40 40.04
N GLU F 91 1.93 3.61 39.26
CA GLU F 91 2.23 2.23 39.68
C GLU F 91 3.58 1.68 39.24
N GLY F 92 4.44 2.54 38.69
CA GLY F 92 5.82 2.17 38.41
C GLY F 92 5.99 1.38 37.13
N ILE F 93 5.11 1.63 36.16
CA ILE F 93 5.06 0.86 34.91
C ILE F 93 5.46 1.67 33.68
N CYS F 94 5.12 2.95 33.64
CA CYS F 94 5.34 3.78 32.45
C CYS F 94 6.80 4.17 32.28
N GLY F 95 7.47 4.44 33.40
CA GLY F 95 8.88 4.87 33.39
C GLY F 95 9.11 6.37 33.22
N SER F 96 8.05 7.19 33.24
CA SER F 96 8.20 8.63 33.06
C SER F 96 9.04 9.32 34.14
N CYS F 97 8.90 8.87 35.38
CA CYS F 97 9.31 9.66 36.54
C CYS F 97 10.69 9.33 37.09
N ALA F 98 11.57 8.76 36.27
CA ALA F 98 12.90 8.35 36.75
C ALA F 98 13.74 9.57 37.14
N MET F 99 14.48 9.44 38.23
CA MET F 99 15.27 10.55 38.80
C MET F 99 16.11 10.06 39.97
N ASN F 100 17.16 10.80 40.34
CA ASN F 100 17.98 10.41 41.48
C ASN F 100 17.40 10.93 42.81
N ILE F 101 16.92 9.99 43.64
CA ILE F 101 16.27 10.30 44.92
C ILE F 101 17.07 9.70 46.07
N ALA F 102 17.49 10.54 47.01
CA ALA F 102 18.25 10.07 48.18
C ALA F 102 19.51 9.34 47.78
N GLY F 103 20.14 9.81 46.70
CA GLY F 103 21.41 9.26 46.22
C GLY F 103 21.35 8.22 45.10
N GLU F 104 20.18 7.63 44.89
CA GLU F 104 20.02 6.51 43.95
C GLU F 104 19.00 6.80 42.87
N ASN F 105 19.23 6.26 41.68
CA ASN F 105 18.30 6.42 40.56
C ASN F 105 17.13 5.50 40.75
N THR F 106 15.92 6.03 40.62
CA THR F 106 14.72 5.23 40.89
C THR F 106 13.44 5.88 40.33
N LEU F 107 12.28 5.29 40.63
CA LEU F 107 11.00 5.85 40.20
C LEU F 107 10.28 6.54 41.35
N ALA F 108 10.16 7.86 41.29
CA ALA F 108 9.51 8.65 42.34
C ALA F 108 8.15 8.12 42.78
N CYS F 109 7.44 7.45 41.88
CA CYS F 109 6.08 7.02 42.11
C CYS F 109 5.99 5.74 42.96
N ILE F 110 7.10 5.04 43.11
CA ILE F 110 7.16 3.87 44.00
C ILE F 110 8.31 3.97 45.00
N CYS F 111 8.76 5.20 45.22
CA CYS F 111 9.79 5.46 46.20
C CYS F 111 9.12 5.98 47.45
N ASN F 112 9.15 5.19 48.51
CA ASN F 112 8.53 5.60 49.76
C ASN F 112 9.23 6.82 50.31
N ILE F 113 8.48 7.85 50.67
CA ILE F 113 9.05 9.02 51.32
C ILE F 113 9.70 8.56 52.62
N ASP F 114 10.92 9.04 52.87
CA ASP F 114 11.60 8.77 54.12
C ASP F 114 10.95 9.63 55.20
N GLN F 115 10.50 8.97 56.26
CA GLN F 115 9.61 9.57 57.27
C GLN F 115 10.39 10.40 58.29
N ASN F 116 11.63 9.96 58.52
CA ASN F 116 12.60 10.58 59.42
C ASN F 116 12.92 12.03 59.05
N THR F 117 12.19 12.97 59.66
CA THR F 117 12.24 14.38 59.24
C THR F 117 13.48 15.16 59.66
N SER F 118 14.32 14.59 60.51
CA SER F 118 15.62 15.20 60.82
C SER F 118 16.50 15.28 59.58
N LYS F 119 16.34 14.32 58.68
CA LYS F 119 17.07 14.26 57.43
C LYS F 119 16.28 14.93 56.31
N THR F 120 17.00 15.48 55.33
CA THR F 120 16.38 15.98 54.10
C THR F 120 16.64 14.96 52.99
N THR F 121 15.75 14.89 52.02
CA THR F 121 15.94 14.03 50.85
C THR F 121 16.31 14.90 49.64
N LYS F 122 17.46 14.58 49.04
CA LYS F 122 17.92 15.31 47.87
C LYS F 122 17.42 14.65 46.59
N ILE F 123 16.88 15.48 45.70
CA ILE F 123 16.24 15.02 44.49
C ILE F 123 16.85 15.71 43.24
N TYR F 124 17.63 14.94 42.49
CA TYR F 124 18.32 15.42 41.30
C TYR F 124 17.75 14.73 40.06
N PRO F 125 18.03 15.27 38.86
CA PRO F 125 17.56 14.58 37.68
C PRO F 125 18.45 13.35 37.43
N LEU F 126 18.18 12.59 36.37
CA LEU F 126 19.00 11.43 36.06
C LEU F 126 20.44 11.89 35.80
N PRO F 127 21.43 11.26 36.47
CA PRO F 127 22.81 11.73 36.38
C PRO F 127 23.41 11.79 34.98
N HIS F 128 24.24 12.82 34.80
CA HIS F 128 25.05 13.03 33.60
C HIS F 128 24.25 13.21 32.32
N MET F 129 22.97 13.57 32.43
CA MET F 129 22.14 13.81 31.27
C MET F 129 21.92 15.31 31.13
N PHE F 130 22.08 15.84 29.92
CA PHE F 130 21.78 17.25 29.67
C PHE F 130 20.35 17.48 30.11
N VAL F 131 20.10 18.61 30.75
CA VAL F 131 18.77 18.90 31.26
C VAL F 131 18.09 20.02 30.47
N ILE F 132 16.81 19.79 30.15
CA ILE F 132 15.97 20.78 29.51
C ILE F 132 15.54 21.78 30.57
N LYS F 133 14.97 21.28 31.67
CA LYS F 133 14.46 22.12 32.76
C LYS F 133 14.21 21.31 34.04
N ASP F 134 14.59 21.87 35.18
CA ASP F 134 14.40 21.24 36.49
C ASP F 134 14.80 19.78 36.49
N LEU F 135 13.83 18.87 36.65
CA LEU F 135 14.09 17.42 36.79
C LEU F 135 13.82 16.66 35.47
N VAL F 136 13.73 17.39 34.35
CA VAL F 136 13.44 16.82 33.04
C VAL F 136 14.71 16.80 32.19
N PRO F 137 15.34 15.61 32.03
CA PRO F 137 16.54 15.48 31.23
C PRO F 137 16.24 15.22 29.77
N ASP F 138 17.14 15.65 28.87
CA ASP F 138 17.01 15.33 27.45
C ASP F 138 17.30 13.86 27.25
N MET F 139 16.36 13.19 26.62
CA MET F 139 16.22 11.75 26.71
C MET F 139 16.47 11.05 25.37
N ASN F 140 16.88 11.83 24.38
CA ASN F 140 16.77 11.42 22.98
C ASN F 140 17.87 10.52 22.47
N LEU F 141 19.05 10.62 23.08
CA LEU F 141 20.14 9.73 22.71
C LEU F 141 19.71 8.34 23.11
N PHE F 142 19.22 8.24 24.33
CA PHE F 142 18.78 6.97 24.92
C PHE F 142 17.77 6.28 24.00
N TYR F 143 16.87 7.06 23.43
CA TYR F 143 15.84 6.53 22.54
C TYR F 143 16.41 6.15 21.19
N ALA F 144 17.40 6.91 20.72
CA ALA F 144 18.02 6.64 19.43
C ALA F 144 18.82 5.36 19.49
N GLN F 145 19.54 5.18 20.59
CA GLN F 145 20.32 3.97 20.81
C GLN F 145 19.41 2.74 20.89
N TYR F 146 18.23 2.93 21.46
CA TYR F 146 17.23 1.86 21.50
C TYR F 146 16.74 1.53 20.08
N ALA F 147 16.59 2.54 19.23
CA ALA F 147 16.21 2.30 17.83
C ALA F 147 17.27 1.48 17.07
N SER F 148 18.53 1.68 17.44
CA SER F 148 19.66 1.09 16.72
C SER F 148 19.78 -0.43 16.86
N ILE F 149 19.18 -1.00 17.91
CA ILE F 149 19.16 -2.46 18.06
C ILE F 149 18.10 -3.13 17.17
N GLN F 150 17.28 -2.32 16.50
CA GLN F 150 16.17 -2.82 15.69
C GLN F 150 15.28 -3.69 16.57
N PRO F 151 14.53 -3.04 17.49
CA PRO F 151 13.69 -3.75 18.46
C PRO F 151 12.36 -4.18 17.85
N TRP F 152 12.43 -5.11 16.90
CA TRP F 152 11.26 -5.72 16.31
C TRP F 152 11.65 -7.13 15.85
N LEU F 153 10.66 -8.00 15.71
CA LEU F 153 10.95 -9.36 15.25
C LEU F 153 11.32 -9.38 13.77
N GLN F 154 12.36 -10.15 13.46
CA GLN F 154 12.86 -10.37 12.10
C GLN F 154 12.98 -11.86 11.77
N LYS F 155 12.73 -12.19 10.50
CA LYS F 155 12.78 -13.58 10.04
C LYS F 155 13.47 -13.69 8.68
N LYS F 156 14.26 -14.75 8.47
CA LYS F 156 14.99 -14.93 7.19
C LYS F 156 14.03 -15.36 6.08
N THR F 157 13.09 -16.25 6.41
CA THR F 157 12.03 -16.67 5.51
C THR F 157 10.80 -15.84 5.80
N LYS F 158 10.48 -14.90 4.90
CA LYS F 158 9.29 -14.06 5.05
C LYS F 158 8.04 -14.89 5.38
N ILE F 159 7.32 -14.46 6.41
CA ILE F 159 6.09 -15.12 6.88
C ILE F 159 4.86 -14.30 6.44
N ASN F 160 3.75 -14.96 6.13
CA ASN F 160 2.49 -14.28 5.89
C ASN F 160 1.94 -13.63 7.16
N LEU F 161 1.56 -12.36 7.05
CA LEU F 161 1.52 -11.48 8.23
C LEU F 161 0.61 -11.87 9.39
N GLY F 162 -0.65 -12.22 9.11
CA GLY F 162 -1.57 -12.60 10.18
C GLY F 162 -1.92 -14.09 10.20
N GLU F 163 -1.36 -14.82 9.26
CA GLU F 163 -1.82 -16.16 8.91
C GLU F 163 -1.86 -17.09 10.09
N LYS F 164 -0.77 -17.16 10.84
CA LYS F 164 -0.63 -18.15 11.93
C LYS F 164 0.43 -17.80 12.95
N GLN F 165 0.35 -18.42 14.12
CA GLN F 165 1.33 -18.16 15.18
C GLN F 165 2.67 -18.76 14.82
N GLN F 166 3.73 -18.20 15.40
CA GLN F 166 5.04 -18.82 15.40
C GLN F 166 5.13 -19.71 16.63
N TYR F 167 5.69 -20.90 16.45
CA TYR F 167 5.89 -21.81 17.58
C TYR F 167 6.91 -21.22 18.55
N GLN F 168 6.68 -21.43 19.85
CA GLN F 168 7.68 -21.16 20.87
C GLN F 168 7.37 -21.95 22.14
N SER F 169 8.32 -22.73 22.61
CA SER F 169 8.12 -23.52 23.80
C SER F 169 7.97 -22.61 25.02
N ILE F 170 7.41 -23.14 26.09
CA ILE F 170 7.40 -22.44 27.36
C ILE F 170 8.85 -22.07 27.73
N LYS F 171 9.73 -23.06 27.77
CA LYS F 171 11.12 -22.83 28.21
C LYS F 171 11.85 -21.79 27.37
N GLU F 172 11.55 -21.76 26.07
CA GLU F 172 12.17 -20.78 25.18
C GLU F 172 11.65 -19.38 25.52
N GLN F 173 10.33 -19.26 25.71
CA GLN F 173 9.73 -17.97 26.02
C GLN F 173 10.07 -17.46 27.42
N GLU F 174 10.43 -18.35 28.34
CA GLU F 174 10.86 -17.93 29.68
C GLU F 174 12.26 -17.26 29.67
N LYS F 175 13.06 -17.50 28.63
CA LYS F 175 14.36 -16.82 28.47
C LYS F 175 14.16 -15.32 28.24
N LEU F 176 12.94 -14.95 27.85
CA LEU F 176 12.51 -13.56 27.82
C LEU F 176 12.09 -13.01 29.19
N ASP F 177 11.82 -13.85 30.20
CA ASP F 177 11.53 -13.33 31.54
C ASP F 177 12.78 -12.67 32.10
N GLY F 178 12.62 -11.50 32.72
CA GLY F 178 13.74 -10.67 33.18
C GLY F 178 14.23 -9.68 32.13
N LEU F 179 13.73 -9.83 30.91
CA LEU F 179 14.14 -8.99 29.80
C LEU F 179 13.02 -8.08 29.27
N TYR F 180 11.82 -8.64 29.08
CA TYR F 180 10.73 -7.89 28.43
C TYR F 180 10.09 -6.90 29.40
N GLU F 181 10.25 -7.15 30.70
CA GLU F 181 9.69 -6.28 31.75
C GLU F 181 10.24 -4.84 31.73
N CYS F 182 11.40 -4.66 31.13
CA CYS F 182 12.06 -3.36 31.06
C CYS F 182 11.14 -2.25 30.56
N ILE F 183 11.08 -1.15 31.30
CA ILE F 183 10.14 -0.04 31.01
C ILE F 183 10.81 1.18 30.38
N LEU F 184 12.09 1.05 30.01
CA LEU F 184 12.85 2.11 29.33
C LEU F 184 12.89 3.42 30.13
N CYS F 185 13.14 3.29 31.44
CA CYS F 185 13.13 4.41 32.40
C CYS F 185 14.51 5.04 32.54
N ALA F 186 15.55 4.33 32.11
CA ALA F 186 16.93 4.84 32.05
C ALA F 186 17.66 4.98 33.39
N CYS F 187 17.07 4.56 34.51
CA CYS F 187 17.79 4.55 35.80
C CYS F 187 19.09 3.76 35.72
N CYS F 188 19.07 2.62 35.02
CA CYS F 188 20.27 1.78 34.99
C CYS F 188 21.37 2.49 34.23
N SER F 189 21.09 2.88 32.98
CA SER F 189 22.08 3.55 32.14
C SER F 189 22.59 4.86 32.78
N ALA F 190 21.69 5.62 33.41
CA ALA F 190 22.04 6.90 34.05
C ALA F 190 22.67 6.73 35.44
N SER F 191 23.00 5.48 35.79
CA SER F 191 23.82 5.19 36.97
C SER F 191 25.20 4.66 36.58
N CYS F 192 25.37 4.28 35.31
CA CYS F 192 26.59 3.64 34.84
C CYS F 192 27.69 4.66 34.54
N PRO F 193 28.79 4.61 35.29
CA PRO F 193 29.88 5.54 35.01
C PRO F 193 30.44 5.37 33.60
N SER F 194 30.60 4.12 33.17
CA SER F 194 31.14 3.83 31.85
C SER F 194 30.30 4.54 30.78
N TYR F 195 29.00 4.61 31.01
CA TYR F 195 28.05 5.29 30.13
C TYR F 195 28.07 6.82 30.31
N TRP F 196 28.41 7.29 31.52
CA TRP F 196 28.58 8.73 31.79
C TRP F 196 29.66 9.37 30.92
N TRP F 197 30.83 8.74 30.89
CA TRP F 197 31.97 9.27 30.12
C TRP F 197 31.78 9.12 28.61
N ASN F 198 31.15 8.03 28.18
CA ASN F 198 31.05 7.72 26.76
C ASN F 198 29.68 7.25 26.33
N ALA F 199 28.67 8.04 26.66
CA ALA F 199 27.30 7.75 26.22
C ALA F 199 27.19 7.66 24.70
N ASP F 200 27.96 8.46 23.99
CA ASP F 200 27.89 8.48 22.51
C ASP F 200 28.30 7.15 21.87
N LYS F 201 29.17 6.40 22.54
CA LYS F 201 29.75 5.18 21.96
C LYS F 201 29.39 3.88 22.70
N TYR F 202 29.31 3.95 24.03
CA TYR F 202 28.82 2.83 24.83
C TYR F 202 27.29 2.91 24.90
N LEU F 203 26.62 1.81 24.52
CA LEU F 203 25.16 1.78 24.42
C LEU F 203 24.49 1.83 25.79
N GLY F 204 25.20 1.37 26.81
CA GLY F 204 24.67 1.32 28.16
C GLY F 204 23.76 0.13 28.41
N PRO F 205 23.51 -0.19 29.69
CA PRO F 205 22.75 -1.38 30.11
C PRO F 205 21.33 -1.51 29.55
N ALA F 206 20.50 -0.48 29.68
CA ALA F 206 19.12 -0.56 29.21
C ALA F 206 19.04 -1.11 27.78
N VAL F 207 19.83 -0.52 26.89
CA VAL F 207 19.78 -0.86 25.46
C VAL F 207 20.44 -2.21 25.16
N LEU F 208 21.52 -2.53 25.85
CA LEU F 208 22.18 -3.80 25.65
C LEU F 208 21.30 -4.96 26.10
N MET F 209 20.64 -4.81 27.24
CA MET F 209 19.74 -5.86 27.71
C MET F 209 18.58 -6.07 26.76
N GLN F 210 18.16 -5.00 26.08
CA GLN F 210 17.11 -5.10 25.07
C GLN F 210 17.70 -5.71 23.82
N ALA F 211 18.94 -5.37 23.51
CA ALA F 211 19.63 -6.02 22.40
C ALA F 211 19.64 -7.53 22.67
N TYR F 212 19.90 -7.91 23.92
CA TYR F 212 19.88 -9.32 24.30
C TYR F 212 18.49 -9.92 24.18
N ARG F 213 17.47 -9.18 24.63
CA ARG F 213 16.06 -9.62 24.55
C ARG F 213 15.68 -10.18 23.17
N TRP F 214 16.19 -9.57 22.10
CA TRP F 214 15.92 -10.06 20.74
C TRP F 214 16.92 -11.13 20.29
N ILE F 215 18.12 -11.08 20.85
CA ILE F 215 19.15 -12.07 20.54
C ILE F 215 18.79 -13.49 20.98
N ILE F 216 18.17 -13.68 22.15
CA ILE F 216 17.74 -15.05 22.59
C ILE F 216 16.30 -15.42 22.21
N ASP F 217 15.55 -14.53 21.59
CA ASP F 217 14.19 -14.87 21.16
C ASP F 217 14.25 -15.92 20.03
N SER F 218 13.79 -17.14 20.34
CA SER F 218 13.87 -18.26 19.39
C SER F 218 13.09 -18.02 18.10
N ARG F 219 12.21 -17.02 18.13
CA ARG F 219 11.47 -16.62 16.93
C ARG F 219 12.28 -15.66 16.04
N ASP F 220 13.41 -15.14 16.53
CA ASP F 220 14.17 -14.15 15.77
C ASP F 220 15.34 -14.81 15.03
N ASP F 221 15.35 -14.64 13.71
CA ASP F 221 16.39 -15.23 12.84
C ASP F 221 17.65 -14.37 12.66
N SER F 222 17.72 -13.20 13.29
CA SER F 222 18.79 -12.25 13.00
C SER F 222 19.90 -12.14 14.06
N ALA F 223 20.03 -13.13 14.95
CA ALA F 223 21.07 -13.06 15.98
C ALA F 223 22.43 -12.63 15.41
N ALA F 224 22.84 -13.26 14.32
CA ALA F 224 24.09 -12.93 13.63
C ALA F 224 24.25 -11.43 13.36
N GLU F 225 23.29 -10.86 12.64
CA GLU F 225 23.33 -9.45 12.25
C GLU F 225 23.30 -8.53 13.48
N ARG F 226 22.53 -8.93 14.50
CA ARG F 226 22.39 -8.20 15.75
C ARG F 226 23.69 -8.16 16.56
N LEU F 227 24.35 -9.31 16.66
CA LEU F 227 25.62 -9.37 17.40
C LEU F 227 26.69 -8.59 16.67
N ALA F 228 26.61 -8.56 15.34
CA ALA F 228 27.56 -7.83 14.51
C ALA F 228 27.54 -6.31 14.75
N ARG F 229 26.43 -5.80 15.27
CA ARG F 229 26.26 -4.38 15.52
C ARG F 229 26.92 -3.87 16.81
N MET F 230 27.52 -4.76 17.58
CA MET F 230 28.27 -4.35 18.78
C MET F 230 29.57 -5.13 18.93
N GLN F 231 30.19 -5.39 17.77
CA GLN F 231 31.50 -6.02 17.66
C GLN F 231 32.64 -5.05 17.89
N ASP F 232 32.40 -3.74 17.78
CA ASP F 232 33.44 -2.74 18.03
C ASP F 232 33.87 -2.72 19.49
N GLY F 233 34.87 -1.91 19.81
CA GLY F 233 35.43 -1.87 21.16
C GLY F 233 34.57 -1.19 22.21
N PHE F 234 33.56 -0.43 21.78
CA PHE F 234 32.76 0.40 22.68
C PHE F 234 31.34 -0.10 22.91
N SER F 235 30.55 -0.17 21.85
CA SER F 235 29.12 -0.50 21.92
C SER F 235 28.69 -1.34 23.14
N ALA F 236 29.20 -2.57 23.24
CA ALA F 236 28.90 -3.39 24.41
C ALA F 236 30.13 -3.63 25.29
N PHE F 237 31.32 -3.60 24.71
CA PHE F 237 32.53 -3.95 25.46
C PHE F 237 32.99 -2.92 26.48
N LYS F 238 32.49 -1.68 26.40
CA LYS F 238 32.78 -0.70 27.45
C LYS F 238 32.06 -0.95 28.77
N CYS F 239 31.36 -2.09 28.87
CA CYS F 239 30.91 -2.57 30.16
C CYS F 239 32.13 -2.98 30.98
N HIS F 240 32.37 -2.28 32.08
CA HIS F 240 33.45 -2.61 33.02
C HIS F 240 32.91 -3.25 34.29
N THR F 241 31.80 -3.96 34.17
CA THR F 241 31.22 -4.77 35.24
C THR F 241 31.17 -4.03 36.58
N ILE F 242 30.73 -2.77 36.52
CA ILE F 242 30.65 -1.91 37.71
C ILE F 242 29.48 -2.35 38.61
N MET F 243 28.42 -2.84 37.97
CA MET F 243 27.22 -3.42 38.63
C MET F 243 26.27 -2.41 39.29
N ASN F 244 26.50 -1.11 39.07
CA ASN F 244 25.56 -0.08 39.50
C ASN F 244 24.18 -0.23 38.86
N CYS F 245 24.11 -0.86 37.69
CA CYS F 245 22.86 -0.99 36.94
C CYS F 245 21.89 -1.96 37.60
N THR F 246 22.35 -3.19 37.83
CA THR F 246 21.50 -4.19 38.47
C THR F 246 21.11 -3.76 39.88
N LYS F 247 21.99 -3.06 40.57
CA LYS F 247 21.70 -2.56 41.92
C LYS F 247 20.55 -1.57 41.94
N THR F 248 20.49 -0.68 40.95
CA THR F 248 19.56 0.46 40.97
C THR F 248 18.19 0.22 40.31
N CYS F 249 18.07 -0.83 39.50
CA CYS F 249 16.88 -1.03 38.67
C CYS F 249 15.59 -1.15 39.47
N PRO F 250 14.68 -0.16 39.31
CA PRO F 250 13.41 -0.20 40.05
C PRO F 250 12.51 -1.42 39.78
N LYS F 251 12.74 -2.16 38.69
CA LYS F 251 11.98 -3.38 38.43
C LYS F 251 12.77 -4.65 38.77
N HIS F 252 13.83 -4.50 39.56
CA HIS F 252 14.61 -5.65 40.02
C HIS F 252 15.14 -6.54 38.88
N LEU F 253 15.37 -5.94 37.72
CA LEU F 253 15.91 -6.65 36.58
C LEU F 253 17.44 -6.63 36.63
N ASN F 254 18.08 -7.29 35.66
CA ASN F 254 19.53 -7.48 35.66
C ASN F 254 20.13 -7.32 34.26
N PRO F 255 20.43 -6.07 33.88
CA PRO F 255 21.14 -5.80 32.63
C PRO F 255 22.57 -6.36 32.67
N ALA F 256 23.25 -6.12 33.78
CA ALA F 256 24.61 -6.63 33.98
C ALA F 256 24.75 -8.07 33.48
N ARG F 257 23.80 -8.93 33.84
CA ARG F 257 23.82 -10.34 33.45
C ARG F 257 23.64 -10.51 31.93
N ALA F 258 22.75 -9.73 31.34
CA ALA F 258 22.50 -9.83 29.90
C ALA F 258 23.71 -9.34 29.15
N ILE F 259 24.34 -8.28 29.64
CA ILE F 259 25.56 -7.75 29.03
C ILE F 259 26.61 -8.83 29.05
N GLY F 260 26.80 -9.44 30.22
CA GLY F 260 27.68 -10.61 30.36
C GLY F 260 27.39 -11.69 29.32
N GLU F 261 26.13 -12.04 29.14
CA GLU F 261 25.75 -13.10 28.21
C GLU F 261 26.00 -12.66 26.74
N ILE F 262 25.92 -11.36 26.49
CA ILE F 262 26.26 -10.78 25.18
C ILE F 262 27.75 -10.91 24.92
N LYS F 263 28.55 -10.63 25.94
CA LYS F 263 29.98 -10.75 25.82
C LYS F 263 30.31 -12.17 25.37
N MET F 264 29.73 -13.14 26.06
CA MET F 264 29.96 -14.56 25.78
C MET F 264 29.52 -15.00 24.38
N LEU F 265 28.53 -14.31 23.79
CA LEU F 265 28.12 -14.58 22.41
C LEU F 265 29.05 -13.90 21.41
N LEU F 266 29.34 -12.62 21.64
CA LEU F 266 30.34 -11.89 20.85
C LEU F 266 31.70 -12.61 20.77
N THR F 267 32.12 -13.24 21.87
CA THR F 267 33.41 -13.92 21.92
C THR F 267 33.33 -15.39 21.50
N LYS F 268 32.16 -15.81 21.00
CA LYS F 268 31.91 -17.21 20.59
C LYS F 268 32.11 -18.25 21.71
N MET F 269 32.33 -17.79 22.93
CA MET F 269 32.33 -18.64 24.11
C MET F 269 30.99 -19.37 24.30
N LYS F 270 29.96 -18.89 23.61
CA LYS F 270 28.64 -19.53 23.59
C LYS F 270 27.98 -19.26 22.24
N THR F 271 26.99 -20.08 21.90
CA THR F 271 26.09 -19.75 20.80
C THR F 271 24.63 -19.89 21.23
N LYS F 272 23.76 -19.11 20.61
CA LYS F 272 22.34 -19.21 20.80
C LYS F 272 21.93 -20.55 20.25
N PRO F 273 21.23 -21.37 21.06
CA PRO F 273 20.70 -22.65 20.57
C PRO F 273 19.86 -22.47 19.32
N ALA F 274 19.67 -23.55 18.56
CA ALA F 274 18.73 -23.53 17.46
C ALA F 274 17.31 -23.53 18.05
N PRO F 275 16.33 -22.97 17.32
CA PRO F 275 14.95 -23.03 17.80
C PRO F 275 14.39 -24.46 17.83
N LEU F 276 13.92 -24.92 18.99
CA LEU F 276 13.24 -26.22 19.08
C LEU F 276 12.17 -26.27 17.99
N PRO F 277 12.11 -27.38 17.22
CA PRO F 277 11.45 -27.38 15.91
C PRO F 277 9.93 -27.40 16.00
N THR F 278 9.28 -26.67 15.11
CA THR F 278 7.82 -26.55 15.12
C THR F 278 7.17 -27.93 14.88
N PRO F 279 6.44 -28.48 15.88
CA PRO F 279 5.84 -29.81 15.72
C PRO F 279 4.98 -29.94 14.47
N ALA F 280 4.71 -31.17 14.04
CA ALA F 280 4.07 -31.42 12.74
C ALA F 280 2.57 -31.05 12.69
N ASN F 281 1.87 -31.19 13.81
CA ASN F 281 0.44 -30.84 13.90
C ASN F 281 0.17 -29.41 14.38
N PHE F 282 1.22 -28.60 14.54
CA PHE F 282 1.08 -27.20 14.96
C PHE F 282 0.56 -26.34 13.80
N GLU G 34 36.75 4.07 12.23
CA GLU G 34 35.36 3.85 11.74
C GLU G 34 34.44 3.71 12.94
N LYS G 35 33.32 4.43 12.93
CA LYS G 35 32.29 4.30 13.96
C LYS G 35 31.06 3.63 13.38
N THR G 36 30.21 3.12 14.25
CA THR G 36 28.91 2.63 13.82
C THR G 36 28.03 3.84 13.48
N PRO G 37 26.98 3.62 12.67
CA PRO G 37 26.09 4.74 12.35
C PRO G 37 25.50 5.43 13.59
N ILE G 38 25.13 4.64 14.59
CA ILE G 38 24.56 5.17 15.85
C ILE G 38 25.57 6.00 16.65
N GLN G 39 26.83 5.56 16.63
CA GLN G 39 27.91 6.31 17.25
C GLN G 39 28.25 7.61 16.52
N VAL G 40 27.89 7.69 15.24
CA VAL G 40 28.03 8.95 14.51
C VAL G 40 26.93 9.87 14.99
N TRP G 41 25.73 9.30 15.13
CA TRP G 41 24.56 10.05 15.56
C TRP G 41 24.72 10.53 17.00
N GLY G 42 25.34 9.69 17.84
CA GLY G 42 25.63 10.06 19.21
C GLY G 42 26.49 11.32 19.30
N TRP G 43 27.54 11.36 18.48
CA TRP G 43 28.42 12.52 18.47
C TRP G 43 27.67 13.78 18.10
N ASP G 44 26.97 13.75 16.98
CA ASP G 44 26.15 14.89 16.57
C ASP G 44 25.22 15.30 17.72
N TYR G 45 24.70 14.32 18.43
CA TYR G 45 23.82 14.59 19.59
C TYR G 45 24.55 15.46 20.62
N LEU G 46 25.71 14.98 21.09
CA LEU G 46 26.49 15.69 22.10
C LEU G 46 26.75 17.15 21.70
N MET G 47 26.97 17.37 20.42
CA MET G 47 27.32 18.70 19.90
C MET G 47 26.10 19.60 19.89
N ARG G 48 24.98 19.07 19.43
CA ARG G 48 23.71 19.79 19.52
C ARG G 48 23.44 20.21 20.96
N GLN G 49 23.71 19.30 21.90
CA GLN G 49 23.49 19.58 23.33
C GLN G 49 24.46 20.63 23.82
N ARG G 50 25.74 20.45 23.53
CA ARG G 50 26.76 21.49 23.77
C ARG G 50 26.28 22.83 23.21
N ALA G 51 25.96 22.85 21.92
CA ALA G 51 25.50 24.06 21.24
C ALA G 51 24.37 24.78 21.98
N LEU G 52 23.50 24.02 22.66
CA LEU G 52 22.38 24.59 23.43
C LEU G 52 22.79 25.08 24.84
N LYS G 53 24.07 24.95 25.20
CA LYS G 53 24.58 25.38 26.50
C LYS G 53 23.69 24.88 27.66
N ARG G 54 23.37 23.60 27.64
CA ARG G 54 22.57 22.98 28.70
C ARG G 54 23.48 22.40 29.75
N PRO G 55 23.12 22.57 31.03
CA PRO G 55 23.95 21.96 32.06
C PRO G 55 23.81 20.44 32.05
N ILE G 56 24.85 19.74 32.50
CA ILE G 56 24.84 18.30 32.63
C ILE G 56 24.50 17.96 34.07
N ALA G 57 23.48 17.13 34.29
CA ALA G 57 23.03 16.77 35.64
C ALA G 57 24.13 16.12 36.46
N PRO G 58 24.22 16.43 37.78
CA PRO G 58 25.31 15.96 38.64
C PRO G 58 25.39 14.44 38.80
N HIS G 59 26.60 13.94 39.06
CA HIS G 59 26.88 12.50 39.09
C HIS G 59 27.75 12.07 40.31
N LEU G 60 29.08 12.10 40.19
CA LEU G 60 29.97 11.66 41.29
C LEU G 60 29.60 12.31 42.61
N THR G 61 29.42 13.62 42.58
CA THR G 61 29.19 14.41 43.79
C THR G 61 27.86 14.12 44.48
N ILE G 62 26.85 13.72 43.72
CA ILE G 62 25.52 13.42 44.28
C ILE G 62 25.18 11.92 44.40
N TYR G 63 25.87 11.06 43.63
CA TYR G 63 25.49 9.65 43.57
C TYR G 63 26.04 8.90 44.78
N LYS G 64 25.21 8.02 45.35
CA LYS G 64 25.50 7.42 46.64
C LYS G 64 26.63 6.37 46.60
N PRO G 65 27.54 6.42 47.58
CA PRO G 65 28.55 5.36 47.73
C PRO G 65 27.92 3.97 47.75
N GLN G 66 28.57 3.00 47.13
CA GLN G 66 28.07 1.62 47.11
C GLN G 66 29.22 0.66 46.91
N MET G 67 28.99 -0.61 47.25
CA MET G 67 30.02 -1.64 47.11
C MET G 67 30.19 -2.06 45.65
N THR G 68 29.19 -1.73 44.83
CA THR G 68 29.30 -1.97 43.39
C THR G 68 30.47 -1.18 42.76
N TRP G 69 30.51 0.13 42.99
CA TRP G 69 31.48 1.01 42.32
C TRP G 69 32.65 1.45 43.22
N MET G 70 32.54 1.28 44.53
CA MET G 70 33.69 1.55 45.40
C MET G 70 34.74 0.46 45.18
N VAL G 71 34.28 -0.77 45.02
CA VAL G 71 35.16 -1.89 44.76
C VAL G 71 35.62 -1.91 43.30
N SER G 72 34.82 -1.36 42.39
CA SER G 72 35.27 -1.19 41.01
C SER G 72 36.29 -0.09 41.00
N GLY G 73 35.91 1.08 41.49
CA GLY G 73 36.83 2.21 41.64
C GLY G 73 38.18 1.78 42.17
N LEU G 74 38.17 0.94 43.21
CA LEU G 74 39.40 0.45 43.82
C LEU G 74 40.18 -0.53 42.93
N HIS G 75 39.48 -1.33 42.14
CA HIS G 75 40.13 -2.21 41.18
C HIS G 75 40.97 -1.40 40.18
N ARG G 76 40.39 -0.31 39.67
CA ARG G 76 41.08 0.57 38.74
C ARG G 76 42.23 1.31 39.41
N VAL G 77 41.93 2.02 40.50
CA VAL G 77 42.97 2.72 41.26
C VAL G 77 44.17 1.79 41.54
N THR G 78 43.93 0.59 42.05
CA THR G 78 45.04 -0.35 42.33
C THR G 78 45.79 -0.71 41.04
N GLY G 79 45.07 -1.30 40.08
CA GLY G 79 45.66 -1.66 38.78
C GLY G 79 46.49 -0.57 38.15
N CYS G 80 45.97 0.66 38.12
CA CYS G 80 46.70 1.81 37.61
C CYS G 80 47.96 2.13 38.44
N ALA G 81 47.79 2.23 39.77
CA ALA G 81 48.90 2.57 40.68
C ALA G 81 50.10 1.62 40.53
N MET G 82 49.82 0.33 40.45
CA MET G 82 50.87 -0.68 40.28
C MET G 82 51.57 -0.49 38.94
N ALA G 83 50.80 -0.31 37.87
CA ALA G 83 51.37 0.00 36.56
C ALA G 83 52.21 1.27 36.65
N GLY G 84 51.67 2.26 37.37
CA GLY G 84 52.39 3.49 37.66
C GLY G 84 53.70 3.24 38.39
N THR G 85 53.73 2.27 39.29
CA THR G 85 54.97 1.94 40.01
C THR G 85 55.96 1.15 39.15
N LEU G 86 55.46 0.28 38.27
CA LEU G 86 56.34 -0.45 37.36
C LEU G 86 56.96 0.45 36.28
N LEU G 87 56.25 1.49 35.85
CA LEU G 87 56.81 2.47 34.92
C LEU G 87 57.84 3.32 35.64
N ILE G 88 57.42 4.00 36.70
CA ILE G 88 58.30 4.89 37.46
C ILE G 88 59.49 4.10 38.01
N GLY G 89 59.24 2.86 38.43
CA GLY G 89 60.29 2.01 38.97
C GLY G 89 61.30 1.57 37.92
N GLY G 90 60.81 0.96 36.85
CA GLY G 90 61.69 0.41 35.81
C GLY G 90 62.50 1.47 35.09
N VAL G 91 61.83 2.53 34.65
CA VAL G 91 62.47 3.63 33.93
C VAL G 91 63.38 4.41 34.87
N GLY G 92 62.81 4.81 36.02
CA GLY G 92 63.51 5.67 36.97
C GLY G 92 64.86 5.15 37.44
N PHE G 93 64.95 3.85 37.70
CA PHE G 93 66.18 3.23 38.20
C PHE G 93 67.14 2.86 37.08
N SER G 94 66.62 2.71 35.86
CA SER G 94 67.45 2.52 34.68
C SER G 94 68.12 3.82 34.29
N VAL G 95 67.38 4.93 34.37
CA VAL G 95 67.87 6.25 33.95
C VAL G 95 68.81 6.89 34.97
N LEU G 96 68.34 7.01 36.21
CA LEU G 96 69.12 7.63 37.28
C LEU G 96 70.36 6.77 37.58
N PRO G 97 71.46 7.41 38.06
CA PRO G 97 72.68 6.66 38.37
C PRO G 97 72.45 5.61 39.44
N LEU G 98 71.55 5.92 40.37
CA LEU G 98 71.15 5.03 41.47
C LEU G 98 70.77 3.64 40.97
N ASP G 99 71.14 2.63 41.75
CA ASP G 99 70.69 1.25 41.55
C ASP G 99 69.74 0.88 42.68
N PHE G 100 69.22 -0.35 42.65
CA PHE G 100 68.23 -0.77 43.64
C PHE G 100 68.84 -0.96 45.04
N THR G 101 69.95 -1.69 45.09
CA THR G 101 70.57 -2.07 46.37
C THR G 101 70.86 -0.86 47.27
N THR G 102 71.23 0.27 46.69
CA THR G 102 71.54 1.47 47.48
C THR G 102 70.28 2.14 48.06
N PHE G 103 69.15 1.96 47.38
CA PHE G 103 67.86 2.45 47.88
C PHE G 103 67.46 1.68 49.14
N VAL G 104 67.65 0.36 49.13
CA VAL G 104 67.35 -0.50 50.28
C VAL G 104 68.10 -0.02 51.54
N GLU G 105 69.34 0.40 51.35
CA GLU G 105 70.17 0.86 52.47
C GLU G 105 69.76 2.25 52.92
N PHE G 106 69.43 3.12 51.98
CA PHE G 106 69.09 4.52 52.28
C PHE G 106 67.89 4.64 53.21
N ILE G 107 66.92 3.74 53.08
CA ILE G 107 65.72 3.75 53.94
C ILE G 107 65.97 3.00 55.26
N ARG G 108 66.72 1.90 55.21
CA ARG G 108 67.01 1.10 56.41
C ARG G 108 68.02 1.79 57.31
N GLY G 109 68.98 2.51 56.71
CA GLY G 109 69.90 3.38 57.45
C GLY G 109 69.18 4.50 58.19
N LEU G 110 68.02 4.91 57.67
CA LEU G 110 67.13 5.85 58.35
C LEU G 110 66.55 5.19 59.62
N GLY G 111 66.44 3.86 59.60
CA GLY G 111 66.16 3.08 60.80
C GLY G 111 64.78 3.31 61.38
N ILE G 112 63.77 3.30 60.53
CA ILE G 112 62.37 3.51 60.98
C ILE G 112 61.82 2.27 61.71
N PRO G 113 60.84 2.48 62.62
CA PRO G 113 60.26 1.47 63.51
C PRO G 113 59.94 0.08 62.93
N TRP G 114 59.52 -0.82 63.81
CA TRP G 114 59.32 -2.23 63.47
C TRP G 114 57.96 -2.50 62.81
N VAL G 115 56.98 -1.64 63.07
CA VAL G 115 55.62 -1.78 62.53
C VAL G 115 55.44 -0.96 61.25
N ILE G 116 55.96 0.27 61.25
CA ILE G 116 55.78 1.19 60.11
C ILE G 116 56.31 0.63 58.78
N LEU G 117 57.30 -0.26 58.83
CA LEU G 117 57.77 -0.99 57.64
C LEU G 117 56.77 -2.02 57.13
N ASP G 118 56.01 -2.58 58.06
CA ASP G 118 55.08 -3.66 57.77
C ASP G 118 53.78 -3.09 57.17
N THR G 119 53.51 -1.83 57.49
CA THR G 119 52.43 -1.09 56.87
C THR G 119 52.74 -0.80 55.39
N PHE G 120 53.96 -0.32 55.12
CA PHE G 120 54.43 -0.11 53.73
C PHE G 120 54.57 -1.44 52.97
N LYS G 121 54.86 -2.53 53.67
CA LYS G 121 54.97 -3.84 53.04
C LYS G 121 53.60 -4.47 52.77
N PHE G 122 52.62 -4.12 53.62
CA PHE G 122 51.23 -4.55 53.45
C PHE G 122 50.55 -3.71 52.38
N ILE G 123 50.86 -2.42 52.36
CA ILE G 123 50.37 -1.50 51.33
C ILE G 123 50.85 -1.92 49.92
N ILE G 124 51.96 -2.64 49.84
CA ILE G 124 52.44 -3.14 48.55
C ILE G 124 51.70 -4.43 48.13
N ALA G 125 51.35 -5.27 49.10
CA ALA G 125 50.73 -6.57 48.81
C ALA G 125 49.22 -6.48 48.56
N PHE G 126 48.53 -5.70 49.39
CA PHE G 126 47.08 -5.61 49.33
C PHE G 126 46.55 -5.29 47.91
N PRO G 127 47.16 -4.31 47.21
CA PRO G 127 46.79 -4.04 45.82
C PRO G 127 47.00 -5.22 44.87
N ILE G 128 48.03 -6.02 45.09
CA ILE G 128 48.28 -7.18 44.24
C ILE G 128 47.24 -8.26 44.54
N ALA G 129 46.94 -8.48 45.82
CA ALA G 129 46.04 -9.55 46.26
C ALA G 129 44.57 -9.23 45.99
N PHE G 130 44.18 -7.98 46.27
CA PHE G 130 42.82 -7.54 45.98
C PHE G 130 42.56 -7.59 44.48
N HIS G 131 43.38 -6.88 43.73
CA HIS G 131 43.22 -6.77 42.28
C HIS G 131 43.25 -8.12 41.57
N THR G 132 43.99 -9.08 42.11
CA THR G 132 44.04 -10.42 41.51
C THR G 132 42.76 -11.20 41.83
N LEU G 133 42.35 -11.16 43.10
CA LEU G 133 41.11 -11.80 43.56
C LEU G 133 39.89 -11.18 42.87
N ASN G 134 39.83 -9.85 42.90
CA ASN G 134 38.72 -9.13 42.26
C ASN G 134 38.78 -9.17 40.73
N GLY G 135 39.95 -9.50 40.18
CA GLY G 135 40.08 -9.77 38.76
C GLY G 135 39.33 -11.02 38.36
N ILE G 136 39.46 -12.10 39.17
CA ILE G 136 38.77 -13.37 38.87
C ILE G 136 37.27 -13.16 39.02
N ARG G 137 36.87 -12.30 39.96
CA ARG G 137 35.47 -11.93 40.19
C ARG G 137 34.86 -11.26 38.95
N PHE G 138 35.58 -10.29 38.40
CA PHE G 138 35.13 -9.55 37.22
C PHE G 138 35.13 -10.42 35.95
N ILE G 139 36.03 -11.39 35.87
CA ILE G 139 36.02 -12.33 34.74
C ILE G 139 34.76 -13.21 34.81
N GLY G 140 34.34 -13.56 36.03
CA GLY G 140 33.07 -14.24 36.24
C GLY G 140 31.91 -13.36 35.78
N PHE G 141 31.90 -12.10 36.22
CA PHE G 141 30.91 -11.15 35.75
C PHE G 141 30.93 -11.01 34.21
N ASP G 142 32.10 -11.10 33.59
CA ASP G 142 32.18 -11.06 32.12
C ASP G 142 31.52 -12.30 31.49
N MET G 143 31.47 -13.40 32.23
CA MET G 143 30.83 -14.65 31.76
C MET G 143 29.42 -14.88 32.33
N ALA G 144 28.88 -13.88 33.04
CA ALA G 144 27.53 -13.91 33.63
C ALA G 144 27.40 -14.74 34.92
N LYS G 145 28.53 -15.14 35.50
CA LYS G 145 28.50 -15.84 36.78
C LYS G 145 28.35 -14.85 37.94
N GLY G 146 27.42 -15.13 38.85
CA GLY G 146 27.36 -14.43 40.15
C GLY G 146 26.85 -13.01 40.09
N THR G 147 26.01 -12.70 39.11
CA THR G 147 25.60 -11.30 38.83
C THR G 147 24.37 -10.83 39.61
N ASP G 148 23.70 -11.75 40.31
CA ASP G 148 22.59 -11.40 41.21
C ASP G 148 23.10 -10.62 42.42
N ILE G 149 22.30 -9.70 42.94
CA ILE G 149 22.77 -8.74 43.95
C ILE G 149 23.37 -9.38 45.21
N PRO G 150 22.72 -10.42 45.75
CA PRO G 150 23.39 -11.19 46.79
C PRO G 150 24.82 -11.61 46.42
N SER G 151 24.98 -12.24 45.25
CA SER G 151 26.30 -12.69 44.82
C SER G 151 27.30 -11.55 44.56
N ILE G 152 26.80 -10.37 44.18
CA ILE G 152 27.64 -9.19 43.98
C ILE G 152 28.22 -8.75 45.32
N TYR G 153 27.39 -8.73 46.35
CA TYR G 153 27.81 -8.24 47.67
C TYR G 153 28.69 -9.23 48.44
N ARG G 154 28.36 -10.53 48.37
CA ARG G 154 29.21 -11.55 48.98
C ARG G 154 30.59 -11.53 48.35
N GLY G 155 30.63 -11.72 47.03
CA GLY G 155 31.88 -11.71 46.26
C GLY G 155 32.75 -10.48 46.53
N ALA G 156 32.12 -9.36 46.86
CA ALA G 156 32.83 -8.12 47.17
C ALA G 156 33.44 -8.11 48.58
N TYR G 157 32.78 -8.76 49.54
CA TYR G 157 33.36 -8.92 50.88
C TYR G 157 34.40 -10.05 50.87
N LEU G 158 34.06 -11.17 50.25
CA LEU G 158 34.96 -12.32 50.13
C LEU G 158 36.34 -11.89 49.62
N VAL G 159 36.35 -11.24 48.46
CA VAL G 159 37.59 -10.79 47.81
C VAL G 159 38.33 -9.78 48.67
N LEU G 160 37.63 -8.70 49.03
CA LEU G 160 38.19 -7.65 49.88
C LEU G 160 38.72 -8.25 51.20
N GLY G 161 38.10 -9.35 51.64
CA GLY G 161 38.53 -10.09 52.81
C GLY G 161 39.78 -10.92 52.59
N LEU G 162 39.70 -11.91 51.69
CA LEU G 162 40.90 -12.70 51.33
C LEU G 162 42.05 -11.84 50.78
N ALA G 163 41.76 -10.62 50.33
CA ALA G 163 42.80 -9.67 49.96
C ALA G 163 43.58 -9.21 51.18
N ALA G 164 42.87 -8.76 52.21
CA ALA G 164 43.50 -8.35 53.47
C ALA G 164 44.01 -9.54 54.30
N LEU G 165 43.40 -10.70 54.11
CA LEU G 165 43.80 -11.92 54.82
C LEU G 165 45.17 -12.38 54.29
N ILE G 166 45.28 -12.54 52.98
CA ILE G 166 46.53 -12.97 52.34
C ILE G 166 47.64 -11.92 52.49
N SER G 167 47.29 -10.64 52.39
CA SER G 167 48.29 -9.56 52.47
C SER G 167 48.84 -9.38 53.89
N LEU G 168 47.97 -9.54 54.89
CA LEU G 168 48.40 -9.55 56.30
C LEU G 168 49.20 -10.81 56.61
N ALA G 169 48.87 -11.92 55.94
CA ALA G 169 49.53 -13.22 56.16
C ALA G 169 50.91 -13.34 55.53
N VAL G 170 51.27 -12.41 54.64
CA VAL G 170 52.56 -12.46 53.93
C VAL G 170 53.58 -11.47 54.53
N VAL G 171 53.11 -10.41 55.17
CA VAL G 171 53.97 -9.40 55.80
C VAL G 171 54.29 -9.72 57.26
N VAL G 172 53.32 -10.34 57.95
CA VAL G 172 53.43 -10.66 59.38
C VAL G 172 53.97 -12.08 59.62
N TYR G 173 53.98 -12.93 58.59
CA TYR G 173 54.53 -14.27 58.72
C TYR G 173 56.07 -14.27 58.87
N PRO G 174 56.79 -13.52 58.00
CA PRO G 174 58.25 -13.43 58.16
C PRO G 174 58.73 -12.60 59.36
N ARG G 175 57.86 -11.76 59.93
CA ARG G 175 58.21 -10.94 61.10
C ARG G 175 57.79 -11.56 62.46
N TRP G 176 56.90 -12.55 62.41
CA TRP G 176 56.65 -13.43 63.55
C TRP G 176 57.70 -14.54 63.56
N GLU G 177 58.45 -14.64 62.46
CA GLU G 177 59.66 -15.49 62.37
C GLU G 177 60.91 -14.69 62.77
N ARG G 178 60.87 -13.37 62.58
CA ARG G 178 61.94 -12.45 63.05
C ARG G 178 61.93 -12.28 64.57
N HIS G 179 60.74 -12.14 65.14
CA HIS G 179 60.60 -11.99 66.60
C HIS G 179 60.86 -13.33 67.30
N LYS G 180 60.81 -14.42 66.54
CA LYS G 180 61.26 -15.74 67.01
C LYS G 180 62.79 -15.84 67.13
N LYS G 181 63.51 -14.92 66.48
CA LYS G 181 64.98 -14.84 66.59
C LYS G 181 65.45 -13.84 67.66
N ALA G 182 64.77 -12.71 67.77
CA ALA G 182 65.09 -11.69 68.79
C ALA G 182 64.85 -12.20 70.22
N THR G 183 63.87 -13.09 70.37
CA THR G 183 63.63 -13.83 71.62
C THR G 183 63.10 -15.23 71.27
N LEU G 184 63.54 -16.25 72.02
CA LEU G 184 63.41 -17.64 71.59
C LEU G 184 63.46 -18.70 72.72
N PRO G 185 63.02 -19.95 72.43
CA PRO G 185 63.21 -21.08 73.35
C PRO G 185 64.48 -21.90 73.04
N THR G 186 65.56 -21.20 72.71
CA THR G 186 66.85 -21.81 72.36
C THR G 186 67.82 -21.62 73.51
N THR H 28 1.77 35.70 15.95
CA THR H 28 0.74 35.26 14.96
C THR H 28 1.33 34.26 13.95
N SER H 29 0.45 33.75 13.09
CA SER H 29 0.81 32.72 12.11
C SER H 29 1.32 33.31 10.80
N ALA H 30 2.46 34.00 10.89
CA ALA H 30 3.23 34.43 9.71
C ALA H 30 4.61 33.77 9.83
N ALA H 31 4.64 32.49 9.46
CA ALA H 31 5.60 31.54 9.98
C ALA H 31 6.56 30.93 8.94
N VAL H 32 7.47 30.10 9.45
CA VAL H 32 8.52 29.47 8.66
C VAL H 32 8.17 27.99 8.53
N THR H 33 8.70 27.33 7.50
CA THR H 33 8.49 25.88 7.32
C THR H 33 9.66 25.10 7.96
N GLY H 34 9.33 24.24 8.91
CA GLY H 34 10.33 23.56 9.73
C GLY H 34 10.78 22.22 9.19
N ALA H 35 11.91 21.77 9.72
CA ALA H 35 12.51 20.49 9.36
C ALA H 35 11.98 19.37 10.24
N ALA H 36 12.25 18.13 9.83
CA ALA H 36 11.96 16.97 10.68
C ALA H 36 12.90 17.00 11.88
N PRO H 37 12.43 16.49 13.04
CA PRO H 37 13.34 16.39 14.17
C PRO H 37 14.47 15.40 13.87
N PRO H 38 15.63 15.59 14.53
CA PRO H 38 16.74 14.68 14.30
C PRO H 38 16.38 13.30 14.82
N GLN H 39 16.29 12.35 13.90
CA GLN H 39 15.76 11.02 14.21
C GLN H 39 16.71 9.98 13.64
N PHE H 40 16.97 8.94 14.41
CA PHE H 40 17.86 7.89 13.96
C PHE H 40 17.06 6.84 13.22
N ASP H 41 17.16 6.85 11.89
CA ASP H 41 16.55 5.82 11.05
C ASP H 41 17.47 4.60 11.03
N PRO H 42 17.07 3.51 11.71
CA PRO H 42 17.94 2.35 11.85
C PRO H 42 17.98 1.43 10.60
N ILE H 43 17.19 1.74 9.58
CA ILE H 43 17.25 1.01 8.30
C ILE H 43 18.12 1.76 7.29
N ALA H 44 17.96 3.08 7.21
CA ALA H 44 18.85 3.93 6.42
C ALA H 44 20.30 3.66 6.79
N ALA H 45 20.56 3.56 8.09
CA ALA H 45 21.90 3.24 8.61
C ALA H 45 22.43 1.90 8.09
N GLU H 46 21.53 0.90 8.02
CA GLU H 46 21.88 -0.44 7.54
C GLU H 46 22.18 -0.46 6.03
N LYS H 47 21.63 0.50 5.29
CA LYS H 47 21.88 0.60 3.84
C LYS H 47 23.33 1.02 3.59
N GLY H 48 24.18 0.02 3.36
CA GLY H 48 25.60 0.24 3.12
C GLY H 48 26.49 -0.25 4.25
N PHE H 49 25.91 -0.43 5.44
CA PHE H 49 26.68 -0.83 6.64
C PHE H 49 27.31 -2.22 6.48
N LYS H 50 28.45 -2.25 5.79
CA LYS H 50 29.30 -3.42 5.70
C LYS H 50 30.18 -3.62 6.95
N PRO H 51 30.86 -2.54 7.43
CA PRO H 51 32.00 -2.68 8.35
C PRO H 51 32.07 -3.97 9.18
N LEU H 52 33.09 -4.77 8.88
CA LEU H 52 33.43 -5.95 9.67
C LEU H 52 34.66 -5.58 10.51
N HIS H 53 34.58 -5.78 11.82
CA HIS H 53 35.66 -5.41 12.75
C HIS H 53 35.53 -6.11 14.11
N SER H 54 35.69 -7.43 14.11
CA SER H 54 35.44 -8.24 15.30
C SER H 54 36.45 -7.97 16.41
N HIS H 55 35.96 -7.40 17.52
CA HIS H 55 36.73 -7.15 18.73
C HIS H 55 36.50 -8.26 19.74
N GLY H 56 35.67 -9.23 19.36
CA GLY H 56 35.31 -10.31 20.28
C GLY H 56 36.51 -11.15 20.65
N THR H 57 37.21 -11.64 19.63
CA THR H 57 38.40 -12.46 19.84
C THR H 57 39.47 -11.72 20.66
N LEU H 58 39.56 -10.40 20.50
CA LEU H 58 40.52 -9.61 21.26
C LEU H 58 40.14 -9.57 22.74
N PHE H 59 38.87 -9.33 23.04
CA PHE H 59 38.34 -9.37 24.41
C PHE H 59 38.54 -10.74 25.03
N LYS H 60 38.31 -11.80 24.25
CA LYS H 60 38.57 -13.17 24.70
C LYS H 60 40.01 -13.31 25.21
N ILE H 61 40.99 -13.06 24.33
CA ILE H 61 42.40 -13.28 24.70
C ILE H 61 42.77 -12.39 25.90
N GLU H 62 42.29 -11.15 25.92
CA GLU H 62 42.51 -10.25 27.07
C GLU H 62 42.23 -10.97 28.39
N ARG H 63 41.06 -11.63 28.48
CA ARG H 63 40.61 -12.25 29.74
C ARG H 63 41.30 -13.58 29.98
N TYR H 64 41.56 -14.34 28.92
CA TYR H 64 42.38 -15.54 29.04
C TYR H 64 43.77 -15.22 29.60
N PHE H 65 44.37 -14.14 29.12
CA PHE H 65 45.70 -13.76 29.56
C PHE H 65 45.69 -13.32 31.03
N ALA H 66 44.55 -12.83 31.51
CA ALA H 66 44.39 -12.50 32.91
C ALA H 66 44.27 -13.80 33.72
N ALA H 67 43.50 -14.74 33.19
CA ALA H 67 43.32 -16.03 33.84
C ALA H 67 44.63 -16.79 33.97
N ALA H 68 45.44 -16.78 32.91
CA ALA H 68 46.74 -17.45 32.92
C ALA H 68 47.68 -16.82 33.96
N MET H 69 47.57 -15.51 34.13
CA MET H 69 48.38 -14.81 35.11
C MET H 69 48.01 -15.14 36.57
N VAL H 70 46.91 -15.84 36.78
CA VAL H 70 46.46 -16.17 38.13
C VAL H 70 47.46 -17.10 38.84
N PRO H 71 47.81 -18.25 38.22
CA PRO H 71 48.85 -19.08 38.85
C PRO H 71 50.25 -18.46 38.79
N LEU H 72 50.48 -17.56 37.84
CA LEU H 72 51.79 -16.96 37.64
C LEU H 72 52.19 -15.92 38.71
N ILE H 73 51.24 -15.45 39.51
CA ILE H 73 51.54 -14.54 40.63
C ILE H 73 52.05 -15.29 41.87
N PRO H 74 51.36 -16.37 42.29
CA PRO H 74 51.93 -17.19 43.35
C PRO H 74 53.18 -17.96 42.91
N ALA H 75 53.26 -18.32 41.62
CA ALA H 75 54.46 -18.96 41.08
C ALA H 75 55.69 -18.10 41.31
N ALA H 76 55.59 -16.81 41.00
CA ALA H 76 56.71 -15.87 41.10
C ALA H 76 57.13 -15.59 42.56
N TYR H 77 56.23 -15.84 43.50
CA TYR H 77 56.54 -15.76 44.92
C TYR H 77 57.41 -16.93 45.36
N PHE H 78 57.03 -18.14 44.93
CA PHE H 78 57.75 -19.35 45.33
C PHE H 78 59.01 -19.53 44.51
N ILE H 79 58.90 -19.48 43.19
CA ILE H 79 60.06 -19.68 42.31
C ILE H 79 60.52 -18.32 41.76
N HIS H 80 61.75 -17.95 42.09
CA HIS H 80 62.34 -16.67 41.68
C HIS H 80 63.30 -16.92 40.52
N GLY H 81 64.05 -15.91 40.13
CA GLY H 81 65.09 -16.07 39.11
C GLY H 81 64.88 -15.19 37.90
N ARG H 82 65.86 -15.22 37.01
CA ARG H 82 65.94 -14.28 35.88
C ARG H 82 65.16 -14.78 34.65
N GLU H 83 64.46 -15.90 34.81
CA GLU H 83 63.55 -16.43 33.78
C GLU H 83 62.09 -16.19 34.18
N MET H 84 61.82 -16.12 35.48
CA MET H 84 60.53 -15.63 35.96
C MET H 84 60.49 -14.11 35.76
N ASP H 85 61.53 -13.44 36.21
CA ASP H 85 61.71 -12.00 35.97
C ASP H 85 61.42 -11.62 34.51
N LEU H 86 61.83 -12.49 33.59
CA LEU H 86 61.64 -12.29 32.16
C LEU H 86 60.19 -12.56 31.74
N CYS H 87 59.54 -13.55 32.35
CA CYS H 87 58.12 -13.86 32.04
C CYS H 87 57.18 -12.79 32.59
N LEU H 88 57.35 -12.43 33.86
CA LEU H 88 56.61 -11.33 34.48
C LEU H 88 56.57 -10.10 33.57
N ALA H 89 57.75 -9.62 33.19
CA ALA H 89 57.89 -8.38 32.42
C ALA H 89 57.14 -8.43 31.10
N LEU H 90 57.24 -9.54 30.38
CA LEU H 90 56.48 -9.73 29.14
C LEU H 90 54.98 -9.71 29.41
N ALA H 91 54.54 -10.53 30.36
CA ALA H 91 53.11 -10.64 30.69
C ALA H 91 52.57 -9.36 31.31
N LEU H 92 53.23 -8.85 32.34
CA LEU H 92 52.78 -7.61 32.99
C LEU H 92 52.64 -6.45 32.00
N THR H 93 53.65 -6.23 31.18
CA THR H 93 53.60 -5.20 30.12
C THR H 93 52.36 -5.38 29.26
N LEU H 94 52.17 -6.59 28.73
CA LEU H 94 51.05 -6.87 27.85
C LEU H 94 49.72 -6.63 28.57
N HIS H 95 49.55 -7.22 29.74
CA HIS H 95 48.31 -7.05 30.49
C HIS H 95 48.01 -5.61 30.88
N VAL H 96 49.04 -4.91 31.34
CA VAL H 96 48.94 -3.47 31.66
C VAL H 96 48.74 -2.64 30.40
N HIS H 97 49.27 -3.11 29.27
CA HIS H 97 49.12 -2.39 28.02
C HIS H 97 47.67 -2.31 27.63
N TRP H 98 46.98 -3.44 27.71
CA TRP H 98 45.54 -3.51 27.46
C TRP H 98 44.77 -2.74 28.53
N GLY H 99 45.26 -2.83 29.75
CA GLY H 99 44.69 -2.12 30.87
C GLY H 99 44.57 -0.62 30.65
N VAL H 100 45.71 0.08 30.57
CA VAL H 100 45.69 1.55 30.53
C VAL H 100 45.06 2.06 29.24
N TRP H 101 45.12 1.24 28.19
CA TRP H 101 44.43 1.56 26.94
C TRP H 101 42.96 1.87 27.15
N GLY H 102 42.31 1.07 27.99
CA GLY H 102 40.90 1.29 28.34
C GLY H 102 40.70 2.51 29.22
N VAL H 103 41.45 2.59 30.32
CA VAL H 103 41.41 3.76 31.20
C VAL H 103 41.56 5.05 30.37
N VAL H 104 42.46 5.01 29.39
CA VAL H 104 42.67 6.10 28.44
C VAL H 104 41.44 6.35 27.54
N ASN H 105 40.85 5.28 27.02
CA ASN H 105 39.63 5.43 26.23
C ASN H 105 38.41 5.82 27.08
N ASP H 106 38.50 5.64 28.39
CA ASP H 106 37.45 6.11 29.27
C ASP H 106 37.58 7.60 29.55
N TYR H 107 38.79 8.08 29.80
CA TYR H 107 38.99 9.49 30.16
C TYR H 107 39.60 10.36 29.06
N GLY H 108 39.95 9.77 27.92
CA GLY H 108 40.53 10.52 26.80
C GLY H 108 39.47 10.86 25.77
N ARG H 109 38.40 11.48 26.22
CA ARG H 109 37.22 11.69 25.41
C ARG H 109 37.37 12.92 24.53
N PRO H 110 37.09 12.78 23.21
CA PRO H 110 37.12 13.96 22.35
C PRO H 110 36.23 15.10 22.87
N PHE H 111 35.09 14.74 23.45
CA PHE H 111 34.13 15.72 23.93
C PHE H 111 34.72 16.66 25.00
N VAL H 112 35.54 16.14 25.89
CA VAL H 112 36.12 16.94 26.97
C VAL H 112 37.53 17.46 26.64
N LEU H 113 38.30 16.71 25.85
CA LEU H 113 39.69 17.08 25.53
C LEU H 113 39.89 17.76 24.18
N GLY H 114 39.01 17.54 23.23
CA GLY H 114 39.27 17.89 21.83
C GLY H 114 39.94 16.73 21.13
N ASP H 115 39.92 16.74 19.80
CA ASP H 115 40.33 15.58 19.00
C ASP H 115 41.85 15.34 19.03
N THR H 116 42.64 16.38 18.81
CA THR H 116 44.10 16.23 18.74
C THR H 116 44.66 15.76 20.09
N LEU H 117 44.17 16.36 21.17
CA LEU H 117 44.62 16.01 22.52
C LEU H 117 44.12 14.61 22.94
N ALA H 118 42.98 14.21 22.40
CA ALA H 118 42.43 12.86 22.61
C ALA H 118 43.20 11.81 21.79
N ALA H 119 43.61 12.17 20.57
CA ALA H 119 44.47 11.31 19.74
C ALA H 119 45.88 11.18 20.31
N ALA H 120 46.34 12.25 20.96
CA ALA H 120 47.65 12.29 21.59
C ALA H 120 47.70 11.49 22.88
N VAL H 121 46.62 11.49 23.65
CA VAL H 121 46.53 10.63 24.84
C VAL H 121 46.62 9.15 24.43
N ARG H 122 45.92 8.80 23.36
CA ARG H 122 45.99 7.46 22.76
C ARG H 122 47.41 7.06 22.34
N VAL H 123 48.04 7.84 21.47
CA VAL H 123 49.48 7.67 21.14
C VAL H 123 50.28 7.51 22.44
N GLY H 124 49.97 8.37 23.42
CA GLY H 124 50.58 8.34 24.75
C GLY H 124 50.50 7.02 25.47
N ALA H 125 49.42 6.28 25.23
CA ALA H 125 49.24 4.97 25.84
C ALA H 125 50.28 3.96 25.32
N TYR H 126 50.57 4.00 24.03
CA TYR H 126 51.62 3.13 23.45
C TYR H 126 53.03 3.54 23.89
N ILE H 127 53.23 4.84 24.13
CA ILE H 127 54.49 5.31 24.71
C ILE H 127 54.64 4.65 26.08
N PHE H 128 53.59 4.73 26.89
CA PHE H 128 53.58 4.13 28.22
C PHE H 128 53.90 2.63 28.17
N THR H 129 53.34 1.93 27.18
CA THR H 129 53.63 0.51 27.05
C THR H 129 55.11 0.35 26.69
N ALA H 130 55.56 1.06 25.68
CA ALA H 130 56.97 0.98 25.25
C ALA H 130 57.95 1.28 26.39
N CYS H 131 57.85 2.46 27.01
CA CYS H 131 58.73 2.81 28.14
C CYS H 131 58.69 1.82 29.29
N LEU H 132 57.53 1.21 29.53
CA LEU H 132 57.36 0.24 30.61
C LEU H 132 58.24 -0.99 30.35
N LEU H 133 58.12 -1.55 29.14
CA LEU H 133 58.92 -2.71 28.73
C LEU H 133 60.41 -2.40 28.79
N ALA H 134 60.80 -1.30 28.17
CA ALA H 134 62.17 -0.82 28.23
C ALA H 134 62.64 -0.84 29.67
N GLY H 135 61.94 -0.10 30.53
CA GLY H 135 62.28 0.02 31.96
C GLY H 135 62.39 -1.30 32.68
N LEU H 136 61.46 -2.21 32.42
CA LEU H 136 61.43 -3.53 33.08
C LEU H 136 62.51 -4.48 32.55
N LEU H 137 62.73 -4.46 31.23
CA LEU H 137 63.75 -5.29 30.60
C LEU H 137 65.14 -4.93 31.11
N TYR H 138 65.44 -3.63 31.13
CA TYR H 138 66.68 -3.11 31.69
C TYR H 138 66.86 -3.49 33.16
N PHE H 139 65.80 -3.36 33.96
CA PHE H 139 65.86 -3.66 35.40
C PHE H 139 66.18 -5.11 35.71
N ASN H 140 65.79 -6.03 34.83
CA ASN H 140 66.22 -7.44 34.96
C ASN H 140 67.69 -7.57 34.63
N GLU H 141 68.05 -7.07 33.45
CA GLU H 141 69.33 -7.37 32.81
C GLU H 141 70.49 -6.47 33.25
N HIS H 142 70.20 -5.41 34.03
CA HIS H 142 71.24 -4.50 34.55
C HIS H 142 71.00 -4.04 36.00
N ASP H 143 70.27 -4.86 36.76
CA ASP H 143 70.00 -4.60 38.17
C ASP H 143 69.46 -5.89 38.81
N VAL H 144 69.04 -5.81 40.07
CA VAL H 144 68.75 -7.01 40.88
C VAL H 144 67.71 -7.98 40.32
N GLY H 145 66.71 -7.46 39.62
CA GLY H 145 65.57 -8.26 39.13
C GLY H 145 64.34 -8.07 39.99
N LEU H 146 63.16 -8.26 39.42
CA LEU H 146 61.89 -8.06 40.16
C LEU H 146 61.76 -9.00 41.36
N THR H 147 61.93 -10.30 41.09
CA THR H 147 61.82 -11.33 42.12
C THR H 147 62.79 -11.04 43.26
N ARG H 148 64.03 -10.71 42.91
CA ARG H 148 65.06 -10.35 43.89
C ARG H 148 64.76 -8.99 44.52
N ALA H 149 64.23 -8.05 43.73
CA ALA H 149 63.89 -6.71 44.24
C ALA H 149 62.75 -6.75 45.26
N PHE H 150 61.92 -7.79 45.19
CA PHE H 150 60.89 -8.00 46.19
C PHE H 150 61.50 -8.55 47.48
N GLU H 151 62.34 -9.58 47.37
CA GLU H 151 63.04 -10.13 48.55
C GLU H 151 63.69 -9.02 49.34
N MET H 152 64.44 -8.18 48.65
CA MET H 152 65.23 -7.13 49.30
C MET H 152 64.38 -6.09 50.01
N VAL H 153 63.12 -5.91 49.58
CA VAL H 153 62.18 -5.05 50.30
C VAL H 153 61.42 -5.86 51.37
N TRP H 154 61.32 -7.16 51.16
CA TRP H 154 60.83 -8.09 52.20
C TRP H 154 61.82 -8.17 53.37
N GLU H 155 63.11 -8.29 53.05
CA GLU H 155 64.18 -8.34 54.07
C GLU H 155 64.15 -7.19 55.06
N LEU H 156 63.71 -6.01 54.61
CA LEU H 156 63.65 -4.81 55.46
C LEU H 156 62.78 -5.03 56.71
#